data_9NWJ
#
_entry.id   9NWJ
#
_cell.length_a   1.00
_cell.length_b   1.00
_cell.length_c   1.00
_cell.angle_alpha   90.00
_cell.angle_beta   90.00
_cell.angle_gamma   90.00
#
_symmetry.space_group_name_H-M   'P 1'
#
loop_
_entity.id
_entity.type
_entity.pdbx_description
1 polymer 'Putative transcriptional regulator, Crp/Fnr family'
2 non-polymer '[(2~{R})-1-[2-azanylethoxy(oxidanyl)phosphoryl]oxy-3-hexadecanoyloxy-propan-2-yl] (~{Z})-octadec-9-enoate'
#
_entity_poly.entity_id   1
_entity_poly.type   'polypeptide(L)'
_entity_poly.pdbx_seq_one_letter_code
;MAKDIGINSDPNSSSVDKLMKSSGVSNPTYTLVWKVWILAVTLYYAIRIPLTLVFPSLFSPLLPLDILASLALIADIPLD
LAFESRRTSGRKPTLLAPSRLPDLLAALPLDLLVFALHLPSPLSLLSLVRLLKLISVQRSATRILSYRINPALLRLLSLV
GFILLAAHGIACGWMSLQPPSENPAGTRYLSAFYWTITTLTTIGYGDITPSTPTQTVYTIVIELLGAAMYGLVIGNIASL
VSKLDAAKLLHRERVERVTAFLSYKRISPELQRRIIEYFDYLWETRRGYEEREVLKELPHPLRLAVAMEIHGDVIEKVPL
FKGAGEEFIRDIILHLEPVIYGPGEYIIRAGEMGSDVYFINRGSVEVLSADEKTRYAILSEGQFFGEMALILRAPRTATV
RARAFCDLYRLDKETFDRILSRYPEIAAQIQELAVRRKELESSGLVPRGSVKHHHH
;
_entity_poly.pdbx_strand_id   A,B,C,D
#
loop_
_chem_comp.id
_chem_comp.type
_chem_comp.name
_chem_comp.formula
6OU non-polymer '[(2~{R})-1-[2-azanylethoxy(oxidanyl)phosphoryl]oxy-3-hexadecanoyloxy-propan-2-yl] (~{Z})-octadec-9-enoate' 'C39 H76 N O8 P'
#
# COMPACT_ATOMS: atom_id res chain seq x y z
N THR A 29 31.86 -17.63 10.14
CA THR A 29 31.93 -18.00 8.73
C THR A 29 31.46 -19.44 8.43
N TYR A 30 32.20 -20.49 8.84
CA TYR A 30 31.91 -21.84 8.37
C TYR A 30 30.55 -22.38 8.82
N THR A 31 29.87 -21.73 9.78
CA THR A 31 28.53 -22.17 10.18
C THR A 31 27.55 -22.16 9.01
N LEU A 32 27.83 -21.35 7.98
CA LEU A 32 27.02 -21.39 6.75
C LEU A 32 27.07 -22.76 6.10
N VAL A 33 28.28 -23.33 5.94
CA VAL A 33 28.43 -24.66 5.37
C VAL A 33 27.74 -25.71 6.23
N TRP A 34 27.80 -25.55 7.55
CA TRP A 34 27.09 -26.48 8.42
C TRP A 34 25.58 -26.41 8.25
N LYS A 35 25.01 -25.21 8.23
CA LYS A 35 23.57 -25.13 8.06
C LYS A 35 23.13 -25.53 6.65
N VAL A 36 24.01 -25.41 5.65
CA VAL A 36 23.74 -26.01 4.34
C VAL A 36 23.81 -27.53 4.40
N TRP A 37 24.72 -28.10 5.19
CA TRP A 37 24.70 -29.55 5.42
C TRP A 37 23.44 -30.00 6.13
N ILE A 38 22.99 -29.26 7.15
CA ILE A 38 21.76 -29.61 7.84
C ILE A 38 20.54 -29.40 6.96
N LEU A 39 20.59 -28.42 6.04
CA LEU A 39 19.58 -28.35 4.99
C LEU A 39 19.58 -29.62 4.14
N ALA A 40 20.76 -30.06 3.69
CA ALA A 40 20.83 -31.27 2.87
C ALA A 40 20.34 -32.50 3.64
N VAL A 41 20.59 -32.53 4.95
CA VAL A 41 20.15 -33.63 5.80
C VAL A 41 18.62 -33.62 6.00
N THR A 42 18.04 -32.45 6.27
CA THR A 42 16.58 -32.44 6.43
C THR A 42 15.89 -32.63 5.08
N LEU A 43 16.51 -32.17 3.99
CA LEU A 43 15.95 -32.43 2.66
C LEU A 43 16.01 -33.92 2.33
N TYR A 44 17.10 -34.58 2.70
CA TYR A 44 17.20 -36.03 2.60
C TYR A 44 16.07 -36.72 3.38
N TYR A 45 15.85 -36.32 4.64
CA TYR A 45 14.76 -36.94 5.40
C TYR A 45 13.38 -36.63 4.82
N ALA A 46 13.16 -35.40 4.37
CA ALA A 46 11.86 -35.04 3.79
C ALA A 46 11.58 -35.85 2.53
N ILE A 47 12.61 -36.49 1.94
CA ILE A 47 12.45 -37.24 0.67
C ILE A 47 12.61 -38.75 0.87
N ARG A 48 13.15 -39.21 1.99
CA ARG A 48 13.25 -40.66 2.25
C ARG A 48 12.21 -41.09 3.28
N ILE A 49 12.01 -40.35 4.36
CA ILE A 49 11.04 -40.86 5.37
C ILE A 49 9.72 -41.21 4.68
N PRO A 50 8.95 -40.31 4.02
CA PRO A 50 7.68 -40.73 3.39
C PRO A 50 7.86 -41.80 2.33
N LEU A 51 9.00 -41.83 1.62
CA LEU A 51 9.19 -42.83 0.59
C LEU A 51 9.43 -44.23 1.19
N THR A 52 10.18 -44.32 2.29
CA THR A 52 10.38 -45.61 2.94
C THR A 52 9.17 -46.08 3.73
N LEU A 53 8.25 -45.18 4.11
CA LEU A 53 6.97 -45.64 4.62
C LEU A 53 6.17 -46.41 3.57
N VAL A 54 6.40 -46.13 2.28
CA VAL A 54 5.73 -46.86 1.20
C VAL A 54 6.55 -48.07 0.75
N PHE A 55 7.87 -47.92 0.68
CA PHE A 55 8.79 -48.96 0.21
C PHE A 55 9.80 -49.26 1.31
N PRO A 56 9.45 -50.13 2.28
CA PRO A 56 10.42 -50.55 3.30
C PRO A 56 11.68 -51.17 2.71
N SER A 57 11.57 -51.60 1.47
CA SER A 57 12.69 -52.27 0.79
C SER A 57 13.65 -51.22 0.28
N LEU A 58 13.87 -50.18 1.07
CA LEU A 58 14.78 -49.10 0.64
C LEU A 58 15.39 -48.62 1.94
N PHE A 59 14.73 -49.03 3.01
CA PHE A 59 15.22 -48.60 4.32
C PHE A 59 16.70 -48.92 4.52
N SER A 60 17.06 -50.19 4.44
CA SER A 60 18.42 -50.60 4.80
C SER A 60 19.51 -50.24 3.78
N PRO A 61 19.25 -50.26 2.47
CA PRO A 61 20.31 -49.82 1.53
C PRO A 61 20.77 -48.38 1.76
N LEU A 62 19.96 -47.55 2.41
CA LEU A 62 20.31 -46.17 2.74
C LEU A 62 20.57 -45.98 4.22
N LEU A 63 20.63 -47.06 5.00
CA LEU A 63 20.94 -46.94 6.43
C LEU A 63 22.28 -46.28 6.73
N PRO A 64 23.35 -46.45 5.95
CA PRO A 64 24.56 -45.63 6.21
C PRO A 64 24.28 -44.14 6.18
N LEU A 65 23.56 -43.66 5.16
CA LEU A 65 23.19 -42.25 5.07
C LEU A 65 22.25 -41.87 6.20
N ASP A 66 21.38 -42.79 6.60
CA ASP A 66 20.44 -42.55 7.71
C ASP A 66 21.18 -42.34 9.02
N ILE A 67 22.13 -43.23 9.34
CA ILE A 67 22.94 -43.08 10.55
C ILE A 67 23.70 -41.76 10.50
N LEU A 68 24.34 -41.46 9.37
CA LEU A 68 25.06 -40.19 9.24
C LEU A 68 24.14 -38.99 9.43
N ALA A 69 22.95 -39.04 8.83
CA ALA A 69 21.99 -37.93 8.93
C ALA A 69 21.46 -37.77 10.35
N SER A 70 21.15 -38.88 11.02
CA SER A 70 20.66 -38.81 12.39
C SER A 70 21.73 -38.29 13.34
N LEU A 71 22.96 -38.76 13.16
CA LEU A 71 24.09 -38.21 13.92
C LEU A 71 24.27 -36.73 13.62
N ALA A 72 24.00 -36.30 12.38
CA ALA A 72 24.11 -34.89 12.04
C ALA A 72 23.05 -34.05 12.74
N LEU A 73 21.81 -34.54 12.80
CA LEU A 73 20.77 -33.82 13.54
C LEU A 73 21.10 -33.75 15.04
N ILE A 74 21.62 -34.86 15.58
CA ILE A 74 22.07 -34.87 16.97
C ILE A 74 23.23 -33.89 17.17
N ALA A 75 24.11 -33.77 16.17
CA ALA A 75 25.23 -32.85 16.27
C ALA A 75 24.76 -31.40 16.19
N ASP A 76 23.64 -31.15 15.51
CA ASP A 76 23.14 -29.77 15.39
C ASP A 76 22.42 -29.26 16.63
N ILE A 77 21.68 -30.09 17.39
CA ILE A 77 20.90 -29.55 18.51
C ILE A 77 21.75 -28.83 19.56
N PRO A 78 23.01 -29.28 19.91
CA PRO A 78 23.87 -28.40 20.73
C PRO A 78 24.53 -27.27 19.96
N LEU A 79 24.96 -27.56 18.72
CA LEU A 79 25.71 -26.57 17.93
C LEU A 79 24.85 -25.38 17.51
N ASP A 80 23.52 -25.53 17.52
CA ASP A 80 22.62 -24.41 17.27
C ASP A 80 22.73 -23.32 18.34
N LEU A 81 23.32 -23.64 19.49
CA LEU A 81 23.57 -22.65 20.54
C LEU A 81 24.77 -21.77 20.24
N ALA A 82 25.60 -22.13 19.25
CA ALA A 82 26.75 -21.33 18.86
C ALA A 82 26.33 -20.32 17.79
N PHE A 83 26.53 -19.04 18.09
CA PHE A 83 26.07 -17.92 17.24
C PHE A 83 24.60 -18.09 16.85
N GLU A 84 23.75 -18.04 17.88
CA GLU A 84 22.31 -18.32 17.79
C GLU A 84 21.60 -17.54 16.68
N SER A 99 10.54 -22.50 21.64
CA SER A 99 10.63 -22.41 20.19
C SER A 99 11.81 -23.21 19.62
N ARG A 100 12.55 -23.92 20.48
CA ARG A 100 13.52 -24.89 20.01
C ARG A 100 12.98 -26.31 19.99
N LEU A 101 11.70 -26.49 20.34
CA LEU A 101 11.08 -27.81 20.30
C LEU A 101 11.18 -28.50 18.95
N PRO A 102 11.00 -27.84 17.78
CA PRO A 102 11.18 -28.57 16.52
C PRO A 102 12.56 -29.19 16.37
N ASP A 103 13.62 -28.51 16.81
CA ASP A 103 14.97 -29.09 16.78
C ASP A 103 15.08 -30.27 17.74
N LEU A 104 14.51 -30.13 18.94
CA LEU A 104 14.57 -31.18 19.95
C LEU A 104 13.84 -32.44 19.48
N LEU A 105 12.65 -32.27 18.89
CA LEU A 105 11.90 -33.40 18.38
C LEU A 105 12.60 -34.06 17.18
N ALA A 106 13.13 -33.25 16.26
CA ALA A 106 13.79 -33.83 15.09
C ALA A 106 15.09 -34.54 15.44
N ALA A 107 15.72 -34.20 16.56
CA ALA A 107 16.92 -34.93 16.97
C ALA A 107 16.58 -36.36 17.42
N LEU A 108 15.36 -36.61 17.86
CA LEU A 108 14.96 -37.93 18.37
C LEU A 108 14.76 -38.92 17.23
N PRO A 109 15.49 -40.07 17.21
CA PRO A 109 15.48 -40.99 16.07
C PRO A 109 14.32 -41.99 16.04
N LEU A 110 13.09 -41.46 16.06
CA LEU A 110 11.91 -42.32 15.98
C LEU A 110 11.80 -43.03 14.63
N ASP A 111 12.48 -42.53 13.61
CA ASP A 111 12.51 -43.20 12.32
C ASP A 111 13.27 -44.52 12.39
N LEU A 112 14.50 -44.50 12.92
CA LEU A 112 15.25 -45.73 13.12
C LEU A 112 14.50 -46.69 14.01
N LEU A 113 13.74 -46.17 14.98
CA LEU A 113 12.93 -47.02 15.83
C LEU A 113 11.83 -47.72 15.03
N VAL A 114 10.95 -46.96 14.37
CA VAL A 114 9.79 -47.57 13.73
C VAL A 114 10.17 -48.44 12.54
N PHE A 115 11.20 -48.05 11.77
CA PHE A 115 11.59 -48.86 10.61
C PHE A 115 12.33 -50.13 11.01
N ALA A 116 13.35 -50.04 11.87
CA ALA A 116 14.15 -51.22 12.19
C ALA A 116 13.35 -52.27 12.95
N LEU A 117 12.28 -51.86 13.63
CA LEU A 117 11.39 -52.76 14.33
C LEU A 117 10.10 -53.05 13.54
N HIS A 118 9.97 -52.52 12.32
CA HIS A 118 8.84 -52.78 11.40
C HIS A 118 7.45 -52.58 12.04
N LEU A 119 7.23 -51.41 12.64
CA LEU A 119 5.97 -51.13 13.32
C LEU A 119 4.81 -50.91 12.34
N PRO A 120 3.57 -51.18 12.78
CA PRO A 120 2.40 -50.97 11.92
C PRO A 120 2.23 -49.52 11.51
N SER A 121 1.68 -49.31 10.32
CA SER A 121 1.64 -47.99 9.68
C SER A 121 1.08 -46.87 10.54
N PRO A 122 -0.07 -47.04 11.23
CA PRO A 122 -0.63 -45.94 12.02
C PRO A 122 0.31 -45.39 13.07
N LEU A 123 1.21 -46.22 13.59
CA LEU A 123 2.25 -45.77 14.51
C LEU A 123 3.55 -45.42 13.81
N SER A 124 3.82 -46.06 12.67
CA SER A 124 5.05 -45.82 11.93
C SER A 124 5.13 -44.39 11.41
N LEU A 125 4.00 -43.71 11.25
CA LEU A 125 4.04 -42.29 10.89
C LEU A 125 4.87 -41.42 11.85
N LEU A 126 5.17 -41.88 13.06
CA LEU A 126 6.03 -41.11 13.96
C LEU A 126 7.45 -40.93 13.42
N SER A 127 7.84 -41.68 12.39
CA SER A 127 9.10 -41.40 11.72
C SER A 127 9.15 -39.99 11.16
N LEU A 128 7.99 -39.39 10.87
CA LEU A 128 7.92 -38.07 10.29
C LEU A 128 8.45 -36.96 11.22
N VAL A 129 8.78 -37.25 12.47
CA VAL A 129 9.29 -36.17 13.33
C VAL A 129 10.60 -35.58 12.82
N ARG A 130 11.33 -36.29 11.95
CA ARG A 130 12.51 -35.67 11.36
C ARG A 130 12.14 -34.39 10.63
N LEU A 131 11.03 -34.41 9.92
CA LEU A 131 10.62 -33.29 9.08
C LEU A 131 10.31 -32.04 9.89
N LEU A 132 10.15 -32.15 11.22
CA LEU A 132 10.06 -30.95 12.04
C LEU A 132 11.31 -30.09 11.91
N LYS A 133 12.44 -30.68 11.52
CA LYS A 133 13.65 -29.89 11.25
C LYS A 133 13.45 -28.88 10.13
N LEU A 134 12.51 -29.10 9.23
CA LEU A 134 12.21 -28.11 8.19
C LEU A 134 11.81 -26.77 8.79
N ILE A 135 11.14 -26.77 9.95
CA ILE A 135 10.79 -25.52 10.63
C ILE A 135 12.06 -24.77 11.04
N SER A 136 12.99 -25.50 11.65
CA SER A 136 14.25 -24.90 12.06
C SER A 136 15.06 -24.42 10.85
N VAL A 137 15.02 -25.18 9.76
CA VAL A 137 15.82 -24.83 8.59
C VAL A 137 15.20 -23.65 7.83
N GLN A 138 13.87 -23.54 7.82
CA GLN A 138 13.26 -22.33 7.27
C GLN A 138 13.61 -21.10 8.10
N ARG A 139 13.55 -21.21 9.43
CA ARG A 139 14.02 -20.11 10.27
C ARG A 139 15.53 -19.88 10.14
N SER A 140 16.30 -20.89 9.76
CA SER A 140 17.70 -20.64 9.47
C SER A 140 17.86 -19.89 8.14
N ALA A 141 17.06 -20.24 7.14
CA ALA A 141 17.11 -19.56 5.85
C ALA A 141 16.74 -18.09 5.98
N THR A 142 15.68 -17.78 6.74
CA THR A 142 15.31 -16.38 6.95
C THR A 142 16.31 -15.65 7.87
N ARG A 143 17.40 -16.31 8.27
CA ARG A 143 18.52 -15.64 8.93
C ARG A 143 19.77 -15.56 8.06
N ILE A 144 20.13 -16.65 7.37
CA ILE A 144 21.40 -16.73 6.66
C ILE A 144 21.35 -16.22 5.23
N LEU A 145 20.18 -15.84 4.71
CA LEU A 145 20.13 -15.15 3.42
C LEU A 145 19.08 -14.05 3.32
N SER A 146 18.46 -13.64 4.43
CA SER A 146 17.46 -12.57 4.41
C SER A 146 18.08 -11.17 4.29
N TYR A 147 19.37 -11.02 4.56
CA TYR A 147 20.04 -9.75 4.31
C TYR A 147 20.34 -9.55 2.83
N ARG A 148 20.43 -10.65 2.07
CA ARG A 148 20.81 -10.65 0.67
C ARG A 148 19.61 -10.71 -0.28
N ILE A 149 18.59 -11.50 0.05
CA ILE A 149 17.45 -11.78 -0.82
C ILE A 149 16.19 -11.10 -0.28
N ASN A 150 15.42 -10.53 -1.18
CA ASN A 150 14.15 -9.86 -0.89
C ASN A 150 13.23 -10.78 -0.08
N PRO A 151 12.73 -10.35 1.09
CA PRO A 151 11.93 -11.24 1.93
C PRO A 151 10.65 -11.76 1.27
N ALA A 152 10.03 -11.01 0.36
CA ALA A 152 8.87 -11.52 -0.38
C ALA A 152 9.27 -12.68 -1.29
N LEU A 153 10.42 -12.56 -1.95
CA LEU A 153 10.89 -13.64 -2.81
C LEU A 153 11.44 -14.81 -2.00
N LEU A 154 12.09 -14.53 -0.88
CA LEU A 154 12.56 -15.60 -0.01
C LEU A 154 11.41 -16.42 0.55
N ARG A 155 10.30 -15.75 0.91
CA ARG A 155 9.11 -16.48 1.32
C ARG A 155 8.59 -17.32 0.16
N LEU A 156 8.60 -16.78 -1.06
CA LEU A 156 8.14 -17.56 -2.21
C LEU A 156 9.00 -18.80 -2.47
N LEU A 157 10.32 -18.65 -2.46
CA LEU A 157 11.18 -19.82 -2.67
C LEU A 157 11.05 -20.83 -1.54
N SER A 158 10.89 -20.35 -0.30
CA SER A 158 10.65 -21.25 0.83
C SER A 158 9.34 -22.00 0.68
N LEU A 159 8.29 -21.31 0.21
CA LEU A 159 7.00 -21.94 -0.01
C LEU A 159 7.03 -22.93 -1.15
N VAL A 160 7.65 -22.56 -2.27
CA VAL A 160 7.76 -23.47 -3.41
C VAL A 160 8.55 -24.72 -3.02
N GLY A 161 9.62 -24.54 -2.24
CA GLY A 161 10.31 -25.70 -1.70
C GLY A 161 9.41 -26.57 -0.84
N PHE A 162 8.66 -25.94 0.07
CA PHE A 162 7.73 -26.71 0.89
C PHE A 162 6.66 -27.40 0.06
N ILE A 163 6.20 -26.77 -1.02
CA ILE A 163 5.15 -27.38 -1.84
C ILE A 163 5.70 -28.58 -2.60
N LEU A 164 6.96 -28.51 -3.06
CA LEU A 164 7.54 -29.69 -3.70
C LEU A 164 7.79 -30.81 -2.69
N LEU A 165 8.23 -30.49 -1.47
CA LEU A 165 8.39 -31.52 -0.45
C LEU A 165 7.05 -32.09 0.00
N ALA A 166 6.04 -31.22 0.12
CA ALA A 166 4.70 -31.67 0.46
C ALA A 166 4.14 -32.56 -0.64
N ALA A 167 4.32 -32.17 -1.90
CA ALA A 167 3.88 -32.97 -3.02
C ALA A 167 4.51 -34.36 -2.97
N HIS A 168 5.82 -34.43 -2.71
CA HIS A 168 6.45 -35.73 -2.51
C HIS A 168 5.79 -36.54 -1.40
N GLY A 169 5.59 -35.93 -0.23
CA GLY A 169 4.95 -36.66 0.86
C GLY A 169 3.52 -37.09 0.52
N ILE A 170 2.80 -36.23 -0.19
CA ILE A 170 1.40 -36.46 -0.54
C ILE A 170 1.30 -37.55 -1.58
N ALA A 171 2.27 -37.61 -2.50
CA ALA A 171 2.36 -38.73 -3.42
C ALA A 171 2.56 -40.03 -2.67
N CYS A 172 3.41 -40.02 -1.65
CA CYS A 172 3.61 -41.23 -0.87
C CYS A 172 2.34 -41.62 -0.10
N GLY A 173 1.60 -40.63 0.41
CA GLY A 173 0.31 -40.93 1.02
C GLY A 173 -0.67 -41.56 0.04
N TRP A 174 -0.66 -41.08 -1.21
CA TRP A 174 -1.50 -41.67 -2.25
C TRP A 174 -1.12 -43.13 -2.50
N MET A 175 0.18 -43.36 -2.69
CA MET A 175 0.67 -44.73 -2.90
C MET A 175 0.32 -45.63 -1.72
N SER A 176 0.34 -45.10 -0.51
CA SER A 176 0.02 -45.89 0.67
C SER A 176 -1.44 -46.37 0.66
N LEU A 177 -2.33 -45.52 0.15
CA LEU A 177 -3.76 -45.81 0.07
C LEU A 177 -4.14 -46.58 -1.20
N GLN A 178 -3.21 -46.75 -2.13
CA GLN A 178 -3.48 -47.41 -3.39
C GLN A 178 -3.56 -48.94 -3.20
N PRO A 179 -4.41 -49.64 -3.94
CA PRO A 179 -4.46 -51.11 -3.84
C PRO A 179 -3.12 -51.73 -4.21
N PRO A 180 -2.68 -52.75 -3.47
CA PRO A 180 -1.40 -53.39 -3.81
C PRO A 180 -1.41 -53.97 -5.22
N SER A 181 -0.34 -53.71 -5.98
CA SER A 181 -0.29 -54.14 -7.37
C SER A 181 1.15 -54.27 -7.84
N GLU A 182 1.35 -55.11 -8.87
CA GLU A 182 2.67 -55.38 -9.47
C GLU A 182 2.96 -54.36 -10.56
N ASN A 183 3.45 -53.19 -10.14
CA ASN A 183 3.99 -52.16 -10.99
C ASN A 183 5.34 -51.72 -10.46
N PRO A 184 6.25 -51.28 -11.34
CA PRO A 184 7.54 -50.76 -10.87
C PRO A 184 7.36 -49.58 -9.93
N ALA A 185 8.25 -49.50 -8.95
CA ALA A 185 8.13 -48.50 -7.90
C ALA A 185 8.16 -47.08 -8.48
N GLY A 186 9.02 -46.84 -9.46
CA GLY A 186 9.07 -45.52 -10.09
C GLY A 186 7.83 -45.16 -10.87
N THR A 187 7.17 -46.14 -11.49
CA THR A 187 5.97 -45.85 -12.26
C THR A 187 4.78 -45.55 -11.35
N ARG A 188 4.65 -46.28 -10.24
CA ARG A 188 3.58 -45.96 -9.30
C ARG A 188 3.86 -44.63 -8.62
N TYR A 189 5.12 -44.36 -8.27
CA TYR A 189 5.46 -43.04 -7.76
C TYR A 189 5.16 -41.93 -8.76
N LEU A 190 5.50 -42.14 -10.03
CA LEU A 190 5.25 -41.13 -11.05
C LEU A 190 3.76 -40.87 -11.20
N SER A 191 2.94 -41.91 -11.16
CA SER A 191 1.49 -41.72 -11.20
C SER A 191 0.99 -40.96 -9.97
N ALA A 192 1.57 -41.25 -8.80
CA ALA A 192 1.17 -40.56 -7.58
C ALA A 192 1.61 -39.10 -7.59
N PHE A 193 2.82 -38.83 -8.08
CA PHE A 193 3.31 -37.46 -8.15
C PHE A 193 2.55 -36.66 -9.19
N TYR A 194 2.22 -37.31 -10.31
CA TYR A 194 1.32 -36.73 -11.29
C TYR A 194 -0.01 -36.37 -10.65
N TRP A 195 -0.63 -37.31 -9.91
CA TRP A 195 -1.90 -37.01 -9.27
C TRP A 195 -1.77 -35.83 -8.31
N THR A 196 -0.74 -35.82 -7.46
CA THR A 196 -0.67 -34.74 -6.48
C THR A 196 -0.42 -33.40 -7.16
N ILE A 197 0.47 -33.32 -8.14
CA ILE A 197 0.67 -32.03 -8.81
C ILE A 197 -0.59 -31.63 -9.58
N THR A 198 -1.30 -32.60 -10.18
CA THR A 198 -2.60 -32.33 -10.78
C THR A 198 -3.57 -31.70 -9.78
N THR A 199 -3.51 -32.14 -8.51
CA THR A 199 -4.41 -31.65 -7.48
C THR A 199 -3.96 -30.29 -6.93
N LEU A 200 -2.70 -30.19 -6.52
CA LEU A 200 -2.18 -29.01 -5.84
C LEU A 200 -2.21 -27.79 -6.75
N THR A 201 -1.84 -27.94 -8.03
CA THR A 201 -1.92 -26.83 -8.99
C THR A 201 -3.35 -26.49 -9.37
N THR A 202 -4.33 -27.26 -8.87
CA THR A 202 -5.77 -27.20 -9.15
C THR A 202 -6.11 -27.47 -10.62
N ILE A 203 -5.27 -28.20 -11.34
CA ILE A 203 -5.55 -28.50 -12.74
C ILE A 203 -6.56 -29.66 -12.88
N GLY A 204 -6.42 -30.72 -12.09
CA GLY A 204 -7.51 -31.67 -11.91
C GLY A 204 -8.05 -32.42 -13.13
N TYR A 205 -7.14 -33.04 -13.89
CA TYR A 205 -7.54 -33.76 -15.10
C TYR A 205 -8.61 -34.82 -14.82
N GLY A 206 -8.44 -35.60 -13.76
CA GLY A 206 -9.43 -36.60 -13.39
C GLY A 206 -9.18 -37.99 -13.94
N ASP A 207 -8.07 -38.19 -14.66
CA ASP A 207 -7.69 -39.53 -15.11
C ASP A 207 -7.17 -40.39 -13.96
N ILE A 208 -6.61 -39.77 -12.92
CA ILE A 208 -6.36 -40.45 -11.64
C ILE A 208 -7.29 -39.82 -10.60
N THR A 209 -8.12 -40.64 -9.96
CA THR A 209 -9.11 -40.21 -8.99
C THR A 209 -9.35 -41.32 -7.98
N PRO A 210 -9.95 -41.01 -6.82
CA PRO A 210 -10.28 -42.03 -5.83
C PRO A 210 -11.19 -43.14 -6.34
N SER A 211 -10.84 -44.38 -5.98
CA SER A 211 -11.73 -45.53 -6.18
C SER A 211 -12.33 -46.06 -4.89
N THR A 212 -11.94 -45.52 -3.73
CA THR A 212 -12.32 -46.06 -2.43
C THR A 212 -12.57 -44.92 -1.45
N PRO A 213 -13.31 -45.18 -0.35
CA PRO A 213 -13.59 -44.11 0.61
C PRO A 213 -12.37 -43.44 1.22
N THR A 214 -11.35 -44.19 1.64
CA THR A 214 -10.21 -43.55 2.29
C THR A 214 -9.40 -42.72 1.30
N GLN A 215 -9.29 -43.18 0.06
CA GLN A 215 -8.72 -42.35 -1.00
C GLN A 215 -9.54 -41.08 -1.22
N THR A 216 -10.86 -41.17 -1.07
CA THR A 216 -11.71 -40.01 -1.26
C THR A 216 -11.54 -38.99 -0.15
N VAL A 217 -11.53 -39.44 1.12
CA VAL A 217 -11.25 -38.57 2.25
C VAL A 217 -9.87 -37.93 2.09
N TYR A 218 -8.89 -38.74 1.72
CA TYR A 218 -7.54 -38.24 1.52
C TYR A 218 -7.51 -37.19 0.42
N THR A 219 -8.25 -37.41 -0.66
CA THR A 219 -8.31 -36.44 -1.74
C THR A 219 -8.97 -35.15 -1.27
N ILE A 220 -10.05 -35.25 -0.49
CA ILE A 220 -10.70 -34.06 0.05
C ILE A 220 -9.70 -33.22 0.83
N VAL A 221 -8.90 -33.88 1.67
CA VAL A 221 -7.88 -33.19 2.45
C VAL A 221 -6.82 -32.56 1.54
N ILE A 222 -6.30 -33.34 0.59
CA ILE A 222 -5.23 -32.85 -0.30
C ILE A 222 -5.74 -31.78 -1.26
N GLU A 223 -7.02 -31.80 -1.58
CA GLU A 223 -7.63 -30.75 -2.38
C GLU A 223 -7.71 -29.45 -1.60
N LEU A 224 -8.18 -29.51 -0.36
CA LEU A 224 -8.19 -28.32 0.48
C LEU A 224 -6.79 -27.80 0.72
N LEU A 225 -5.85 -28.71 0.96
CA LEU A 225 -4.44 -28.34 1.13
C LEU A 225 -3.87 -27.76 -0.15
N GLY A 226 -4.24 -28.30 -1.31
CA GLY A 226 -3.75 -27.76 -2.56
C GLY A 226 -4.32 -26.39 -2.88
N ALA A 227 -5.59 -26.19 -2.56
CA ALA A 227 -6.19 -24.87 -2.70
C ALA A 227 -5.49 -23.87 -1.79
N ALA A 228 -5.19 -24.27 -0.56
CA ALA A 228 -4.47 -23.39 0.36
C ALA A 228 -3.06 -23.10 -0.14
N MET A 229 -2.35 -24.14 -0.59
CA MET A 229 -0.98 -23.97 -1.07
C MET A 229 -0.92 -23.10 -2.31
N TYR A 230 -1.82 -23.34 -3.28
CA TYR A 230 -1.84 -22.50 -4.47
C TYR A 230 -2.35 -21.10 -4.16
N GLY A 231 -3.20 -20.95 -3.15
CA GLY A 231 -3.54 -19.62 -2.69
C GLY A 231 -2.36 -18.89 -2.08
N LEU A 232 -1.54 -19.60 -1.31
CA LEU A 232 -0.31 -19.01 -0.78
C LEU A 232 0.65 -18.65 -1.92
N VAL A 233 0.76 -19.50 -2.95
CA VAL A 233 1.61 -19.16 -4.09
C VAL A 233 1.11 -17.90 -4.78
N ILE A 234 -0.19 -17.83 -5.08
CA ILE A 234 -0.73 -16.65 -5.75
C ILE A 234 -0.59 -15.43 -4.86
N GLY A 235 -0.83 -15.57 -3.56
CA GLY A 235 -0.71 -14.44 -2.66
C GLY A 235 0.71 -13.94 -2.51
N ASN A 236 1.67 -14.87 -2.42
CA ASN A 236 3.08 -14.50 -2.45
C ASN A 236 3.42 -13.76 -3.74
N ILE A 237 3.01 -14.29 -4.89
CA ILE A 237 3.37 -13.64 -6.15
C ILE A 237 2.69 -12.28 -6.27
N ALA A 238 1.46 -12.17 -5.76
CA ALA A 238 0.77 -10.87 -5.75
C ALA A 238 1.52 -9.86 -4.89
N SER A 239 1.92 -10.28 -3.68
CA SER A 239 2.66 -9.39 -2.79
C SER A 239 4.00 -9.00 -3.40
N LEU A 240 4.62 -9.92 -4.13
CA LEU A 240 5.92 -9.64 -4.73
C LEU A 240 5.78 -8.66 -5.89
N VAL A 241 4.87 -8.93 -6.81
CA VAL A 241 4.66 -8.09 -7.99
C VAL A 241 4.14 -6.71 -7.61
N SER A 242 3.30 -6.64 -6.57
CA SER A 242 2.77 -5.36 -6.10
C SER A 242 3.88 -4.41 -5.68
N LYS A 243 5.10 -4.92 -5.50
CA LYS A 243 6.22 -4.14 -4.99
C LYS A 243 7.44 -4.17 -5.91
N LEU A 244 7.30 -4.63 -7.16
CA LEU A 244 8.45 -4.74 -8.05
C LEU A 244 8.93 -3.39 -8.55
N ASP A 245 8.02 -2.46 -8.83
CA ASP A 245 8.38 -1.14 -9.34
C ASP A 245 7.77 -0.03 -8.49
N ALA A 246 7.75 -0.23 -7.17
CA ALA A 246 7.07 0.69 -6.25
C ALA A 246 7.57 2.12 -6.39
N ALA A 247 8.88 2.29 -6.61
CA ALA A 247 9.44 3.63 -6.79
C ALA A 247 8.91 4.29 -8.05
N LYS A 248 8.77 3.51 -9.12
CA LYS A 248 8.32 4.04 -10.41
C LYS A 248 6.83 4.38 -10.39
N LEU A 249 6.02 3.56 -9.73
CA LEU A 249 4.60 3.89 -9.59
C LEU A 249 4.38 5.05 -8.62
N LEU A 250 5.18 5.14 -7.57
CA LEU A 250 5.12 6.31 -6.69
C LEU A 250 5.50 7.59 -7.42
N HIS A 251 6.55 7.54 -8.24
CA HIS A 251 6.89 8.65 -9.12
C HIS A 251 5.75 8.98 -10.08
N ARG A 252 5.19 7.97 -10.75
CA ARG A 252 4.08 8.22 -11.67
C ARG A 252 2.91 8.88 -10.98
N GLU A 253 2.59 8.50 -9.76
CA GLU A 253 1.44 9.13 -9.13
C GLU A 253 1.76 10.54 -8.63
N ARG A 254 3.01 10.88 -8.33
CA ARG A 254 3.27 12.31 -8.10
C ARG A 254 3.17 13.11 -9.40
N VAL A 255 3.72 12.58 -10.49
CA VAL A 255 3.58 13.25 -11.79
C VAL A 255 2.11 13.40 -12.16
N GLU A 256 1.26 12.44 -11.88
CA GLU A 256 -0.15 12.66 -12.19
C GLU A 256 -0.75 13.72 -11.27
N ARG A 257 -0.57 13.61 -9.96
CA ARG A 257 -1.05 14.64 -9.04
C ARG A 257 -0.62 16.01 -9.55
N VAL A 258 0.64 16.19 -9.92
CA VAL A 258 1.12 17.54 -10.31
C VAL A 258 0.48 17.91 -11.65
N THR A 259 0.33 16.97 -12.58
CA THR A 259 -0.21 17.39 -13.88
C THR A 259 -1.73 17.52 -13.83
N ALA A 260 -2.41 16.75 -12.98
CA ALA A 260 -3.84 16.94 -12.78
C ALA A 260 -4.13 18.30 -12.16
N PHE A 261 -3.42 18.62 -11.08
CA PHE A 261 -3.59 19.91 -10.42
C PHE A 261 -3.26 21.07 -11.35
N LEU A 262 -2.15 20.98 -12.07
CA LEU A 262 -1.75 22.05 -12.98
C LEU A 262 -2.75 22.21 -14.11
N SER A 263 -3.33 21.11 -14.59
CA SER A 263 -4.38 21.22 -15.61
C SER A 263 -5.62 21.91 -15.04
N TYR A 264 -5.94 21.63 -13.77
CA TYR A 264 -7.04 22.37 -13.12
C TYR A 264 -6.73 23.86 -13.02
N LYS A 265 -5.47 24.22 -12.74
CA LYS A 265 -5.05 25.61 -12.68
C LYS A 265 -4.87 26.24 -14.08
N ARG A 266 -5.09 25.47 -15.14
CA ARG A 266 -5.01 25.93 -16.53
C ARG A 266 -3.65 26.53 -16.87
N ILE A 267 -2.59 25.87 -16.37
CA ILE A 267 -1.21 26.17 -16.70
C ILE A 267 -0.95 25.89 -18.18
N SER A 268 -0.07 26.69 -18.81
CA SER A 268 0.17 26.55 -20.24
C SER A 268 0.86 25.22 -20.56
N PRO A 269 0.61 24.66 -21.74
CA PRO A 269 1.29 23.42 -22.15
C PRO A 269 2.82 23.53 -22.15
N GLU A 270 3.37 24.73 -22.39
CA GLU A 270 4.82 24.90 -22.35
C GLU A 270 5.38 24.70 -20.94
N LEU A 271 4.73 25.26 -19.92
CA LEU A 271 5.19 25.07 -18.51
C LEU A 271 4.88 23.63 -18.09
N GLN A 272 3.72 23.10 -18.43
CA GLN A 272 3.39 21.75 -17.93
C GLN A 272 4.32 20.77 -18.62
N ARG A 273 5.16 21.25 -19.53
CA ARG A 273 6.16 20.36 -20.17
C ARG A 273 7.50 20.61 -19.50
N ARG A 274 7.78 21.84 -19.09
CA ARG A 274 9.03 22.09 -18.35
C ARG A 274 8.89 21.37 -17.01
N ILE A 275 7.68 20.98 -16.64
CA ILE A 275 7.51 20.24 -15.40
C ILE A 275 7.59 18.74 -15.63
N ILE A 276 6.97 18.25 -16.72
CA ILE A 276 7.11 16.83 -17.08
C ILE A 276 8.57 16.48 -17.41
N GLU A 277 9.27 17.37 -18.13
CA GLU A 277 10.67 17.12 -18.46
C GLU A 277 11.53 17.10 -17.20
N TYR A 278 11.20 17.96 -16.23
CA TYR A 278 11.89 17.91 -14.94
C TYR A 278 11.67 16.58 -14.23
N PHE A 279 10.44 16.08 -14.23
CA PHE A 279 10.20 14.79 -13.58
C PHE A 279 10.85 13.63 -14.34
N ASP A 280 10.93 13.70 -15.66
CA ASP A 280 11.70 12.71 -16.41
C ASP A 280 13.17 12.76 -16.05
N TYR A 281 13.73 13.97 -15.93
CA TYR A 281 15.11 14.13 -15.46
C TYR A 281 15.30 13.56 -14.06
N LEU A 282 14.37 13.87 -13.15
CA LEU A 282 14.48 13.42 -11.77
C LEU A 282 14.37 11.91 -11.67
N TRP A 283 13.54 11.30 -12.52
CA TRP A 283 13.52 9.84 -12.63
C TRP A 283 14.83 9.28 -13.16
N GLU A 284 15.28 9.72 -14.33
CA GLU A 284 16.43 9.07 -14.96
C GLU A 284 17.75 9.34 -14.23
N THR A 285 17.83 10.40 -13.41
CA THR A 285 19.02 10.62 -12.57
C THR A 285 18.87 9.96 -11.21
N ARG A 286 17.82 10.29 -10.46
CA ARG A 286 17.74 9.95 -9.05
C ARG A 286 16.76 8.83 -8.71
N ARG A 287 15.86 8.48 -9.65
CA ARG A 287 14.69 7.62 -9.41
C ARG A 287 13.59 8.34 -8.62
N GLY A 288 13.47 9.66 -8.81
CA GLY A 288 12.35 10.43 -8.32
C GLY A 288 12.44 10.89 -6.88
N TYR A 289 13.51 10.58 -6.18
CA TYR A 289 13.65 10.92 -4.76
C TYR A 289 14.12 12.36 -4.57
N GLU A 290 13.53 13.05 -3.58
CA GLU A 290 13.96 14.39 -3.20
C GLU A 290 15.20 14.32 -2.31
N GLU A 291 16.22 15.09 -2.64
CA GLU A 291 17.44 15.10 -1.83
C GLU A 291 17.14 15.48 -0.39
N ARG A 292 16.21 16.41 -0.17
CA ARG A 292 15.84 16.81 1.18
C ARG A 292 15.28 15.62 1.95
N GLU A 293 14.36 14.86 1.33
CA GLU A 293 13.72 13.77 2.02
C GLU A 293 14.70 12.63 2.29
N VAL A 294 15.67 12.40 1.39
CA VAL A 294 16.63 11.33 1.57
C VAL A 294 17.63 11.65 2.68
N LEU A 295 18.18 12.88 2.68
CA LEU A 295 19.14 13.22 3.73
C LEU A 295 18.49 13.25 5.11
N LYS A 296 17.18 13.52 5.19
CA LYS A 296 16.53 13.47 6.49
C LYS A 296 16.38 12.04 7.05
N GLU A 297 16.58 11.01 6.21
CA GLU A 297 16.54 9.63 6.65
C GLU A 297 17.93 9.09 7.02
N LEU A 298 18.92 9.98 7.21
CA LEU A 298 20.23 9.72 7.76
C LEU A 298 20.40 10.43 9.11
N PRO A 299 21.13 9.84 10.05
CA PRO A 299 21.43 10.51 11.31
C PRO A 299 22.49 11.57 11.12
N HIS A 300 22.55 12.50 12.06
CA HIS A 300 23.38 13.69 11.89
C HIS A 300 24.83 13.41 11.52
N PRO A 301 25.56 12.50 12.18
CA PRO A 301 26.96 12.26 11.78
C PRO A 301 27.11 11.75 10.34
N LEU A 302 26.21 10.90 9.88
CA LEU A 302 26.28 10.42 8.50
C LEU A 302 25.75 11.45 7.51
N ARG A 303 24.72 12.22 7.90
CA ARG A 303 24.27 13.34 7.06
C ARG A 303 25.40 14.34 6.86
N LEU A 304 26.15 14.61 7.92
CA LEU A 304 27.35 15.43 7.83
C LEU A 304 28.41 14.80 6.94
N ALA A 305 28.66 13.50 7.09
CA ALA A 305 29.68 12.85 6.26
C ALA A 305 29.31 12.90 4.78
N VAL A 306 28.04 12.68 4.46
CA VAL A 306 27.55 12.81 3.10
C VAL A 306 27.68 14.24 2.60
N ALA A 307 27.36 15.21 3.46
CA ALA A 307 27.50 16.62 3.08
C ALA A 307 28.96 16.98 2.81
N MET A 308 29.87 16.46 3.63
CA MET A 308 31.30 16.64 3.42
C MET A 308 31.74 16.00 2.11
N GLU A 309 31.23 14.80 1.82
CA GLU A 309 31.62 14.10 0.61
C GLU A 309 31.14 14.84 -0.65
N ILE A 310 29.96 15.44 -0.58
CA ILE A 310 29.41 16.17 -1.73
C ILE A 310 30.06 17.55 -1.90
N HIS A 311 30.14 18.34 -0.81
CA HIS A 311 30.55 19.74 -0.90
C HIS A 311 31.94 20.08 -0.38
N GLY A 312 32.70 19.13 0.16
CA GLY A 312 33.84 19.49 0.99
C GLY A 312 34.94 20.22 0.25
N ASP A 313 35.15 19.90 -1.02
CA ASP A 313 36.16 20.62 -1.80
C ASP A 313 35.65 21.97 -2.33
N VAL A 314 34.41 22.01 -2.82
CA VAL A 314 33.92 23.24 -3.42
C VAL A 314 33.74 24.36 -2.39
N ILE A 315 33.37 24.02 -1.15
CA ILE A 315 33.23 25.08 -0.15
C ILE A 315 34.58 25.58 0.38
N GLU A 316 35.59 24.69 0.44
CA GLU A 316 36.94 25.10 0.85
C GLU A 316 37.56 26.06 -0.13
N LYS A 317 37.20 25.98 -1.42
CA LYS A 317 37.83 26.87 -2.41
C LYS A 317 37.07 28.19 -2.67
N VAL A 318 36.05 28.53 -1.87
CA VAL A 318 35.45 29.87 -1.89
C VAL A 318 36.40 30.89 -1.27
N PRO A 319 36.78 31.96 -1.96
CA PRO A 319 37.73 32.91 -1.41
C PRO A 319 37.32 33.48 -0.05
N LEU A 320 36.03 33.75 0.13
CA LEU A 320 35.53 34.29 1.41
C LEU A 320 35.74 33.33 2.57
N PHE A 321 35.78 32.02 2.30
CA PHE A 321 35.94 31.00 3.33
C PHE A 321 37.36 30.46 3.44
N LYS A 322 38.30 30.93 2.59
CA LYS A 322 39.65 30.39 2.56
C LYS A 322 40.32 30.52 3.92
N GLY A 323 40.68 29.38 4.51
CA GLY A 323 41.35 29.36 5.79
C GLY A 323 40.44 29.43 7.01
N ALA A 324 39.13 29.52 6.82
CA ALA A 324 38.21 29.48 7.95
C ALA A 324 38.13 28.07 8.52
N GLY A 325 37.74 27.97 9.78
CA GLY A 325 37.85 26.71 10.50
C GLY A 325 36.85 25.66 10.04
N GLU A 326 37.24 24.39 10.20
CA GLU A 326 36.40 23.27 9.78
C GLU A 326 35.04 23.29 10.44
N GLU A 327 34.94 23.77 11.68
CA GLU A 327 33.66 23.84 12.38
C GLU A 327 32.68 24.75 11.63
N PHE A 328 33.18 25.88 11.13
CA PHE A 328 32.36 26.79 10.35
C PHE A 328 31.98 26.20 8.99
N ILE A 329 32.92 25.53 8.31
CA ILE A 329 32.60 24.89 7.03
C ILE A 329 31.53 23.82 7.23
N ARG A 330 31.59 23.10 8.34
CA ARG A 330 30.57 22.12 8.70
C ARG A 330 29.21 22.79 8.85
N ASP A 331 29.21 24.00 9.44
CA ASP A 331 27.95 24.71 9.58
C ASP A 331 27.42 25.20 8.23
N ILE A 332 28.30 25.56 7.29
CA ILE A 332 27.85 25.87 5.92
C ILE A 332 27.18 24.66 5.27
N ILE A 333 27.90 23.53 5.21
CA ILE A 333 27.46 22.43 4.36
C ILE A 333 26.17 21.79 4.88
N LEU A 334 25.90 21.86 6.19
CA LEU A 334 24.64 21.33 6.68
C LEU A 334 23.43 22.21 6.32
N HIS A 335 23.65 23.45 5.89
CA HIS A 335 22.58 24.39 5.56
C HIS A 335 22.49 24.73 4.08
N LEU A 336 23.30 24.08 3.23
CA LEU A 336 23.15 24.19 1.79
C LEU A 336 21.87 23.50 1.33
N GLU A 337 21.04 24.22 0.58
CA GLU A 337 19.77 23.70 0.09
C GLU A 337 19.89 23.32 -1.38
N PRO A 338 19.54 22.09 -1.75
CA PRO A 338 19.60 21.70 -3.16
C PRO A 338 18.45 22.31 -3.95
N VAL A 339 18.72 22.64 -5.21
CA VAL A 339 17.67 23.06 -6.14
C VAL A 339 18.09 22.67 -7.55
N ILE A 340 17.11 22.22 -8.35
CA ILE A 340 17.32 21.80 -9.74
C ILE A 340 16.79 22.90 -10.65
N TYR A 341 17.61 23.33 -11.61
CA TYR A 341 17.18 24.26 -12.65
C TYR A 341 17.09 23.56 -14.00
N GLY A 342 15.98 23.79 -14.70
CA GLY A 342 15.75 23.21 -15.99
C GLY A 342 16.54 23.93 -17.07
N PRO A 343 16.70 23.28 -18.22
CA PRO A 343 17.50 23.88 -19.30
C PRO A 343 16.91 25.21 -19.75
N GLY A 344 17.78 26.23 -19.80
CA GLY A 344 17.38 27.57 -20.19
C GLY A 344 16.77 28.43 -19.10
N GLU A 345 16.63 27.92 -17.87
CA GLU A 345 16.01 28.68 -16.80
C GLU A 345 16.99 29.64 -16.13
N TYR A 346 16.49 30.79 -15.71
CA TYR A 346 17.29 31.88 -15.16
C TYR A 346 17.51 31.68 -13.67
N ILE A 347 18.72 31.26 -13.30
CA ILE A 347 19.09 31.18 -11.89
C ILE A 347 19.21 32.57 -11.29
N ILE A 348 19.86 33.48 -12.03
CA ILE A 348 20.00 34.88 -11.65
C ILE A 348 19.72 35.72 -12.90
N ARG A 349 18.98 36.81 -12.73
CA ARG A 349 18.85 37.84 -13.75
C ARG A 349 19.88 38.93 -13.45
N ALA A 350 19.64 40.18 -13.84
CA ALA A 350 20.53 41.26 -13.44
C ALA A 350 19.73 42.45 -12.92
N GLY A 351 20.30 43.16 -11.93
CA GLY A 351 19.64 44.32 -11.37
C GLY A 351 18.63 44.05 -10.28
N GLU A 352 18.22 42.80 -10.10
CA GLU A 352 17.53 42.45 -8.86
C GLU A 352 18.56 42.39 -7.72
N MET A 353 18.09 42.69 -6.52
CA MET A 353 19.00 42.80 -5.38
C MET A 353 19.65 41.46 -5.06
N GLY A 354 18.84 40.40 -4.95
CA GLY A 354 19.37 39.07 -4.73
C GLY A 354 19.88 38.83 -3.31
N SER A 355 20.01 37.55 -2.93
CA SER A 355 20.49 37.21 -1.60
C SER A 355 21.27 35.89 -1.49
N ASP A 356 21.62 35.23 -2.60
CA ASP A 356 22.02 33.82 -2.53
C ASP A 356 23.33 33.58 -3.28
N VAL A 357 24.12 32.61 -2.81
CA VAL A 357 25.28 32.06 -3.52
C VAL A 357 24.96 30.62 -3.94
N TYR A 358 25.46 30.23 -5.12
CA TYR A 358 25.11 28.95 -5.73
C TYR A 358 26.35 28.13 -6.05
N PHE A 359 26.22 26.80 -5.92
CA PHE A 359 27.31 25.83 -6.09
C PHE A 359 26.88 24.76 -7.08
N ILE A 360 27.48 24.77 -8.29
CA ILE A 360 27.15 23.75 -9.29
C ILE A 360 27.61 22.39 -8.81
N ASN A 361 26.73 21.39 -8.89
CA ASN A 361 27.10 20.05 -8.49
C ASN A 361 27.07 19.03 -9.62
N ARG A 362 26.10 19.10 -10.55
CA ARG A 362 26.13 18.19 -11.70
C ARG A 362 25.78 18.88 -13.02
N GLY A 363 25.23 20.09 -13.03
CA GLY A 363 24.83 20.74 -14.25
C GLY A 363 25.98 21.49 -14.91
N SER A 364 25.61 22.37 -15.84
CA SER A 364 26.49 23.43 -16.30
C SER A 364 25.66 24.66 -16.56
N VAL A 365 26.32 25.82 -16.54
CA VAL A 365 25.70 27.12 -16.46
C VAL A 365 26.44 28.11 -17.35
N GLU A 366 25.68 29.06 -17.92
CA GLU A 366 26.28 30.17 -18.65
C GLU A 366 26.02 31.46 -17.90
N VAL A 367 27.08 32.25 -17.71
CA VAL A 367 27.03 33.58 -17.11
C VAL A 367 27.09 34.62 -18.23
N LEU A 368 26.21 35.62 -18.17
CA LEU A 368 25.85 36.42 -19.33
C LEU A 368 25.67 37.88 -18.93
N SER A 369 25.97 38.78 -19.87
CA SER A 369 25.76 40.21 -19.69
C SER A 369 24.29 40.51 -19.40
N ALA A 370 24.04 41.72 -18.87
CA ALA A 370 22.70 42.09 -18.41
C ALA A 370 21.69 42.13 -19.55
N ASP A 371 22.16 42.37 -20.78
CA ASP A 371 21.35 42.33 -21.98
C ASP A 371 21.25 40.93 -22.60
N GLU A 372 21.87 39.93 -21.98
CA GLU A 372 21.94 38.53 -22.40
C GLU A 372 22.64 38.33 -23.75
N LYS A 373 23.32 39.35 -24.28
CA LYS A 373 23.92 39.23 -25.62
C LYS A 373 25.30 38.58 -25.61
N THR A 374 26.07 38.68 -24.51
CA THR A 374 27.46 38.22 -24.49
C THR A 374 27.72 37.32 -23.28
N ARG A 375 28.53 36.28 -23.50
CA ARG A 375 28.87 35.29 -22.48
C ARG A 375 30.17 35.63 -21.76
N TYR A 376 30.11 35.69 -20.44
CA TYR A 376 31.30 35.89 -19.60
C TYR A 376 31.97 34.57 -19.24
N ALA A 377 31.20 33.51 -18.96
CA ALA A 377 31.77 32.24 -18.52
C ALA A 377 30.80 31.10 -18.77
N ILE A 378 31.38 29.90 -18.90
CA ILE A 378 30.70 28.63 -18.69
C ILE A 378 31.18 28.08 -17.35
N LEU A 379 30.24 27.68 -16.50
CA LEU A 379 30.55 27.09 -15.20
C LEU A 379 30.06 25.65 -15.14
N SER A 380 30.86 24.77 -14.54
CA SER A 380 30.60 23.33 -14.50
C SER A 380 30.72 22.79 -13.07
N GLU A 381 30.72 21.46 -12.90
CA GLU A 381 30.71 20.85 -11.57
C GLU A 381 31.86 21.38 -10.70
N GLY A 382 31.54 21.70 -9.45
CA GLY A 382 32.55 22.16 -8.52
C GLY A 382 32.95 23.62 -8.69
N GLN A 383 32.07 24.44 -9.24
CA GLN A 383 32.25 25.89 -9.35
C GLN A 383 31.04 26.60 -8.77
N PHE A 384 31.24 27.86 -8.40
CA PHE A 384 30.26 28.64 -7.63
C PHE A 384 30.13 30.04 -8.22
N PHE A 385 28.99 30.69 -7.93
CA PHE A 385 28.70 32.02 -8.45
C PHE A 385 27.72 32.75 -7.55
N GLY A 386 27.72 34.09 -7.67
CA GLY A 386 26.90 34.94 -6.82
C GLY A 386 27.42 35.15 -5.42
N GLU A 387 28.67 34.74 -5.15
CA GLU A 387 29.22 34.75 -3.81
C GLU A 387 29.31 36.14 -3.18
N MET A 388 29.26 37.20 -4.00
CA MET A 388 29.20 38.56 -3.47
C MET A 388 27.97 38.81 -2.60
N ALA A 389 26.90 38.02 -2.79
CA ALA A 389 25.69 38.17 -1.99
C ALA A 389 25.91 37.88 -0.53
N LEU A 390 26.96 37.14 -0.19
CA LEU A 390 27.32 36.93 1.22
C LEU A 390 27.90 38.21 1.83
N ILE A 391 28.77 38.91 1.10
CA ILE A 391 29.45 40.07 1.68
C ILE A 391 28.58 41.34 1.62
N LEU A 392 27.70 41.47 0.62
CA LEU A 392 26.91 42.69 0.47
C LEU A 392 25.61 42.40 -0.28
N ARG A 393 24.47 42.85 0.28
CA ARG A 393 23.15 42.67 -0.34
C ARG A 393 22.91 43.79 -1.36
N ALA A 394 23.59 43.67 -2.50
CA ALA A 394 23.54 44.67 -3.55
C ALA A 394 23.24 44.05 -4.91
N PRO A 395 22.67 44.82 -5.85
CA PRO A 395 22.14 44.26 -7.10
C PRO A 395 23.14 43.44 -7.91
N ARG A 396 22.61 42.42 -8.57
CA ARG A 396 23.37 41.45 -9.35
C ARG A 396 23.97 42.08 -10.61
N THR A 397 25.22 41.69 -10.92
CA THR A 397 25.97 42.27 -12.04
C THR A 397 25.83 41.51 -13.35
N ALA A 398 25.46 40.23 -13.33
CA ALA A 398 25.41 39.40 -14.52
C ALA A 398 24.27 38.39 -14.43
N THR A 399 23.58 38.14 -15.56
CA THR A 399 22.56 37.10 -15.60
C THR A 399 23.21 35.72 -15.68
N VAL A 400 22.47 34.70 -15.25
CA VAL A 400 22.98 33.33 -15.13
C VAL A 400 21.88 32.33 -15.48
N ARG A 401 22.16 31.42 -16.42
CA ARG A 401 21.13 30.49 -16.93
C ARG A 401 21.66 29.07 -17.03
N ALA A 402 20.89 28.11 -16.53
CA ALA A 402 21.24 26.71 -16.65
C ALA A 402 21.28 26.28 -18.11
N ARG A 403 22.31 25.51 -18.49
CA ARG A 403 22.34 25.05 -19.87
C ARG A 403 21.53 23.76 -20.02
N ALA A 404 22.06 22.63 -19.56
CA ALA A 404 21.28 21.40 -19.48
C ALA A 404 20.44 21.44 -18.20
N PHE A 405 19.75 20.34 -17.88
CA PHE A 405 19.27 20.21 -16.52
C PHE A 405 20.44 20.29 -15.56
N CYS A 406 20.24 21.02 -14.46
CA CYS A 406 21.35 21.54 -13.68
C CYS A 406 21.02 21.41 -12.20
N ASP A 407 21.65 20.48 -11.49
CA ASP A 407 21.49 20.48 -10.04
C ASP A 407 22.70 21.12 -9.37
N LEU A 408 22.38 21.92 -8.35
CA LEU A 408 23.25 22.89 -7.72
C LEU A 408 22.68 23.16 -6.32
N TYR A 409 23.50 23.80 -5.49
CA TYR A 409 23.15 24.09 -4.11
C TYR A 409 23.12 25.60 -3.86
N ARG A 410 22.33 25.97 -2.87
CA ARG A 410 21.97 27.35 -2.58
C ARG A 410 22.21 27.65 -1.11
N LEU A 411 22.83 28.80 -0.86
CA LEU A 411 23.00 29.36 0.48
C LEU A 411 22.61 30.83 0.42
N ASP A 412 21.91 31.32 1.44
CA ASP A 412 21.39 32.69 1.41
C ASP A 412 21.88 33.52 2.59
N LYS A 413 21.87 34.84 2.38
CA LYS A 413 22.43 35.78 3.35
C LYS A 413 21.76 35.63 4.71
N GLU A 414 20.48 35.24 4.74
CA GLU A 414 19.83 34.98 6.02
C GLU A 414 20.42 33.74 6.72
N THR A 415 20.50 32.60 6.03
CA THR A 415 21.07 31.40 6.67
C THR A 415 22.55 31.61 7.01
N PHE A 416 23.24 32.35 6.15
CA PHE A 416 24.65 32.67 6.36
C PHE A 416 24.84 33.54 7.60
N ASP A 417 24.08 34.64 7.72
CA ASP A 417 24.15 35.46 8.92
C ASP A 417 23.83 34.66 10.17
N ARG A 418 22.82 33.77 10.10
CA ARG A 418 22.53 32.96 11.27
C ARG A 418 23.78 32.23 11.73
N ILE A 419 24.49 31.58 10.81
CA ILE A 419 25.61 30.79 11.28
C ILE A 419 26.79 31.68 11.70
N LEU A 420 26.99 32.81 11.02
CA LEU A 420 28.08 33.69 11.42
C LEU A 420 27.85 34.31 12.79
N SER A 421 26.60 34.33 13.28
CA SER A 421 26.33 34.80 14.64
C SER A 421 27.08 33.98 15.68
N ARG A 422 27.55 32.77 15.33
CA ARG A 422 28.29 31.92 16.26
C ARG A 422 29.74 31.71 15.84
N TYR A 423 30.31 32.60 15.02
CA TYR A 423 31.73 32.59 14.70
C TYR A 423 32.26 34.01 14.52
N PRO A 424 32.17 34.88 15.56
CA PRO A 424 32.54 36.29 15.42
C PRO A 424 33.91 36.55 14.79
N GLU A 425 34.83 35.60 15.01
CA GLU A 425 36.19 35.69 14.49
C GLU A 425 36.23 35.72 12.96
N ILE A 426 35.23 35.17 12.29
CA ILE A 426 35.12 35.24 10.84
C ILE A 426 34.13 36.34 10.45
N ALA A 427 33.11 36.55 11.29
CA ALA A 427 32.12 37.57 11.02
C ALA A 427 32.76 38.94 10.87
N ALA A 428 33.79 39.23 11.69
CA ALA A 428 34.50 40.49 11.57
C ALA A 428 35.20 40.62 10.22
N GLN A 429 35.80 39.53 9.72
CA GLN A 429 36.47 39.56 8.42
C GLN A 429 35.48 39.87 7.30
N ILE A 430 34.33 39.21 7.34
CA ILE A 430 33.27 39.48 6.36
C ILE A 430 32.81 40.93 6.45
N GLN A 431 32.62 41.42 7.68
CA GLN A 431 32.14 42.79 7.89
C GLN A 431 33.10 43.82 7.34
N GLU A 432 34.42 43.63 7.57
CA GLU A 432 35.38 44.62 7.12
C GLU A 432 35.74 44.50 5.64
N LEU A 433 35.35 43.41 4.97
CA LEU A 433 35.68 43.29 3.54
C LEU A 433 34.88 44.26 2.65
N ALA A 434 33.71 44.73 3.10
CA ALA A 434 32.89 45.65 2.28
C ALA A 434 33.53 47.03 2.15
N THR B 29 15.44 8.53 -33.44
CA THR B 29 14.11 8.23 -33.95
C THR B 29 13.98 6.82 -34.60
N TYR B 30 14.60 6.56 -35.76
CA TYR B 30 14.33 5.32 -36.50
C TYR B 30 14.73 4.04 -35.76
N THR B 31 15.51 4.13 -34.68
CA THR B 31 15.86 2.95 -33.90
C THR B 31 14.61 2.24 -33.35
N LEU B 32 13.51 2.96 -33.21
CA LEU B 32 12.24 2.33 -32.83
C LEU B 32 11.80 1.31 -33.88
N VAL B 33 11.84 1.69 -35.16
CA VAL B 33 11.47 0.75 -36.23
C VAL B 33 12.42 -0.44 -36.26
N TRP B 34 13.71 -0.21 -35.99
CA TRP B 34 14.65 -1.32 -35.91
C TRP B 34 14.34 -2.28 -34.78
N LYS B 35 14.08 -1.77 -33.57
CA LYS B 35 13.78 -2.68 -32.47
C LYS B 35 12.41 -3.34 -32.65
N VAL B 36 11.48 -2.72 -33.39
CA VAL B 36 10.26 -3.41 -33.80
C VAL B 36 10.55 -4.51 -34.82
N TRP B 37 11.49 -4.28 -35.74
CA TRP B 37 11.94 -5.36 -36.63
C TRP B 37 12.59 -6.51 -35.86
N ILE B 38 13.44 -6.20 -34.88
CA ILE B 38 14.07 -7.24 -34.08
C ILE B 38 13.06 -7.93 -33.18
N LEU B 39 12.02 -7.23 -32.74
CA LEU B 39 10.88 -7.90 -32.12
C LEU B 39 10.23 -8.88 -33.08
N ALA B 40 9.95 -8.45 -34.31
CA ALA B 40 9.34 -9.35 -35.28
C ALA B 40 10.23 -10.54 -35.60
N VAL B 41 11.55 -10.34 -35.58
CA VAL B 41 12.52 -11.42 -35.83
C VAL B 41 12.57 -12.39 -34.65
N THR B 42 12.62 -11.91 -33.42
CA THR B 42 12.64 -12.85 -32.31
C THR B 42 11.28 -13.53 -32.14
N LEU B 43 10.19 -12.84 -32.47
CA LEU B 43 8.87 -13.46 -32.45
C LEU B 43 8.78 -14.57 -33.51
N TYR B 44 9.34 -14.30 -34.70
CA TYR B 44 9.46 -15.34 -35.72
C TYR B 44 10.23 -16.55 -35.20
N TYR B 45 11.39 -16.33 -34.57
CA TYR B 45 12.14 -17.48 -34.03
C TYR B 45 11.39 -18.19 -32.91
N ALA B 46 10.76 -17.44 -32.01
CA ALA B 46 10.02 -18.06 -30.92
C ALA B 46 8.87 -18.92 -31.45
N ILE B 47 8.47 -18.75 -32.71
CA ILE B 47 7.32 -19.49 -33.29
C ILE B 47 7.76 -20.50 -34.37
N ARG B 48 8.98 -20.42 -34.88
CA ARG B 48 9.46 -21.42 -35.85
C ARG B 48 10.45 -22.38 -35.18
N ILE B 49 11.38 -21.90 -34.37
CA ILE B 49 12.36 -22.86 -33.83
C ILE B 49 11.62 -24.05 -33.18
N PRO B 50 10.77 -23.93 -32.14
CA PRO B 50 10.11 -25.11 -31.57
C PRO B 50 9.24 -25.85 -32.57
N LEU B 51 8.65 -25.15 -33.55
CA LEU B 51 7.79 -25.82 -34.52
C LEU B 51 8.60 -26.68 -35.49
N THR B 52 9.78 -26.19 -35.93
CA THR B 52 10.62 -26.98 -36.81
C THR B 52 11.37 -28.10 -36.09
N LEU B 53 11.53 -28.02 -34.77
CA LEU B 53 11.98 -29.18 -34.02
C LEU B 53 10.99 -30.34 -34.11
N VAL B 54 9.71 -30.05 -34.30
CA VAL B 54 8.69 -31.09 -34.45
C VAL B 54 8.50 -31.48 -35.92
N PHE B 55 8.52 -30.49 -36.82
CA PHE B 55 8.30 -30.68 -38.25
C PHE B 55 9.52 -30.18 -39.02
N PRO B 56 10.56 -31.01 -39.17
CA PRO B 56 11.72 -30.63 -39.99
C PRO B 56 11.35 -30.28 -41.43
N SER B 57 10.17 -30.74 -41.82
CA SER B 57 9.71 -30.54 -43.21
C SER B 57 9.12 -29.14 -43.31
N LEU B 58 9.77 -28.18 -42.68
CA LEU B 58 9.28 -26.79 -42.73
C LEU B 58 10.53 -25.96 -42.65
N PHE B 59 11.59 -26.65 -42.25
CA PHE B 59 12.85 -25.93 -42.12
C PHE B 59 13.23 -25.18 -43.39
N SER B 60 13.37 -25.90 -44.51
CA SER B 60 13.92 -25.27 -45.72
C SER B 60 12.96 -24.35 -46.46
N PRO B 61 11.63 -24.59 -46.50
CA PRO B 61 10.74 -23.61 -47.15
C PRO B 61 10.80 -22.22 -46.53
N LEU B 62 11.24 -22.11 -45.27
CA LEU B 62 11.38 -20.83 -44.59
C LEU B 62 12.84 -20.43 -44.40
N LEU B 63 13.77 -21.16 -45.02
CA LEU B 63 15.19 -20.79 -44.96
C LEU B 63 15.51 -19.38 -45.46
N PRO B 64 14.87 -18.84 -46.50
CA PRO B 64 15.10 -17.42 -46.82
C PRO B 64 14.83 -16.49 -45.64
N LEU B 65 13.68 -16.67 -44.97
CA LEU B 65 13.35 -15.86 -43.81
C LEU B 65 14.32 -16.14 -42.66
N ASP B 66 14.78 -17.39 -42.54
CA ASP B 66 15.75 -17.76 -41.52
C ASP B 66 17.09 -17.06 -41.71
N ILE B 67 17.61 -17.07 -42.94
CA ILE B 67 18.84 -16.35 -43.25
C ILE B 67 18.67 -14.86 -42.97
N LEU B 68 17.57 -14.28 -43.44
CA LEU B 68 17.31 -12.86 -43.17
C LEU B 68 17.25 -12.58 -41.67
N ALA B 69 16.55 -13.43 -40.92
CA ALA B 69 16.40 -13.24 -39.48
C ALA B 69 17.73 -13.38 -38.74
N SER B 70 18.53 -14.37 -39.12
CA SER B 70 19.83 -14.58 -38.48
C SER B 70 20.78 -13.43 -38.79
N LEU B 71 20.78 -12.97 -40.03
CA LEU B 71 21.54 -11.78 -40.39
C LEU B 71 21.04 -10.56 -39.61
N ALA B 72 19.74 -10.50 -39.34
CA ALA B 72 19.20 -9.38 -38.56
C ALA B 72 19.67 -9.43 -37.11
N LEU B 73 19.69 -10.61 -36.50
CA LEU B 73 20.22 -10.73 -35.14
C LEU B 73 21.71 -10.37 -35.09
N ILE B 74 22.46 -10.83 -36.11
CA ILE B 74 23.88 -10.46 -36.22
C ILE B 74 24.03 -8.95 -36.41
N ALA B 75 23.10 -8.33 -37.15
CA ALA B 75 23.16 -6.90 -37.37
C ALA B 75 22.82 -6.13 -36.09
N ASP B 76 22.01 -6.72 -35.21
CA ASP B 76 21.65 -6.03 -33.97
C ASP B 76 22.73 -6.07 -32.90
N ILE B 77 23.53 -7.13 -32.76
CA ILE B 77 24.49 -7.18 -31.64
C ILE B 77 25.49 -6.02 -31.64
N PRO B 78 26.01 -5.51 -32.80
CA PRO B 78 26.77 -4.24 -32.75
C PRO B 78 25.90 -3.00 -32.63
N LEU B 79 24.76 -2.99 -33.33
CA LEU B 79 23.90 -1.80 -33.38
C LEU B 79 23.23 -1.51 -32.04
N ASP B 80 23.15 -2.50 -31.14
CA ASP B 80 22.65 -2.28 -29.79
C ASP B 80 23.55 -1.33 -28.99
N LEU B 81 24.79 -1.11 -29.44
CA LEU B 81 25.70 -0.16 -28.82
C LEU B 81 25.37 1.29 -29.19
N ALA B 82 24.53 1.51 -30.20
CA ALA B 82 24.13 2.85 -30.60
C ALA B 82 22.89 3.27 -29.81
N PHE B 83 23.00 4.37 -29.07
CA PHE B 83 21.96 4.86 -28.16
C PHE B 83 21.47 3.74 -27.24
N GLU B 84 22.40 3.27 -26.40
CA GLU B 84 22.23 2.10 -25.53
C GLU B 84 20.96 2.14 -24.67
N SER B 99 25.60 -8.62 -18.85
CA SER B 99 24.17 -8.56 -19.11
C SER B 99 23.84 -8.43 -20.60
N ARG B 100 24.85 -8.42 -21.46
CA ARG B 100 24.63 -8.52 -22.90
C ARG B 100 24.76 -9.94 -23.41
N LEU B 101 25.03 -10.90 -22.53
CA LEU B 101 25.12 -12.30 -22.92
C LEU B 101 23.90 -12.83 -23.67
N PRO B 102 22.65 -12.52 -23.30
CA PRO B 102 21.53 -13.00 -24.11
C PRO B 102 21.60 -12.56 -25.58
N ASP B 103 22.01 -11.32 -25.84
CA ASP B 103 22.19 -10.87 -27.23
C ASP B 103 23.33 -11.63 -27.92
N LEU B 104 24.43 -11.84 -27.20
CA LEU B 104 25.59 -12.53 -27.76
C LEU B 104 25.25 -13.97 -28.11
N LEU B 105 24.55 -14.66 -27.21
CA LEU B 105 24.14 -16.04 -27.48
C LEU B 105 23.13 -16.12 -28.62
N ALA B 106 22.14 -15.22 -28.64
CA ALA B 106 21.14 -15.28 -29.69
C ALA B 106 21.69 -14.93 -31.07
N ALA B 107 22.81 -14.20 -31.13
CA ALA B 107 23.43 -13.93 -32.43
C ALA B 107 24.05 -15.19 -33.04
N LEU B 108 24.41 -16.16 -32.22
CA LEU B 108 25.08 -17.38 -32.69
C LEU B 108 24.09 -18.32 -33.38
N PRO B 109 24.30 -18.69 -34.66
CA PRO B 109 23.31 -19.45 -35.43
C PRO B 109 23.34 -20.96 -35.24
N LEU B 110 23.17 -21.39 -33.98
CA LEU B 110 23.11 -22.82 -33.66
C LEU B 110 21.89 -23.49 -34.26
N ASP B 111 20.86 -22.72 -34.61
CA ASP B 111 19.69 -23.26 -35.29
C ASP B 111 20.03 -23.75 -36.69
N LEU B 112 20.65 -22.89 -37.50
CA LEU B 112 21.10 -23.29 -38.84
C LEU B 112 22.06 -24.47 -38.75
N LEU B 113 22.87 -24.52 -37.68
CA LEU B 113 23.76 -25.66 -37.49
C LEU B 113 22.98 -26.96 -37.26
N VAL B 114 22.13 -26.99 -36.22
CA VAL B 114 21.49 -28.27 -35.87
C VAL B 114 20.48 -28.72 -36.92
N PHE B 115 19.76 -27.79 -37.56
CA PHE B 115 18.77 -28.20 -38.56
C PHE B 115 19.42 -28.64 -39.87
N ALA B 116 20.34 -27.84 -40.42
CA ALA B 116 20.90 -28.17 -41.72
C ALA B 116 21.74 -29.44 -41.68
N LEU B 117 22.26 -29.81 -40.51
CA LEU B 117 23.00 -31.05 -40.32
C LEU B 117 22.15 -32.15 -39.68
N HIS B 118 20.85 -31.91 -39.45
CA HIS B 118 19.88 -32.90 -38.92
C HIS B 118 20.37 -33.65 -37.66
N LEU B 119 20.77 -32.89 -36.64
CA LEU B 119 21.28 -33.47 -35.40
C LEU B 119 20.19 -34.13 -34.56
N PRO B 120 20.55 -35.13 -33.75
CA PRO B 120 19.57 -35.81 -32.88
C PRO B 120 18.93 -34.84 -31.88
N SER B 121 17.67 -35.12 -31.54
CA SER B 121 16.85 -34.19 -30.76
C SER B 121 17.48 -33.69 -29.46
N PRO B 122 18.08 -34.55 -28.61
CA PRO B 122 18.64 -34.05 -27.35
C PRO B 122 19.68 -32.95 -27.52
N LEU B 123 20.39 -32.94 -28.65
CA LEU B 123 21.33 -31.88 -28.97
C LEU B 123 20.70 -30.79 -29.82
N SER B 124 19.70 -31.16 -30.63
CA SER B 124 19.04 -30.20 -31.52
C SER B 124 18.32 -29.09 -30.73
N LEU B 125 17.96 -29.36 -29.47
CA LEU B 125 17.40 -28.28 -28.64
C LEU B 125 18.29 -27.03 -28.52
N LEU B 126 19.58 -27.11 -28.85
CA LEU B 126 20.43 -25.92 -28.85
C LEU B 126 20.00 -24.87 -29.87
N SER B 127 19.13 -25.22 -30.81
CA SER B 127 18.52 -24.22 -31.69
C SER B 127 17.77 -23.16 -30.90
N LEU B 128 17.30 -23.51 -29.70
CA LEU B 128 16.52 -22.59 -28.88
C LEU B 128 17.31 -21.37 -28.40
N VAL B 129 18.63 -21.30 -28.63
CA VAL B 129 19.36 -20.11 -28.17
C VAL B 129 18.88 -18.83 -28.85
N ARG B 130 18.19 -18.92 -29.99
CA ARG B 130 17.62 -17.70 -30.56
C ARG B 130 16.68 -17.03 -29.58
N LEU B 131 15.88 -17.83 -28.88
CA LEU B 131 14.85 -17.30 -27.99
C LEU B 131 15.44 -16.53 -26.82
N LEU B 132 16.74 -16.65 -26.55
CA LEU B 132 17.36 -15.76 -25.57
C LEU B 132 17.22 -14.30 -25.96
N LYS B 133 17.02 -14.01 -27.24
CA LYS B 133 16.75 -12.64 -27.68
C LYS B 133 15.49 -12.07 -27.06
N LEU B 134 14.54 -12.91 -26.65
CA LEU B 134 13.35 -12.42 -25.96
C LEU B 134 13.71 -11.67 -24.68
N ILE B 135 14.79 -12.05 -24.00
CA ILE B 135 15.23 -11.31 -22.82
C ILE B 135 15.63 -9.89 -23.21
N SER B 136 16.43 -9.78 -24.27
CA SER B 136 16.85 -8.47 -24.75
C SER B 136 15.67 -7.64 -25.24
N VAL B 137 14.69 -8.29 -25.88
CA VAL B 137 13.56 -7.57 -26.44
C VAL B 137 12.58 -7.13 -25.35
N GLN B 138 12.44 -7.93 -24.28
CA GLN B 138 11.66 -7.47 -23.13
C GLN B 138 12.33 -6.27 -22.47
N ARG B 139 13.66 -6.32 -22.27
CA ARG B 139 14.36 -5.14 -21.77
C ARG B 139 14.33 -3.97 -22.76
N SER B 140 14.17 -4.24 -24.05
CA SER B 140 13.97 -3.14 -24.98
C SER B 140 12.57 -2.55 -24.83
N ALA B 141 11.56 -3.41 -24.62
CA ALA B 141 10.20 -2.92 -24.44
C ALA B 141 10.07 -2.06 -23.19
N THR B 142 10.68 -2.49 -22.08
CA THR B 142 10.65 -1.68 -20.85
C THR B 142 11.54 -0.43 -20.97
N ARG B 143 12.12 -0.17 -22.14
CA ARG B 143 12.77 1.11 -22.43
C ARG B 143 12.01 1.94 -23.45
N ILE B 144 11.53 1.33 -24.54
CA ILE B 144 10.95 2.08 -25.65
C ILE B 144 9.46 2.35 -25.52
N LEU B 145 8.79 1.82 -24.49
CA LEU B 145 7.41 2.25 -24.22
C LEU B 145 7.06 2.36 -22.75
N SER B 146 8.03 2.32 -21.83
CA SER B 146 7.77 2.45 -20.39
C SER B 146 7.49 3.89 -19.97
N TYR B 147 7.85 4.88 -20.79
CA TYR B 147 7.47 6.26 -20.50
C TYR B 147 6.01 6.52 -20.84
N ARG B 148 5.44 5.73 -21.73
CA ARG B 148 4.08 5.90 -22.26
C ARG B 148 3.05 5.01 -21.56
N ILE B 149 3.41 3.76 -21.26
CA ILE B 149 2.50 2.75 -20.74
C ILE B 149 2.82 2.46 -19.28
N ASN B 150 1.77 2.32 -18.47
CA ASN B 150 1.85 1.99 -17.05
C ASN B 150 2.70 0.74 -16.84
N PRO B 151 3.75 0.79 -15.99
CA PRO B 151 4.63 -0.37 -15.84
C PRO B 151 3.95 -1.64 -15.33
N ALA B 152 2.89 -1.53 -14.53
CA ALA B 152 2.15 -2.72 -14.13
C ALA B 152 1.46 -3.37 -15.33
N LEU B 153 0.88 -2.56 -16.21
CA LEU B 153 0.23 -3.11 -17.40
C LEU B 153 1.25 -3.56 -18.43
N LEU B 154 2.38 -2.86 -18.54
CA LEU B 154 3.43 -3.30 -19.46
C LEU B 154 4.00 -4.65 -19.03
N ARG B 155 4.16 -4.86 -17.71
CA ARG B 155 4.56 -6.18 -17.24
C ARG B 155 3.51 -7.21 -17.59
N LEU B 156 2.23 -6.86 -17.44
CA LEU B 156 1.17 -7.81 -17.80
C LEU B 156 1.17 -8.18 -19.28
N LEU B 157 1.28 -7.20 -20.17
CA LEU B 157 1.32 -7.50 -21.61
C LEU B 157 2.58 -8.28 -21.97
N SER B 158 3.71 -7.98 -21.33
CA SER B 158 4.93 -8.74 -21.57
C SER B 158 4.79 -10.18 -21.09
N LEU B 159 4.12 -10.38 -19.95
CA LEU B 159 3.90 -11.73 -19.43
C LEU B 159 2.91 -12.51 -20.29
N VAL B 160 1.81 -11.87 -20.68
CA VAL B 160 0.84 -12.54 -21.56
C VAL B 160 1.48 -12.93 -22.88
N GLY B 161 2.32 -12.05 -23.43
CA GLY B 161 3.07 -12.42 -24.61
C GLY B 161 3.97 -13.62 -24.36
N PHE B 162 4.71 -13.61 -23.25
CA PHE B 162 5.55 -14.74 -22.91
C PHE B 162 4.74 -16.02 -22.71
N ILE B 163 3.55 -15.92 -22.13
CA ILE B 163 2.73 -17.10 -21.90
C ILE B 163 2.22 -17.67 -23.21
N LEU B 164 1.86 -16.82 -24.16
CA LEU B 164 1.46 -17.34 -25.47
C LEU B 164 2.64 -17.97 -26.22
N LEU B 165 3.83 -17.36 -26.13
CA LEU B 165 5.00 -17.98 -26.76
C LEU B 165 5.41 -19.26 -26.05
N ALA B 166 5.32 -19.28 -24.72
CA ALA B 166 5.60 -20.48 -23.96
C ALA B 166 4.61 -21.58 -24.31
N ALA B 167 3.32 -21.23 -24.39
CA ALA B 167 2.30 -22.19 -24.78
C ALA B 167 2.61 -22.80 -26.13
N HIS B 168 2.98 -21.97 -27.10
CA HIS B 168 3.44 -22.51 -28.39
C HIS B 168 4.60 -23.49 -28.23
N GLY B 169 5.64 -23.11 -27.50
CA GLY B 169 6.77 -24.02 -27.31
C GLY B 169 6.37 -25.30 -26.59
N ILE B 170 5.48 -25.18 -25.61
CA ILE B 170 5.05 -26.29 -24.78
C ILE B 170 4.18 -27.24 -25.59
N ALA B 171 3.36 -26.69 -26.50
CA ALA B 171 2.63 -27.52 -27.43
C ALA B 171 3.58 -28.31 -28.32
N CYS B 172 4.65 -27.68 -28.76
CA CYS B 172 5.62 -28.42 -29.56
C CYS B 172 6.33 -29.50 -28.75
N GLY B 173 6.61 -29.23 -27.48
CA GLY B 173 7.15 -30.27 -26.61
C GLY B 173 6.19 -31.45 -26.46
N TRP B 174 4.89 -31.16 -26.35
CA TRP B 174 3.88 -32.21 -26.27
C TRP B 174 3.88 -33.05 -27.55
N MET B 175 3.85 -32.37 -28.71
CA MET B 175 3.89 -33.08 -29.99
C MET B 175 5.15 -33.93 -30.13
N SER B 176 6.27 -33.45 -29.59
CA SER B 176 7.52 -34.19 -29.67
C SER B 176 7.45 -35.50 -28.90
N LEU B 177 6.74 -35.50 -27.77
CA LEU B 177 6.58 -36.67 -26.91
C LEU B 177 5.42 -37.56 -27.32
N GLN B 178 4.61 -37.13 -28.29
CA GLN B 178 3.43 -37.87 -28.73
C GLN B 178 3.85 -39.03 -29.63
N PRO B 179 3.15 -40.18 -29.57
CA PRO B 179 3.47 -41.29 -30.47
C PRO B 179 3.31 -40.89 -31.93
N PRO B 180 4.22 -41.32 -32.80
CA PRO B 180 4.10 -40.97 -34.22
C PRO B 180 2.80 -41.49 -34.82
N SER B 181 2.11 -40.62 -35.57
CA SER B 181 0.80 -40.97 -36.12
C SER B 181 0.48 -40.14 -37.36
N GLU B 182 -0.38 -40.70 -38.21
CA GLU B 182 -0.82 -40.06 -39.46
C GLU B 182 -2.02 -39.16 -39.20
N ASN B 183 -1.73 -37.95 -38.73
CA ASN B 183 -2.68 -36.86 -38.60
C ASN B 183 -2.11 -35.61 -39.24
N PRO B 184 -2.95 -34.72 -39.78
CA PRO B 184 -2.46 -33.46 -40.32
C PRO B 184 -1.72 -32.64 -39.27
N ALA B 185 -0.69 -31.94 -39.72
CA ALA B 185 0.19 -31.21 -38.80
C ALA B 185 -0.59 -30.17 -38.00
N GLY B 186 -1.53 -29.47 -38.64
CA GLY B 186 -2.34 -28.49 -37.94
C GLY B 186 -3.26 -29.08 -36.90
N THR B 187 -3.79 -30.28 -37.16
CA THR B 187 -4.70 -30.91 -36.19
C THR B 187 -3.95 -31.42 -34.97
N ARG B 188 -2.76 -31.99 -35.17
CA ARG B 188 -1.98 -32.42 -34.02
C ARG B 188 -1.47 -31.20 -33.23
N TYR B 189 -1.08 -30.14 -33.94
CA TYR B 189 -0.73 -28.90 -33.25
C TYR B 189 -1.91 -28.33 -32.48
N LEU B 190 -3.10 -28.33 -33.08
CA LEU B 190 -4.28 -27.80 -32.40
C LEU B 190 -4.59 -28.59 -31.14
N SER B 191 -4.46 -29.92 -31.20
CA SER B 191 -4.67 -30.74 -30.02
C SER B 191 -3.61 -30.45 -28.95
N ALA B 192 -2.36 -30.22 -29.38
CA ALA B 192 -1.30 -29.90 -28.42
C ALA B 192 -1.49 -28.51 -27.81
N PHE B 193 -1.90 -27.53 -28.62
CA PHE B 193 -2.13 -26.19 -28.10
C PHE B 193 -3.35 -26.15 -27.20
N TYR B 194 -4.38 -26.91 -27.55
CA TYR B 194 -5.51 -27.13 -26.67
C TYR B 194 -5.06 -27.73 -25.34
N TRP B 195 -4.24 -28.78 -25.36
CA TRP B 195 -3.77 -29.37 -24.12
C TRP B 195 -2.99 -28.35 -23.29
N THR B 196 -2.07 -27.61 -23.91
CA THR B 196 -1.25 -26.71 -23.11
C THR B 196 -2.09 -25.58 -22.53
N ILE B 197 -3.00 -24.98 -23.31
CA ILE B 197 -3.83 -23.93 -22.74
C ILE B 197 -4.76 -24.51 -21.65
N THR B 198 -5.26 -25.73 -21.86
CA THR B 198 -6.01 -26.43 -20.81
C THR B 198 -5.21 -26.54 -19.53
N THR B 199 -3.89 -26.75 -19.65
CA THR B 199 -3.03 -26.94 -18.49
C THR B 199 -2.65 -25.60 -17.84
N LEU B 200 -2.15 -24.66 -18.66
CA LEU B 200 -1.61 -23.40 -18.16
C LEU B 200 -2.69 -22.56 -17.49
N THR B 201 -3.89 -22.50 -18.08
CA THR B 201 -5.01 -21.77 -17.47
C THR B 201 -5.56 -22.49 -16.23
N THR B 202 -5.04 -23.68 -15.94
CA THR B 202 -5.46 -24.61 -14.87
C THR B 202 -6.89 -25.12 -15.03
N ILE B 203 -7.42 -25.14 -16.25
CA ILE B 203 -8.78 -25.63 -16.46
C ILE B 203 -8.83 -27.16 -16.49
N GLY B 204 -7.88 -27.83 -17.15
CA GLY B 204 -7.66 -29.25 -16.92
C GLY B 204 -8.79 -30.23 -17.21
N TYR B 205 -9.37 -30.13 -18.41
CA TYR B 205 -10.49 -30.99 -18.79
C TYR B 205 -10.16 -32.48 -18.63
N GLY B 206 -8.98 -32.90 -19.08
CA GLY B 206 -8.55 -34.28 -18.94
C GLY B 206 -8.86 -35.18 -20.12
N ASP B 207 -9.45 -34.64 -21.19
CA ASP B 207 -9.65 -35.40 -22.41
C ASP B 207 -8.35 -35.64 -23.17
N ILE B 208 -7.36 -34.75 -23.01
CA ILE B 208 -5.98 -35.02 -23.43
C ILE B 208 -5.14 -35.11 -22.16
N THR B 209 -4.45 -36.24 -21.98
CA THR B 209 -3.65 -36.53 -20.79
C THR B 209 -2.51 -37.46 -21.17
N PRO B 210 -1.47 -37.56 -20.34
CA PRO B 210 -0.36 -38.49 -20.59
C PRO B 210 -0.79 -39.95 -20.71
N SER B 211 -0.21 -40.63 -21.72
CA SER B 211 -0.32 -42.07 -21.84
C SER B 211 0.98 -42.80 -21.52
N THR B 212 2.08 -42.08 -21.29
CA THR B 212 3.41 -42.67 -21.12
C THR B 212 4.17 -41.93 -20.03
N PRO B 213 5.23 -42.56 -19.49
CA PRO B 213 5.99 -41.90 -18.42
C PRO B 213 6.59 -40.55 -18.78
N THR B 214 7.23 -40.41 -19.95
CA THR B 214 7.87 -39.14 -20.29
C THR B 214 6.83 -38.03 -20.51
N GLN B 215 5.68 -38.38 -21.10
CA GLN B 215 4.58 -37.43 -21.15
C GLN B 215 4.11 -37.05 -19.76
N THR B 216 4.15 -37.98 -18.82
CA THR B 216 3.70 -37.69 -17.46
C THR B 216 4.67 -36.74 -16.75
N VAL B 217 5.97 -37.02 -16.84
CA VAL B 217 6.98 -36.11 -16.28
C VAL B 217 6.85 -34.73 -16.92
N TYR B 218 6.70 -34.70 -18.25
CA TYR B 218 6.55 -33.45 -18.95
C TYR B 218 5.31 -32.70 -18.48
N THR B 219 4.21 -33.43 -18.25
CA THR B 219 3.00 -32.80 -17.75
C THR B 219 3.21 -32.25 -16.34
N ILE B 220 3.90 -33.00 -15.48
CA ILE B 220 4.20 -32.51 -14.13
C ILE B 220 4.92 -31.17 -14.21
N VAL B 221 5.92 -31.10 -15.10
CA VAL B 221 6.68 -29.85 -15.27
C VAL B 221 5.78 -28.74 -15.80
N ILE B 222 5.00 -29.02 -16.85
CA ILE B 222 4.16 -28.00 -17.47
C ILE B 222 3.00 -27.59 -16.56
N GLU B 223 2.57 -28.47 -15.67
CA GLU B 223 1.58 -28.12 -14.67
C GLU B 223 2.14 -27.16 -13.64
N LEU B 224 3.33 -27.45 -13.12
CA LEU B 224 3.98 -26.54 -12.20
C LEU B 224 4.27 -25.20 -12.87
N LEU B 225 4.72 -25.25 -14.12
CA LEU B 225 4.95 -24.03 -14.89
C LEU B 225 3.66 -23.28 -15.16
N GLY B 226 2.57 -23.99 -15.41
CA GLY B 226 1.30 -23.33 -15.64
C GLY B 226 0.74 -22.70 -14.38
N ALA B 227 0.90 -23.39 -13.25
CA ALA B 227 0.51 -22.80 -11.98
C ALA B 227 1.32 -21.55 -11.70
N ALA B 228 2.62 -21.58 -11.98
CA ALA B 228 3.46 -20.40 -11.79
C ALA B 228 3.05 -19.27 -12.74
N MET B 229 2.82 -19.60 -14.01
CA MET B 229 2.45 -18.58 -15.00
C MET B 229 1.09 -17.96 -14.67
N TYR B 230 0.10 -18.79 -14.33
CA TYR B 230 -1.20 -18.25 -13.97
C TYR B 230 -1.15 -17.52 -12.63
N GLY B 231 -0.25 -17.91 -11.73
CA GLY B 231 -0.02 -17.13 -10.54
C GLY B 231 0.57 -15.77 -10.84
N LEU B 232 1.51 -15.71 -11.79
CA LEU B 232 2.04 -14.43 -12.23
C LEU B 232 0.96 -13.58 -12.89
N VAL B 233 0.09 -14.20 -13.70
CA VAL B 233 -1.02 -13.44 -14.30
C VAL B 233 -1.93 -12.87 -13.22
N ILE B 234 -2.35 -13.70 -12.27
CA ILE B 234 -3.23 -13.21 -11.20
C ILE B 234 -2.53 -12.15 -10.37
N GLY B 235 -1.25 -12.36 -10.07
CA GLY B 235 -0.52 -11.38 -9.27
C GLY B 235 -0.32 -10.06 -9.99
N ASN B 236 -0.02 -10.11 -11.28
CA ASN B 236 0.03 -8.90 -12.09
C ASN B 236 -1.32 -8.19 -12.08
N ILE B 237 -2.41 -8.92 -12.31
CA ILE B 237 -3.71 -8.27 -12.37
C ILE B 237 -4.09 -7.72 -11.00
N ALA B 238 -3.72 -8.41 -9.92
CA ALA B 238 -3.96 -7.90 -8.57
C ALA B 238 -3.20 -6.61 -8.33
N SER B 239 -1.91 -6.59 -8.70
CA SER B 239 -1.10 -5.38 -8.53
C SER B 239 -1.64 -4.24 -9.36
N LEU B 240 -2.18 -4.55 -10.55
CA LEU B 240 -2.69 -3.51 -11.43
C LEU B 240 -4.00 -2.93 -10.88
N VAL B 241 -4.95 -3.80 -10.53
CA VAL B 241 -6.25 -3.37 -10.03
C VAL B 241 -6.13 -2.67 -8.68
N SER B 242 -5.18 -3.11 -7.84
CA SER B 242 -4.95 -2.48 -6.54
C SER B 242 -4.58 -1.01 -6.68
N LYS B 243 -4.22 -0.57 -7.89
CA LYS B 243 -3.74 0.78 -8.14
C LYS B 243 -4.53 1.51 -9.21
N LEU B 244 -5.71 1.01 -9.60
CA LEU B 244 -6.46 1.64 -10.69
C LEU B 244 -7.12 2.95 -10.25
N ASP B 245 -7.62 3.02 -9.01
CA ASP B 245 -8.29 4.21 -8.50
C ASP B 245 -7.66 4.69 -7.19
N ALA B 246 -6.33 4.60 -7.09
CA ALA B 246 -5.63 4.87 -5.84
C ALA B 246 -5.94 6.26 -5.31
N ALA B 247 -6.06 7.26 -6.20
CA ALA B 247 -6.38 8.61 -5.78
C ALA B 247 -7.78 8.68 -5.17
N LYS B 248 -8.73 7.95 -5.74
CA LYS B 248 -10.12 7.98 -5.27
C LYS B 248 -10.28 7.26 -3.95
N LEU B 249 -9.58 6.14 -3.76
CA LEU B 249 -9.62 5.45 -2.47
C LEU B 249 -8.86 6.22 -1.40
N LEU B 250 -7.75 6.88 -1.76
CA LEU B 250 -7.06 7.75 -0.81
C LEU B 250 -7.95 8.92 -0.38
N HIS B 251 -8.65 9.53 -1.33
CA HIS B 251 -9.66 10.54 -1.01
C HIS B 251 -10.75 9.98 -0.10
N ARG B 252 -11.31 8.82 -0.46
CA ARG B 252 -12.36 8.22 0.38
C ARG B 252 -11.88 7.97 1.79
N GLU B 253 -10.63 7.55 1.98
CA GLU B 253 -10.22 7.29 3.35
C GLU B 253 -9.91 8.57 4.11
N ARG B 254 -9.55 9.69 3.44
CA ARG B 254 -9.51 10.93 4.22
C ARG B 254 -10.92 11.39 4.60
N VAL B 255 -11.87 11.30 3.67
CA VAL B 255 -13.27 11.63 3.98
C VAL B 255 -13.78 10.75 5.12
N GLU B 256 -13.44 9.49 5.17
CA GLU B 256 -13.91 8.70 6.32
C GLU B 256 -13.20 9.14 7.60
N ARG B 257 -11.89 9.25 7.61
CA ARG B 257 -11.17 9.76 8.80
C ARG B 257 -11.83 11.03 9.28
N VAL B 258 -12.11 11.98 8.40
CA VAL B 258 -12.67 13.29 8.85
C VAL B 258 -14.09 13.06 9.34
N THR B 259 -14.89 12.23 8.69
CA THR B 259 -16.27 12.10 9.15
C THR B 259 -16.38 11.19 10.37
N ALA B 260 -15.49 10.22 10.52
CA ALA B 260 -15.45 9.41 11.73
C ALA B 260 -15.06 10.27 12.93
N PHE B 261 -13.98 11.04 12.80
CA PHE B 261 -13.54 11.92 13.87
C PHE B 261 -14.60 12.96 14.23
N LEU B 262 -15.20 13.60 13.21
CA LEU B 262 -16.22 14.60 13.47
C LEU B 262 -17.45 14.00 14.13
N SER B 263 -17.82 12.77 13.77
CA SER B 263 -18.91 12.11 14.44
C SER B 263 -18.56 11.82 15.90
N TYR B 264 -17.31 11.48 16.18
CA TYR B 264 -16.88 11.32 17.57
C TYR B 264 -16.97 12.65 18.34
N LYS B 265 -16.64 13.76 17.67
CA LYS B 265 -16.75 15.09 18.28
C LYS B 265 -18.19 15.61 18.32
N ARG B 266 -19.15 14.82 17.80
CA ARG B 266 -20.59 15.14 17.82
C ARG B 266 -20.89 16.49 17.14
N ILE B 267 -20.21 16.71 16.01
CA ILE B 267 -20.45 17.85 15.13
C ILE B 267 -21.85 17.73 14.51
N SER B 268 -22.51 18.87 14.27
CA SER B 268 -23.88 18.85 13.76
C SER B 268 -23.92 18.30 12.33
N PRO B 269 -25.03 17.64 11.96
CA PRO B 269 -25.18 17.16 10.58
C PRO B 269 -25.07 18.26 9.53
N GLU B 270 -25.44 19.50 9.84
CA GLU B 270 -25.29 20.59 8.89
C GLU B 270 -23.83 20.88 8.57
N LEU B 271 -22.96 20.93 9.59
CA LEU B 271 -21.51 21.16 9.35
C LEU B 271 -20.90 19.91 8.72
N GLN B 272 -21.26 18.73 9.19
CA GLN B 272 -20.60 17.53 8.64
C GLN B 272 -21.05 17.38 7.20
N ARG B 273 -21.95 18.24 6.73
CA ARG B 273 -22.35 18.21 5.31
C ARG B 273 -21.61 19.32 4.59
N ARG B 274 -21.37 20.44 5.24
CA ARG B 274 -20.57 21.50 4.60
C ARG B 274 -19.16 20.95 4.45
N ILE B 275 -18.84 19.87 5.17
CA ILE B 275 -17.51 19.28 5.02
C ILE B 275 -17.51 18.19 3.94
N ILE B 276 -18.56 17.36 3.90
CA ILE B 276 -18.70 16.38 2.82
C ILE B 276 -18.84 17.06 1.46
N GLU B 277 -19.62 18.14 1.39
CA GLU B 277 -19.78 18.87 0.13
C GLU B 277 -18.47 19.50 -0.31
N TYR B 278 -17.67 19.98 0.64
CA TYR B 278 -16.34 20.46 0.33
C TYR B 278 -15.46 19.36 -0.26
N PHE B 279 -15.49 18.17 0.33
CA PHE B 279 -14.67 17.08 -0.23
C PHE B 279 -15.19 16.61 -1.58
N ASP B 280 -16.50 16.65 -1.82
CA ASP B 280 -17.02 16.37 -3.15
C ASP B 280 -16.54 17.42 -4.16
N TYR B 281 -16.55 18.69 -3.76
CA TYR B 281 -15.99 19.75 -4.61
C TYR B 281 -14.52 19.52 -4.88
N LEU B 282 -13.75 19.19 -3.85
CA LEU B 282 -12.31 19.00 -3.99
C LEU B 282 -12.00 17.81 -4.88
N TRP B 283 -12.81 16.75 -4.80
CA TRP B 283 -12.70 15.64 -5.74
C TRP B 283 -13.03 16.07 -7.18
N GLU B 284 -14.21 16.63 -7.41
CA GLU B 284 -14.64 16.89 -8.79
C GLU B 284 -13.83 18.00 -9.48
N THR B 285 -13.17 18.88 -8.71
CA THR B 285 -12.28 19.87 -9.31
C THR B 285 -10.85 19.36 -9.42
N ARG B 286 -10.26 18.96 -8.28
CA ARG B 286 -8.82 18.72 -8.21
C ARG B 286 -8.41 17.25 -8.17
N ARG B 287 -9.36 16.34 -7.87
CA ARG B 287 -9.10 14.93 -7.52
C ARG B 287 -8.53 14.78 -6.11
N GLY B 288 -8.92 15.68 -5.19
CA GLY B 288 -8.65 15.55 -3.78
C GLY B 288 -7.30 16.01 -3.30
N TYR B 289 -6.47 16.55 -4.19
CA TYR B 289 -5.12 16.96 -3.84
C TYR B 289 -5.10 18.35 -3.22
N GLU B 290 -4.27 18.53 -2.18
CA GLU B 290 -4.06 19.84 -1.57
C GLU B 290 -3.06 20.65 -2.38
N GLU B 291 -3.41 21.90 -2.70
CA GLU B 291 -2.51 22.75 -3.45
C GLU B 291 -1.17 22.91 -2.75
N ARG B 292 -1.18 23.01 -1.42
CA ARG B 292 0.07 23.13 -0.66
C ARG B 292 0.95 21.90 -0.90
N GLU B 293 0.36 20.71 -0.80
CA GLU B 293 1.15 19.50 -0.93
C GLU B 293 1.66 19.31 -2.35
N VAL B 294 0.90 19.73 -3.36
CA VAL B 294 1.33 19.58 -4.75
C VAL B 294 2.46 20.55 -5.10
N LEU B 295 2.33 21.82 -4.72
CA LEU B 295 3.40 22.77 -5.03
C LEU B 295 4.70 22.44 -4.30
N LYS B 296 4.61 21.77 -3.14
CA LYS B 296 5.85 21.38 -2.47
C LYS B 296 6.59 20.25 -3.20
N GLU B 297 5.95 19.56 -4.14
CA GLU B 297 6.59 18.53 -4.95
C GLU B 297 7.14 19.06 -6.27
N LEU B 298 7.27 20.39 -6.39
CA LEU B 298 7.99 21.10 -7.44
C LEU B 298 9.22 21.82 -6.88
N PRO B 299 10.30 21.91 -7.67
CA PRO B 299 11.46 22.67 -7.23
C PRO B 299 11.21 24.17 -7.37
N HIS B 300 12.01 24.95 -6.65
CA HIS B 300 11.73 26.38 -6.53
C HIS B 300 11.54 27.11 -7.86
N PRO B 301 12.39 26.95 -8.87
CA PRO B 301 12.15 27.68 -10.14
C PRO B 301 10.84 27.32 -10.81
N LEU B 302 10.43 26.06 -10.77
CA LEU B 302 9.15 25.67 -11.36
C LEU B 302 7.98 26.05 -10.46
N ARG B 303 8.14 25.95 -9.14
CA ARG B 303 7.12 26.44 -8.22
C ARG B 303 6.86 27.92 -8.44
N LEU B 304 7.94 28.68 -8.64
CA LEU B 304 7.84 30.08 -9.02
C LEU B 304 7.14 30.27 -10.36
N ALA B 305 7.50 29.48 -11.37
CA ALA B 305 6.88 29.63 -12.68
C ALA B 305 5.38 29.34 -12.62
N VAL B 306 4.99 28.31 -11.87
CA VAL B 306 3.57 28.01 -11.65
C VAL B 306 2.89 29.13 -10.90
N ALA B 307 3.55 29.70 -9.89
CA ALA B 307 2.98 30.82 -9.14
C ALA B 307 2.80 32.04 -10.04
N MET B 308 3.77 32.30 -10.93
CA MET B 308 3.65 33.38 -11.90
C MET B 308 2.49 33.12 -12.86
N GLU B 309 2.34 31.87 -13.30
CA GLU B 309 1.29 31.55 -14.24
C GLU B 309 -0.10 31.71 -13.62
N ILE B 310 -0.23 31.38 -12.33
CA ILE B 310 -1.52 31.50 -11.65
C ILE B 310 -1.82 32.94 -11.27
N HIS B 311 -0.88 33.65 -10.63
CA HIS B 311 -1.13 34.96 -10.03
C HIS B 311 -0.55 36.17 -10.76
N GLY B 312 0.19 35.99 -11.87
CA GLY B 312 1.06 37.06 -12.34
C GLY B 312 0.32 38.30 -12.80
N ASP B 313 -0.87 38.13 -13.37
CA ASP B 313 -1.65 39.29 -13.79
C ASP B 313 -2.42 39.93 -12.62
N VAL B 314 -3.02 39.11 -11.74
CA VAL B 314 -3.84 39.67 -10.68
C VAL B 314 -3.01 40.43 -9.66
N ILE B 315 -1.77 40.01 -9.40
CA ILE B 315 -0.95 40.76 -8.44
C ILE B 315 -0.39 42.06 -9.05
N GLU B 316 -0.10 42.07 -10.35
CA GLU B 316 0.36 43.29 -11.01
C GLU B 316 -0.70 44.37 -11.02
N LYS B 317 -1.99 44.00 -11.02
CA LYS B 317 -3.03 45.02 -11.07
C LYS B 317 -3.55 45.50 -9.70
N VAL B 318 -2.91 45.13 -8.59
CA VAL B 318 -3.20 45.72 -7.27
C VAL B 318 -2.64 47.14 -7.21
N PRO B 319 -3.46 48.16 -6.92
CA PRO B 319 -2.96 49.53 -6.92
C PRO B 319 -1.75 49.76 -6.02
N LEU B 320 -1.72 49.11 -4.85
CA LEU B 320 -0.59 49.25 -3.93
C LEU B 320 0.72 48.73 -4.51
N PHE B 321 0.65 47.77 -5.44
CA PHE B 321 1.83 47.17 -6.04
C PHE B 321 2.14 47.72 -7.44
N LYS B 322 1.32 48.64 -7.96
CA LYS B 322 1.49 49.13 -9.33
C LYS B 322 2.87 49.75 -9.51
N GLY B 323 3.65 49.17 -10.43
CA GLY B 323 4.98 49.66 -10.73
C GLY B 323 6.09 49.18 -9.80
N ALA B 324 5.77 48.36 -8.80
CA ALA B 324 6.80 47.79 -7.95
C ALA B 324 7.58 46.72 -8.73
N GLY B 325 8.80 46.44 -8.28
CA GLY B 325 9.71 45.62 -9.06
C GLY B 325 9.32 44.15 -9.08
N GLU B 326 9.70 43.47 -10.16
CA GLU B 326 9.38 42.05 -10.34
C GLU B 326 9.90 41.20 -9.20
N GLU B 327 11.04 41.57 -8.61
CA GLU B 327 11.61 40.80 -7.50
C GLU B 327 10.66 40.79 -6.30
N PHE B 328 10.04 41.93 -6.03
CA PHE B 328 9.05 42.03 -4.96
C PHE B 328 7.77 41.25 -5.27
N ILE B 329 7.28 41.36 -6.52
CA ILE B 329 6.09 40.59 -6.92
C ILE B 329 6.35 39.09 -6.78
N ARG B 330 7.56 38.66 -7.11
CA ARG B 330 7.97 37.26 -6.92
C ARG B 330 7.90 36.88 -5.45
N ASP B 331 8.29 37.81 -4.58
CA ASP B 331 8.23 37.51 -3.16
C ASP B 331 6.77 37.44 -2.67
N ILE B 332 5.87 38.25 -3.25
CA ILE B 332 4.43 38.11 -2.94
C ILE B 332 3.93 36.73 -3.33
N ILE B 333 4.09 36.36 -4.61
CA ILE B 333 3.38 35.19 -5.13
C ILE B 333 3.88 33.90 -4.51
N LEU B 334 5.13 33.84 -4.05
CA LEU B 334 5.58 32.63 -3.37
C LEU B 334 4.98 32.46 -1.96
N HIS B 335 4.40 33.52 -1.38
CA HIS B 335 3.84 33.50 -0.04
C HIS B 335 2.31 33.61 0.00
N LEU B 336 1.66 33.62 -1.16
CA LEU B 336 0.20 33.52 -1.21
C LEU B 336 -0.25 32.13 -0.79
N GLU B 337 -1.18 32.07 0.18
CA GLU B 337 -1.70 30.81 0.71
C GLU B 337 -3.07 30.53 0.12
N PRO B 338 -3.29 29.36 -0.49
CA PRO B 338 -4.61 29.04 -1.01
C PRO B 338 -5.58 28.69 0.11
N VAL B 339 -6.86 29.06 -0.08
CA VAL B 339 -7.91 28.61 0.82
C VAL B 339 -9.22 28.52 0.03
N ILE B 340 -10.02 27.49 0.33
CA ILE B 340 -11.31 27.25 -0.33
C ILE B 340 -12.42 27.67 0.63
N TYR B 341 -13.36 28.47 0.14
CA TYR B 341 -14.55 28.84 0.88
C TYR B 341 -15.78 28.18 0.28
N GLY B 342 -16.60 27.57 1.14
CA GLY B 342 -17.82 26.93 0.73
C GLY B 342 -18.92 27.92 0.42
N PRO B 343 -19.95 27.49 -0.32
CA PRO B 343 -21.01 28.40 -0.69
C PRO B 343 -21.72 28.98 0.54
N GLY B 344 -21.83 30.31 0.55
CA GLY B 344 -22.45 31.02 1.63
C GLY B 344 -21.56 31.32 2.83
N GLU B 345 -20.30 30.92 2.82
CA GLU B 345 -19.41 31.13 3.94
C GLU B 345 -18.80 32.54 3.94
N TYR B 346 -18.60 33.08 5.14
CA TYR B 346 -18.16 34.46 5.33
C TYR B 346 -16.63 34.53 5.29
N ILE B 347 -16.11 35.05 4.18
CA ILE B 347 -14.67 35.31 4.08
C ILE B 347 -14.28 36.46 4.99
N ILE B 348 -15.08 37.52 4.98
CA ILE B 348 -14.91 38.69 5.85
C ILE B 348 -16.29 39.06 6.39
N ARG B 349 -16.35 39.39 7.68
CA ARG B 349 -17.52 40.01 8.29
C ARG B 349 -17.29 41.53 8.26
N ALA B 350 -17.89 42.29 9.19
CA ALA B 350 -17.58 43.70 9.29
C ALA B 350 -17.30 44.08 10.75
N GLY B 351 -16.40 45.04 10.95
CA GLY B 351 -16.07 45.51 12.28
C GLY B 351 -15.05 44.69 13.04
N GLU B 352 -14.72 43.50 12.57
CA GLU B 352 -13.50 42.85 13.05
C GLU B 352 -12.29 43.54 12.44
N MET B 353 -11.18 43.52 13.18
CA MET B 353 -10.00 44.27 12.76
C MET B 353 -9.43 43.71 11.47
N GLY B 354 -9.24 42.39 11.39
CA GLY B 354 -8.76 41.76 10.17
C GLY B 354 -7.30 42.00 9.87
N SER B 355 -6.72 41.15 9.01
CA SER B 355 -5.30 41.28 8.65
C SER B 355 -4.93 40.84 7.23
N ASP B 356 -5.90 40.51 6.35
CA ASP B 356 -5.60 39.73 5.15
C ASP B 356 -6.18 40.38 3.90
N VAL B 357 -5.50 40.19 2.77
CA VAL B 357 -6.01 40.52 1.44
C VAL B 357 -6.25 39.21 0.67
N TYR B 358 -7.30 39.19 -0.15
CA TYR B 358 -7.74 37.97 -0.82
C TYR B 358 -7.82 38.16 -2.33
N PHE B 359 -7.51 37.09 -3.08
CA PHE B 359 -7.43 37.08 -4.53
C PHE B 359 -8.30 35.94 -5.07
N ILE B 360 -9.42 36.27 -5.72
CA ILE B 360 -10.29 35.25 -6.30
C ILE B 360 -9.57 34.56 -7.44
N ASN B 361 -9.59 33.23 -7.44
CA ASN B 361 -8.96 32.49 -8.53
C ASN B 361 -9.92 31.65 -9.35
N ARG B 362 -10.92 31.02 -8.75
CA ARG B 362 -11.93 30.29 -9.54
C ARG B 362 -13.36 30.50 -9.05
N GLY B 363 -13.60 31.05 -7.86
CA GLY B 363 -14.94 31.20 -7.35
C GLY B 363 -15.59 32.48 -7.81
N SER B 364 -16.67 32.85 -7.12
CA SER B 364 -17.21 34.19 -7.17
C SER B 364 -17.72 34.55 -5.79
N VAL B 365 -17.81 35.85 -5.54
CA VAL B 365 -17.98 36.42 -4.20
C VAL B 365 -18.95 37.59 -4.26
N GLU B 366 -19.72 37.77 -3.19
CA GLU B 366 -20.55 38.96 -3.02
C GLU B 366 -20.02 39.79 -1.87
N VAL B 367 -19.86 41.10 -2.12
CA VAL B 367 -19.47 42.09 -1.12
C VAL B 367 -20.72 42.84 -0.68
N LEU B 368 -20.89 43.00 0.64
CA LEU B 368 -22.18 43.30 1.24
C LEU B 368 -22.02 44.30 2.38
N SER B 369 -23.06 45.12 2.58
CA SER B 369 -23.11 46.05 3.70
C SER B 369 -23.00 45.32 5.05
N ALA B 370 -22.68 46.08 6.09
CA ALA B 370 -22.40 45.49 7.41
C ALA B 370 -23.62 44.80 7.99
N ASP B 371 -24.81 45.22 7.59
CA ASP B 371 -26.08 44.59 7.97
C ASP B 371 -26.48 43.45 7.04
N GLU B 372 -25.67 43.14 6.04
CA GLU B 372 -25.87 42.12 5.00
C GLU B 372 -27.10 42.37 4.14
N LYS B 373 -27.72 43.54 4.20
CA LYS B 373 -28.96 43.79 3.46
C LYS B 373 -28.74 44.22 2.01
N THR B 374 -27.60 44.85 1.68
CA THR B 374 -27.39 45.43 0.36
C THR B 374 -26.04 45.00 -0.23
N ARG B 375 -26.04 44.75 -1.54
CA ARG B 375 -24.85 44.29 -2.27
C ARG B 375 -24.08 45.45 -2.89
N TYR B 376 -22.79 45.53 -2.58
CA TYR B 376 -21.90 46.50 -3.21
C TYR B 376 -21.28 45.98 -4.51
N ALA B 377 -20.92 44.70 -4.57
CA ALA B 377 -20.24 44.16 -5.74
C ALA B 377 -20.41 42.64 -5.81
N ILE B 378 -20.30 42.13 -7.03
CA ILE B 378 -19.97 40.73 -7.32
C ILE B 378 -18.53 40.71 -7.82
N LEU B 379 -17.70 39.85 -7.22
CA LEU B 379 -16.31 39.69 -7.63
C LEU B 379 -16.08 38.28 -8.19
N SER B 380 -15.29 38.19 -9.26
CA SER B 380 -15.06 36.94 -9.99
C SER B 380 -13.56 36.69 -10.19
N GLU B 381 -13.19 35.72 -11.03
CA GLU B 381 -11.79 35.33 -11.20
C GLU B 381 -10.91 36.52 -11.57
N GLY B 382 -9.75 36.61 -10.92
CA GLY B 382 -8.83 37.69 -11.22
C GLY B 382 -9.16 39.03 -10.59
N GLN B 383 -9.93 39.04 -9.50
CA GLN B 383 -10.22 40.22 -8.72
C GLN B 383 -9.86 39.98 -7.25
N PHE B 384 -9.67 41.08 -6.52
CA PHE B 384 -9.11 41.06 -5.17
C PHE B 384 -9.91 41.97 -4.25
N PHE B 385 -9.82 41.73 -2.94
CA PHE B 385 -10.56 42.50 -1.94
C PHE B 385 -9.87 42.43 -0.59
N GLY B 386 -10.18 43.43 0.25
CA GLY B 386 -9.55 43.57 1.56
C GLY B 386 -8.16 44.14 1.53
N GLU B 387 -7.72 44.68 0.39
CA GLU B 387 -6.35 45.13 0.21
C GLU B 387 -5.93 46.25 1.15
N MET B 388 -6.90 46.97 1.74
CA MET B 388 -6.59 47.98 2.74
C MET B 388 -5.87 47.39 3.97
N ALA B 389 -6.04 46.08 4.21
CA ALA B 389 -5.39 45.43 5.35
C ALA B 389 -3.87 45.45 5.24
N LEU B 390 -3.33 45.61 4.02
CA LEU B 390 -1.90 45.77 3.86
C LEU B 390 -1.44 47.13 4.36
N ILE B 391 -2.18 48.19 4.04
CA ILE B 391 -1.72 49.54 4.39
C ILE B 391 -2.05 49.91 5.84
N LEU B 392 -3.13 49.37 6.42
CA LEU B 392 -3.53 49.74 7.77
C LEU B 392 -4.34 48.62 8.43
N ARG B 393 -3.95 48.24 9.65
CA ARG B 393 -4.66 47.20 10.42
C ARG B 393 -5.84 47.81 11.16
N ALA B 394 -6.89 48.12 10.39
CA ALA B 394 -8.08 48.78 10.91
C ALA B 394 -9.36 48.03 10.51
N PRO B 395 -10.44 48.19 11.27
CA PRO B 395 -11.64 47.35 11.10
C PRO B 395 -12.22 47.36 9.68
N ARG B 396 -12.77 46.21 9.31
CA ARG B 396 -13.33 45.95 7.98
C ARG B 396 -14.61 46.75 7.73
N THR B 397 -14.75 47.27 6.51
CA THR B 397 -15.86 48.14 6.14
C THR B 397 -17.06 47.41 5.54
N ALA B 398 -16.88 46.21 4.98
CA ALA B 398 -17.94 45.48 4.28
C ALA B 398 -17.80 43.98 4.49
N THR B 399 -18.93 43.28 4.66
CA THR B 399 -18.91 41.82 4.73
C THR B 399 -18.72 41.23 3.34
N VAL B 400 -18.21 40.00 3.29
CA VAL B 400 -17.83 39.32 2.05
C VAL B 400 -18.14 37.83 2.16
N ARG B 401 -18.90 37.28 1.22
CA ARG B 401 -19.36 35.88 1.29
C ARG B 401 -19.19 35.16 -0.03
N ALA B 402 -18.62 33.96 0.00
CA ALA B 402 -18.50 33.13 -1.20
C ALA B 402 -19.88 32.77 -1.75
N ARG B 403 -20.04 32.85 -3.07
CA ARG B 403 -21.32 32.45 -3.63
C ARG B 403 -21.34 30.95 -3.88
N ALA B 404 -20.68 30.48 -4.94
CA ALA B 404 -20.49 29.05 -5.14
C ALA B 404 -19.31 28.60 -4.28
N PHE B 405 -18.90 27.34 -4.43
CA PHE B 405 -17.57 26.99 -3.93
C PHE B 405 -16.53 27.88 -4.59
N CYS B 406 -15.60 28.35 -3.79
CA CYS B 406 -14.79 29.51 -4.14
C CYS B 406 -13.35 29.28 -3.74
N ASP B 407 -12.46 29.04 -4.69
CA ASP B 407 -11.05 29.01 -4.34
C ASP B 407 -10.37 30.32 -4.70
N LEU B 408 -9.52 30.77 -3.79
CA LEU B 408 -8.95 32.11 -3.70
C LEU B 408 -7.68 32.02 -2.86
N TYR B 409 -6.88 33.07 -2.93
CA TYR B 409 -5.60 33.13 -2.25
C TYR B 409 -5.57 34.25 -1.22
N ARG B 410 -4.73 34.06 -0.21
CA ARG B 410 -4.68 34.86 1.00
C ARG B 410 -3.26 35.32 1.26
N LEU B 411 -3.12 36.61 1.58
CA LEU B 411 -1.87 37.20 2.04
C LEU B 411 -2.19 38.04 3.27
N ASP B 412 -1.32 38.00 4.28
CA ASP B 412 -1.59 38.68 5.54
C ASP B 412 -0.51 39.68 5.93
N LYS B 413 -0.93 40.66 6.75
CA LYS B 413 -0.06 41.77 7.09
C LYS B 413 1.24 41.29 7.72
N GLU B 414 1.22 40.15 8.42
CA GLU B 414 2.46 39.59 8.95
C GLU B 414 3.39 39.10 7.82
N THR B 415 2.89 38.26 6.91
CA THR B 415 3.74 37.77 5.81
C THR B 415 4.17 38.93 4.91
N PHE B 416 3.28 39.91 4.74
CA PHE B 416 3.57 41.08 3.92
C PHE B 416 4.69 41.92 4.55
N ASP B 417 4.57 42.25 5.85
CA ASP B 417 5.64 42.98 6.52
C ASP B 417 6.96 42.22 6.45
N ARG B 418 6.93 40.90 6.62
CA ARG B 418 8.18 40.15 6.49
C ARG B 418 8.84 40.47 5.16
N ILE B 419 8.09 40.40 4.07
CA ILE B 419 8.79 40.58 2.81
C ILE B 419 9.16 42.05 2.57
N LEU B 420 8.34 42.99 3.04
CA LEU B 420 8.70 44.40 2.87
C LEU B 420 9.94 44.78 3.68
N SER B 421 10.30 43.99 4.69
CA SER B 421 11.55 44.23 5.42
C SER B 421 12.77 44.17 4.51
N ARG B 422 12.64 43.57 3.31
CA ARG B 422 13.75 43.47 2.37
C ARG B 422 13.49 44.26 1.08
N TYR B 423 12.61 45.25 1.11
CA TYR B 423 12.42 46.17 -0.02
C TYR B 423 12.08 47.58 0.48
N PRO B 424 12.96 48.21 1.29
CA PRO B 424 12.66 49.51 1.91
C PRO B 424 12.11 50.57 0.95
N GLU B 425 12.56 50.50 -0.30
CA GLU B 425 12.14 51.44 -1.34
C GLU B 425 10.64 51.40 -1.61
N ILE B 426 9.97 50.29 -1.34
CA ILE B 426 8.52 50.19 -1.44
C ILE B 426 7.88 50.33 -0.06
N ALA B 427 8.59 49.86 0.97
CA ALA B 427 8.08 49.95 2.33
C ALA B 427 7.79 51.39 2.71
N ALA B 428 8.64 52.32 2.27
CA ALA B 428 8.40 53.74 2.54
C ALA B 428 7.11 54.23 1.88
N GLN B 429 6.84 53.78 0.65
CA GLN B 429 5.62 54.18 -0.05
C GLN B 429 4.38 53.70 0.71
N ILE B 430 4.41 52.44 1.15
CA ILE B 430 3.31 51.89 1.94
C ILE B 430 3.15 52.66 3.24
N GLN B 431 4.27 52.97 3.90
CA GLN B 431 4.23 53.68 5.18
C GLN B 431 3.62 55.07 5.05
N GLU B 432 3.98 55.81 3.98
CA GLU B 432 3.48 57.17 3.83
C GLU B 432 2.07 57.23 3.24
N LEU B 433 1.54 56.13 2.72
CA LEU B 433 0.18 56.17 2.16
C LEU B 433 -0.91 56.32 3.23
N ALA B 434 -0.65 55.92 4.48
CA ALA B 434 -1.66 56.02 5.55
C ALA B 434 -1.95 57.48 5.94
N THR C 29 -32.83 14.83 -11.46
CA THR C 29 -33.41 13.70 -10.74
C THR C 29 -33.85 12.53 -11.68
N TYR C 30 -34.90 12.68 -12.49
CA TYR C 30 -35.46 11.54 -13.22
C TYR C 30 -34.51 10.90 -14.22
N THR C 31 -33.39 11.54 -14.56
CA THR C 31 -32.42 10.92 -15.46
C THR C 31 -31.89 9.59 -14.91
N LEU C 32 -31.95 9.40 -13.59
CA LEU C 32 -31.59 8.11 -13.00
C LEU C 32 -32.51 7.00 -13.51
N VAL C 33 -33.83 7.24 -13.50
CA VAL C 33 -34.77 6.24 -14.01
C VAL C 33 -34.55 5.99 -15.50
N TRP C 34 -34.19 7.02 -16.26
CA TRP C 34 -33.87 6.82 -17.67
C TRP C 34 -32.64 5.96 -17.87
N LYS C 35 -31.55 6.24 -17.15
CA LYS C 35 -30.36 5.41 -17.33
C LYS C 35 -30.56 4.00 -16.77
N VAL C 36 -31.46 3.81 -15.80
CA VAL C 36 -31.86 2.46 -15.41
C VAL C 36 -32.69 1.78 -16.51
N TRP C 37 -33.54 2.53 -17.21
CA TRP C 37 -34.21 1.97 -18.39
C TRP C 37 -33.24 1.59 -19.49
N ILE C 38 -32.24 2.44 -19.76
CA ILE C 38 -31.24 2.12 -20.77
C ILE C 38 -30.34 0.97 -20.32
N LEU C 39 -30.09 0.84 -19.01
CA LEU C 39 -29.49 -0.38 -18.51
C LEU C 39 -30.35 -1.60 -18.82
N ALA C 40 -31.65 -1.52 -18.54
CA ALA C 40 -32.52 -2.66 -18.82
C ALA C 40 -32.58 -2.97 -20.32
N VAL C 41 -32.47 -1.94 -21.16
CA VAL C 41 -32.48 -2.12 -22.62
C VAL C 41 -31.17 -2.76 -23.11
N THR C 42 -30.02 -2.29 -22.61
CA THR C 42 -28.78 -2.92 -23.06
C THR C 42 -28.63 -4.32 -22.46
N LEU C 43 -29.17 -4.55 -21.26
CA LEU C 43 -29.17 -5.89 -20.68
C LEU C 43 -30.06 -6.83 -21.49
N TYR C 44 -31.21 -6.32 -21.94
CA TYR C 44 -32.06 -7.07 -22.87
C TYR C 44 -31.30 -7.43 -24.15
N TYR C 45 -30.61 -6.48 -24.76
CA TYR C 45 -29.84 -6.80 -25.97
C TYR C 45 -28.69 -7.77 -25.70
N ALA C 46 -27.98 -7.58 -24.59
CA ALA C 46 -26.88 -8.49 -24.26
C ALA C 46 -27.36 -9.91 -24.06
N ILE C 47 -28.67 -10.11 -23.85
CA ILE C 47 -29.24 -11.47 -23.57
C ILE C 47 -30.11 -11.98 -24.73
N ARG C 48 -30.51 -11.13 -25.67
CA ARG C 48 -31.28 -11.62 -26.84
C ARG C 48 -30.40 -11.64 -28.09
N ILE C 49 -29.59 -10.63 -28.33
CA ILE C 49 -28.81 -10.67 -29.60
C ILE C 49 -28.07 -12.00 -29.70
N PRO C 50 -27.12 -12.43 -28.82
CA PRO C 50 -26.46 -13.72 -29.00
C PRO C 50 -27.41 -14.90 -29.00
N LEU C 51 -28.54 -14.81 -28.27
CA LEU C 51 -29.47 -15.94 -28.24
C LEU C 51 -30.23 -16.09 -29.56
N THR C 52 -30.61 -14.98 -30.18
CA THR C 52 -31.30 -15.05 -31.47
C THR C 52 -30.36 -15.35 -32.64
N LEU C 53 -29.05 -15.11 -32.47
CA LEU C 53 -28.10 -15.65 -33.44
C LEU C 53 -28.10 -17.17 -33.47
N VAL C 54 -28.45 -17.82 -32.36
CA VAL C 54 -28.53 -19.27 -32.31
C VAL C 54 -29.94 -19.77 -32.66
N PHE C 55 -30.97 -19.06 -32.18
CA PHE C 55 -32.37 -19.42 -32.37
C PHE C 55 -33.09 -18.28 -33.09
N PRO C 56 -33.02 -18.22 -34.43
CA PRO C 56 -33.78 -17.20 -35.17
C PRO C 56 -35.29 -17.27 -34.91
N SER C 57 -35.71 -18.43 -34.40
CA SER C 57 -37.15 -18.64 -34.15
C SER C 57 -37.52 -17.99 -32.83
N LEU C 58 -36.97 -16.81 -32.58
CA LEU C 58 -37.27 -16.12 -31.31
C LEU C 58 -37.21 -14.67 -31.70
N PHE C 59 -36.62 -14.44 -32.87
CA PHE C 59 -36.48 -13.06 -33.32
C PHE C 59 -37.82 -12.32 -33.32
N SER C 60 -38.79 -12.82 -34.08
CA SER C 60 -40.03 -12.06 -34.28
C SER C 60 -40.99 -12.04 -33.09
N PRO C 61 -41.10 -13.11 -32.27
CA PRO C 61 -41.97 -12.99 -31.08
C PRO C 61 -41.55 -11.89 -30.12
N LEU C 62 -40.30 -11.45 -30.16
CA LEU C 62 -39.80 -10.37 -29.33
C LEU C 62 -39.55 -9.08 -30.12
N LEU C 63 -39.97 -9.05 -31.39
CA LEU C 63 -39.83 -7.83 -32.20
C LEU C 63 -40.51 -6.59 -31.60
N PRO C 64 -41.67 -6.67 -30.94
CA PRO C 64 -42.18 -5.47 -30.24
C PRO C 64 -41.19 -4.89 -29.24
N LEU C 65 -40.60 -5.75 -28.40
CA LEU C 65 -39.59 -5.31 -27.44
C LEU C 65 -38.35 -4.81 -28.15
N ASP C 66 -38.00 -5.43 -29.28
CA ASP C 66 -36.85 -5.01 -30.07
C ASP C 66 -37.03 -3.61 -30.64
N ILE C 67 -38.18 -3.33 -31.24
CA ILE C 67 -38.49 -2.00 -31.74
C ILE C 67 -38.44 -0.98 -30.60
N LEU C 68 -39.09 -1.31 -29.48
CA LEU C 68 -39.06 -0.40 -28.33
C LEU C 68 -37.64 -0.16 -27.85
N ALA C 69 -36.83 -1.22 -27.77
CA ALA C 69 -35.46 -1.10 -27.29
C ALA C 69 -34.59 -0.29 -28.25
N SER C 70 -34.74 -0.51 -29.55
CA SER C 70 -33.97 0.23 -30.54
C SER C 70 -34.35 1.70 -30.55
N LEU C 71 -35.65 1.98 -30.46
CA LEU C 71 -36.11 3.35 -30.31
C LEU C 71 -35.57 3.97 -29.02
N ALA C 72 -35.42 3.17 -27.96
CA ALA C 72 -34.88 3.69 -26.71
C ALA C 72 -33.40 4.04 -26.85
N LEU C 73 -32.62 3.20 -27.53
CA LEU C 73 -31.21 3.54 -27.78
C LEU C 73 -31.09 4.79 -28.66
N ILE C 74 -31.95 4.90 -29.67
CA ILE C 74 -31.99 6.10 -30.49
C ILE C 74 -32.39 7.32 -29.67
N ALA C 75 -33.30 7.13 -28.70
CA ALA C 75 -33.72 8.23 -27.84
C ALA C 75 -32.61 8.65 -26.88
N ASP C 76 -31.72 7.72 -26.52
CA ASP C 76 -30.64 8.05 -25.61
C ASP C 76 -29.48 8.80 -26.25
N ILE C 77 -29.12 8.54 -27.52
CA ILE C 77 -27.92 9.20 -28.07
C ILE C 77 -28.00 10.74 -28.07
N PRO C 78 -29.18 11.40 -28.31
CA PRO C 78 -29.23 12.85 -28.04
C PRO C 78 -29.39 13.21 -26.57
N LEU C 79 -30.19 12.42 -25.83
CA LEU C 79 -30.48 12.74 -24.43
C LEU C 79 -29.27 12.58 -23.52
N ASP C 80 -28.24 11.83 -23.96
CA ASP C 80 -26.99 11.75 -23.22
C ASP C 80 -26.26 13.08 -23.15
N LEU C 81 -26.63 14.04 -24.00
CA LEU C 81 -26.08 15.39 -23.95
C LEU C 81 -26.68 16.24 -22.83
N ALA C 82 -27.79 15.79 -22.23
CA ALA C 82 -28.42 16.51 -21.12
C ALA C 82 -27.82 16.04 -19.80
N PHE C 83 -27.24 16.98 -19.05
CA PHE C 83 -26.50 16.70 -17.81
C PHE C 83 -25.47 15.58 -18.03
N GLU C 84 -24.49 15.89 -18.87
CA GLU C 84 -23.48 14.95 -19.37
C GLU C 84 -22.75 14.19 -18.26
N SER C 99 -15.01 9.54 -27.73
CA SER C 99 -15.39 8.62 -26.67
C SER C 99 -16.91 8.43 -26.57
N ARG C 100 -17.68 9.07 -27.47
CA ARG C 100 -19.09 8.76 -27.60
C ARG C 100 -19.37 7.76 -28.71
N LEU C 101 -18.33 7.26 -29.38
CA LEU C 101 -18.51 6.26 -30.43
C LEU C 101 -19.28 5.02 -29.99
N PRO C 102 -19.07 4.45 -28.78
CA PRO C 102 -19.90 3.29 -28.40
C PRO C 102 -21.40 3.58 -28.41
N ASP C 103 -21.81 4.78 -27.97
CA ASP C 103 -23.23 5.16 -28.03
C ASP C 103 -23.69 5.30 -29.48
N LEU C 104 -22.86 5.93 -30.32
CA LEU C 104 -23.20 6.15 -31.72
C LEU C 104 -23.36 4.83 -32.46
N LEU C 105 -22.44 3.89 -32.24
CA LEU C 105 -22.53 2.57 -32.88
C LEU C 105 -23.73 1.78 -32.36
N ALA C 106 -23.98 1.81 -31.05
CA ALA C 106 -25.10 1.03 -30.52
C ALA C 106 -26.45 1.59 -30.93
N ALA C 107 -26.52 2.88 -31.29
CA ALA C 107 -27.79 3.41 -31.79
C ALA C 107 -28.15 2.86 -33.16
N LEU C 108 -27.15 2.42 -33.94
CA LEU C 108 -27.38 1.92 -35.30
C LEU C 108 -28.00 0.53 -35.28
N PRO C 109 -29.20 0.32 -35.90
CA PRO C 109 -29.94 -0.93 -35.78
C PRO C 109 -29.51 -2.03 -36.75
N LEU C 110 -28.22 -2.40 -36.69
CA LEU C 110 -27.71 -3.48 -37.53
C LEU C 110 -28.31 -4.84 -37.15
N ASP C 111 -28.86 -4.96 -35.94
CA ASP C 111 -29.55 -6.18 -35.55
C ASP C 111 -30.83 -6.39 -36.35
N LEU C 112 -31.70 -5.37 -36.38
CA LEU C 112 -32.90 -5.46 -37.19
C LEU C 112 -32.56 -5.69 -38.65
N LEU C 113 -31.44 -5.14 -39.11
CA LEU C 113 -30.99 -5.38 -40.48
C LEU C 113 -30.65 -6.85 -40.70
N VAL C 114 -29.69 -7.39 -39.93
CA VAL C 114 -29.21 -8.74 -40.22
C VAL C 114 -30.26 -9.81 -39.93
N PHE C 115 -31.09 -9.63 -38.91
CA PHE C 115 -32.11 -10.64 -38.60
C PHE C 115 -33.28 -10.62 -39.58
N ALA C 116 -33.86 -9.43 -39.83
CA ALA C 116 -35.05 -9.37 -40.69
C ALA C 116 -34.74 -9.77 -42.14
N LEU C 117 -33.49 -9.64 -42.56
CA LEU C 117 -33.05 -10.05 -43.88
C LEU C 117 -32.33 -11.41 -43.86
N HIS C 118 -32.24 -12.08 -42.70
CA HIS C 118 -31.67 -13.43 -42.54
C HIS C 118 -30.27 -13.60 -43.17
N LEU C 119 -29.35 -12.71 -42.81
CA LEU C 119 -28.00 -12.74 -43.37
C LEU C 119 -27.17 -13.92 -42.84
N PRO C 120 -26.19 -14.39 -43.63
CA PRO C 120 -25.32 -15.49 -43.19
C PRO C 120 -24.53 -15.14 -41.93
N SER C 121 -24.27 -16.17 -41.11
CA SER C 121 -23.70 -15.98 -39.77
C SER C 121 -22.45 -15.11 -39.71
N PRO C 122 -21.43 -15.30 -40.57
CA PRO C 122 -20.20 -14.50 -40.44
C PRO C 122 -20.45 -13.01 -40.53
N LEU C 123 -21.49 -12.59 -41.25
CA LEU C 123 -21.89 -11.19 -41.30
C LEU C 123 -22.95 -10.83 -40.26
N SER C 124 -23.78 -11.81 -39.90
CA SER C 124 -24.84 -11.59 -38.93
C SER C 124 -24.32 -11.19 -37.56
N LEU C 125 -23.06 -11.56 -37.25
CA LEU C 125 -22.45 -11.09 -36.00
C LEU C 125 -22.45 -9.57 -35.82
N LEU C 126 -22.65 -8.78 -36.90
CA LEU C 126 -22.74 -7.33 -36.75
C LEU C 126 -23.95 -6.89 -35.92
N SER C 127 -24.90 -7.78 -35.65
CA SER C 127 -25.96 -7.48 -34.71
C SER C 127 -25.40 -7.14 -33.32
N LEU C 128 -24.21 -7.64 -33.01
CA LEU C 128 -23.62 -7.44 -31.69
C LEU C 128 -23.26 -5.98 -31.41
N VAL C 129 -23.37 -5.06 -32.37
CA VAL C 129 -23.03 -3.66 -32.08
C VAL C 129 -23.93 -3.06 -31.00
N ARG C 130 -25.10 -3.65 -30.73
CA ARG C 130 -25.90 -3.15 -29.62
C ARG C 130 -25.12 -3.22 -28.32
N LEU C 131 -24.38 -4.31 -28.13
CA LEU C 131 -23.67 -4.55 -26.88
C LEU C 131 -22.57 -3.52 -26.61
N LEU C 132 -22.19 -2.74 -27.62
CA LEU C 132 -21.29 -1.61 -27.35
C LEU C 132 -21.91 -0.63 -26.36
N LYS C 133 -23.23 -0.61 -26.23
CA LYS C 133 -23.89 0.20 -25.21
C LYS C 133 -23.48 -0.18 -23.79
N LEU C 134 -23.03 -1.42 -23.58
CA LEU C 134 -22.53 -1.79 -22.26
C LEU C 134 -21.36 -0.93 -21.81
N ILE C 135 -20.53 -0.47 -22.76
CA ILE C 135 -19.44 0.44 -22.42
C ILE C 135 -20.00 1.75 -21.86
N SER C 136 -20.99 2.32 -22.55
CA SER C 136 -21.62 3.54 -22.09
C SER C 136 -22.33 3.35 -20.76
N VAL C 137 -22.95 2.18 -20.57
CA VAL C 137 -23.71 1.94 -19.35
C VAL C 137 -22.79 1.67 -18.16
N GLN C 138 -21.62 1.04 -18.40
CA GLN C 138 -20.63 0.93 -17.33
C GLN C 138 -20.09 2.31 -16.94
N ARG C 139 -19.78 3.15 -17.93
CA ARG C 139 -19.40 4.53 -17.59
C ARG C 139 -20.55 5.33 -16.98
N SER C 140 -21.80 4.95 -17.25
CA SER C 140 -22.90 5.60 -16.54
C SER C 140 -22.96 5.11 -15.09
N ALA C 141 -22.71 3.82 -14.86
CA ALA C 141 -22.73 3.29 -13.50
C ALA C 141 -21.63 3.91 -12.64
N THR C 142 -20.43 4.04 -13.20
CA THR C 142 -19.35 4.69 -12.44
C THR C 142 -19.57 6.21 -12.31
N ARG C 143 -20.71 6.74 -12.76
CA ARG C 143 -21.12 8.10 -12.47
C ARG C 143 -22.32 8.16 -11.53
N ILE C 144 -23.34 7.33 -11.75
CA ILE C 144 -24.60 7.45 -11.02
C ILE C 144 -24.65 6.67 -9.71
N LEU C 145 -23.61 5.88 -9.39
CA LEU C 145 -23.53 5.30 -8.04
C LEU C 145 -22.13 5.23 -7.46
N SER C 146 -21.13 5.89 -8.07
CA SER C 146 -19.76 5.89 -7.55
C SER C 146 -19.58 6.81 -6.34
N TYR C 147 -20.50 7.75 -6.10
CA TYR C 147 -20.46 8.54 -4.87
C TYR C 147 -20.96 7.74 -3.67
N ARG C 148 -21.78 6.72 -3.91
CA ARG C 148 -22.44 5.92 -2.88
C ARG C 148 -21.71 4.62 -2.58
N ILE C 149 -21.20 3.94 -3.60
CA ILE C 149 -20.61 2.61 -3.49
C ILE C 149 -19.10 2.68 -3.68
N ASN C 150 -18.38 1.91 -2.86
CA ASN C 150 -16.93 1.80 -2.90
C ASN C 150 -16.46 1.44 -4.31
N PRO C 151 -15.53 2.21 -4.90
CA PRO C 151 -15.13 1.95 -6.28
C PRO C 151 -14.51 0.58 -6.52
N ALA C 152 -13.84 -0.01 -5.53
CA ALA C 152 -13.32 -1.37 -5.68
C ALA C 152 -14.46 -2.38 -5.79
N LEU C 153 -15.51 -2.20 -4.99
CA LEU C 153 -16.66 -3.09 -5.05
C LEU C 153 -17.52 -2.81 -6.28
N LEU C 154 -17.63 -1.55 -6.68
CA LEU C 154 -18.36 -1.22 -7.90
C LEU C 154 -17.69 -1.83 -9.12
N ARG C 155 -16.36 -1.81 -9.17
CA ARG C 155 -15.65 -2.50 -10.24
C ARG C 155 -15.94 -4.00 -10.19
N LEU C 156 -15.97 -4.58 -8.99
CA LEU C 156 -16.27 -6.00 -8.87
C LEU C 156 -17.67 -6.35 -9.36
N LEU C 157 -18.69 -5.60 -8.94
CA LEU C 157 -20.04 -5.87 -9.41
C LEU C 157 -20.18 -5.65 -10.92
N SER C 158 -19.50 -4.63 -11.45
CA SER C 158 -19.50 -4.40 -12.89
C SER C 158 -18.84 -5.55 -13.63
N LEU C 159 -17.74 -6.07 -13.09
CA LEU C 159 -17.05 -7.20 -13.70
C LEU C 159 -17.87 -8.48 -13.62
N VAL C 160 -18.45 -8.77 -12.46
CA VAL C 160 -19.28 -9.96 -12.31
C VAL C 160 -20.49 -9.89 -13.26
N GLY C 161 -21.07 -8.71 -13.40
CA GLY C 161 -22.12 -8.54 -14.40
C GLY C 161 -21.62 -8.83 -15.81
N PHE C 162 -20.46 -8.27 -16.16
CA PHE C 162 -19.88 -8.55 -17.48
C PHE C 162 -19.57 -10.02 -17.66
N ILE C 163 -19.11 -10.70 -16.61
CA ILE C 163 -18.77 -12.11 -16.74
C ILE C 163 -20.03 -12.96 -16.94
N LEU C 164 -21.13 -12.60 -16.28
CA LEU C 164 -22.38 -13.34 -16.53
C LEU C 164 -22.92 -13.05 -17.95
N LEU C 165 -22.82 -11.81 -18.42
CA LEU C 165 -23.23 -11.52 -19.79
C LEU C 165 -22.30 -12.17 -20.82
N ALA C 166 -21.01 -12.18 -20.53
CA ALA C 166 -20.06 -12.86 -21.40
C ALA C 166 -20.32 -14.34 -21.43
N ALA C 167 -20.57 -14.94 -20.26
CA ALA C 167 -20.90 -16.36 -20.18
C ALA C 167 -22.11 -16.69 -21.03
N HIS C 168 -23.16 -15.87 -20.94
CA HIS C 168 -24.30 -16.04 -21.84
C HIS C 168 -23.90 -15.99 -23.32
N GLY C 169 -23.15 -14.97 -23.72
CA GLY C 169 -22.73 -14.89 -25.11
C GLY C 169 -21.86 -16.07 -25.53
N ILE C 170 -20.99 -16.51 -24.63
CA ILE C 170 -20.05 -17.60 -24.89
C ILE C 170 -20.78 -18.93 -24.99
N ALA C 171 -21.83 -19.10 -24.18
CA ALA C 171 -22.70 -20.26 -24.33
C ALA C 171 -23.36 -20.27 -25.69
N CYS C 172 -23.80 -19.10 -26.16
CA CYS C 172 -24.39 -19.04 -27.49
C CYS C 172 -23.36 -19.36 -28.58
N GLY C 173 -22.13 -18.89 -28.41
CA GLY C 173 -21.07 -19.27 -29.34
C GLY C 173 -20.83 -20.77 -29.36
N TRP C 174 -20.88 -21.41 -28.18
CA TRP C 174 -20.75 -22.86 -28.11
C TRP C 174 -21.88 -23.56 -28.86
N MET C 175 -23.12 -23.14 -28.59
CA MET C 175 -24.26 -23.70 -29.30
C MET C 175 -24.16 -23.52 -30.80
N SER C 176 -23.61 -22.39 -31.24
CA SER C 176 -23.47 -22.11 -32.66
C SER C 176 -22.51 -23.10 -33.33
N LEU C 177 -21.47 -23.51 -32.62
CA LEU C 177 -20.47 -24.44 -33.11
C LEU C 177 -20.85 -25.90 -32.89
N GLN C 178 -21.94 -26.16 -32.17
CA GLN C 178 -22.36 -27.52 -31.86
C GLN C 178 -23.03 -28.16 -33.07
N PRO C 179 -22.87 -29.47 -33.28
CA PRO C 179 -23.56 -30.14 -34.39
C PRO C 179 -25.07 -30.02 -34.25
N PRO C 180 -25.79 -29.78 -35.36
CA PRO C 180 -27.24 -29.68 -35.27
C PRO C 180 -27.87 -30.95 -34.74
N SER C 181 -28.80 -30.80 -33.78
CA SER C 181 -29.40 -31.96 -33.14
C SER C 181 -30.77 -31.63 -32.56
N GLU C 182 -31.62 -32.66 -32.42
CA GLU C 182 -32.97 -32.54 -31.89
C GLU C 182 -32.97 -32.65 -30.37
N ASN C 183 -32.66 -31.52 -29.72
CA ASN C 183 -32.78 -31.35 -28.29
C ASN C 183 -33.54 -30.06 -28.01
N PRO C 184 -34.27 -29.98 -26.89
CA PRO C 184 -34.95 -28.75 -26.53
C PRO C 184 -33.97 -27.59 -26.36
N ALA C 185 -34.42 -26.40 -26.76
CA ALA C 185 -33.56 -25.24 -26.78
C ALA C 185 -33.00 -24.93 -25.40
N GLY C 186 -33.82 -25.06 -24.35
CA GLY C 186 -33.33 -24.83 -23.01
C GLY C 186 -32.31 -25.84 -22.53
N THR C 187 -32.42 -27.09 -22.95
CA THR C 187 -31.47 -28.11 -22.53
C THR C 187 -30.12 -27.92 -23.21
N ARG C 188 -30.12 -27.58 -24.50
CA ARG C 188 -28.85 -27.31 -25.17
C ARG C 188 -28.23 -26.04 -24.63
N TYR C 189 -29.04 -25.02 -24.35
CA TYR C 189 -28.51 -23.82 -23.69
C TYR C 189 -27.95 -24.14 -22.32
N LEU C 190 -28.64 -24.97 -21.53
CA LEU C 190 -28.15 -25.31 -20.20
C LEU C 190 -26.83 -26.04 -20.28
N SER C 191 -26.69 -26.96 -21.24
CA SER C 191 -25.40 -27.64 -21.43
C SER C 191 -24.31 -26.66 -21.84
N ALA C 192 -24.65 -25.68 -22.68
CA ALA C 192 -23.67 -24.69 -23.11
C ALA C 192 -23.28 -23.74 -21.98
N PHE C 193 -24.25 -23.33 -21.17
CA PHE C 193 -23.97 -22.45 -20.04
C PHE C 193 -23.19 -23.19 -18.95
N TYR C 194 -23.53 -24.46 -18.75
CA TYR C 194 -22.72 -25.33 -17.90
C TYR C 194 -21.29 -25.40 -18.40
N TRP C 195 -21.09 -25.65 -19.71
CA TRP C 195 -19.72 -25.70 -20.23
C TRP C 195 -18.98 -24.39 -20.02
N THR C 196 -19.63 -23.26 -20.32
CA THR C 196 -18.90 -22.00 -20.21
C THR C 196 -18.56 -21.68 -18.76
N ILE C 197 -19.50 -21.87 -17.82
CA ILE C 197 -19.17 -21.61 -16.43
C ILE C 197 -18.11 -22.59 -15.93
N THR C 198 -18.17 -23.87 -16.38
CA THR C 198 -17.11 -24.82 -16.11
C THR C 198 -15.75 -24.30 -16.57
N THR C 199 -15.72 -23.61 -17.70
CA THR C 199 -14.47 -23.10 -18.28
C THR C 199 -14.00 -21.82 -17.59
N LEU C 200 -14.90 -20.83 -17.48
CA LEU C 200 -14.55 -19.51 -16.97
C LEU C 200 -14.11 -19.56 -15.52
N THR C 201 -14.81 -20.34 -14.68
CA THR C 201 -14.41 -20.51 -13.28
C THR C 201 -13.14 -21.34 -13.14
N THR C 202 -12.62 -21.88 -14.25
CA THR C 202 -11.47 -22.78 -14.37
C THR C 202 -11.68 -24.12 -13.66
N ILE C 203 -12.92 -24.55 -13.48
CA ILE C 203 -13.18 -25.84 -12.82
C ILE C 203 -12.98 -27.02 -13.78
N GLY C 204 -13.45 -26.91 -15.02
CA GLY C 204 -13.00 -27.82 -16.07
C GLY C 204 -13.24 -29.31 -15.90
N TYR C 205 -14.48 -29.70 -15.63
CA TYR C 205 -14.83 -31.10 -15.41
C TYR C 205 -14.41 -31.97 -16.59
N GLY C 206 -14.70 -31.53 -17.81
CA GLY C 206 -14.32 -32.27 -19.01
C GLY C 206 -15.37 -33.21 -19.55
N ASP C 207 -16.55 -33.25 -18.95
CA ASP C 207 -17.67 -34.02 -19.49
C ASP C 207 -18.25 -33.37 -20.74
N ILE C 208 -18.14 -32.05 -20.88
CA ILE C 208 -18.39 -31.36 -22.13
C ILE C 208 -17.06 -30.79 -22.61
N THR C 209 -16.65 -31.18 -23.83
CA THR C 209 -15.37 -30.80 -24.41
C THR C 209 -15.51 -30.76 -25.93
N PRO C 210 -14.58 -30.10 -26.63
CA PRO C 210 -14.58 -30.07 -28.09
C PRO C 210 -14.53 -31.44 -28.75
N SER C 211 -15.36 -31.63 -29.78
CA SER C 211 -15.28 -32.78 -30.66
C SER C 211 -14.74 -32.44 -32.04
N THR C 212 -14.51 -31.17 -32.35
CA THR C 212 -14.15 -30.71 -33.68
C THR C 212 -13.12 -29.59 -33.61
N PRO C 213 -12.39 -29.34 -34.70
CA PRO C 213 -11.37 -28.28 -34.67
C PRO C 213 -11.88 -26.89 -34.30
N THR C 214 -13.00 -26.43 -34.87
CA THR C 214 -13.46 -25.08 -34.58
C THR C 214 -13.93 -24.95 -33.14
N GLN C 215 -14.57 -26.00 -32.60
CA GLN C 215 -14.87 -26.03 -31.16
C GLN C 215 -13.59 -25.99 -30.34
N THR C 216 -12.52 -26.61 -30.82
CA THR C 216 -11.26 -26.61 -30.07
C THR C 216 -10.61 -25.22 -30.06
N VAL C 217 -10.54 -24.57 -31.23
CA VAL C 217 -10.05 -23.19 -31.30
C VAL C 217 -10.89 -22.29 -30.42
N TYR C 218 -12.21 -22.43 -30.50
CA TYR C 218 -13.11 -21.64 -29.68
C TYR C 218 -12.86 -21.87 -28.20
N THR C 219 -12.63 -23.13 -27.82
CA THR C 219 -12.33 -23.44 -26.44
C THR C 219 -11.01 -22.82 -26.00
N ILE C 220 -9.99 -22.87 -26.86
CA ILE C 220 -8.71 -22.24 -26.53
C ILE C 220 -8.92 -20.76 -26.22
N VAL C 221 -9.72 -20.09 -27.06
CA VAL C 221 -10.01 -18.67 -26.84
C VAL C 221 -10.77 -18.46 -25.53
N ILE C 222 -11.83 -19.25 -25.31
CA ILE C 222 -12.67 -19.07 -24.13
C ILE C 222 -11.94 -19.48 -22.86
N GLU C 223 -10.97 -20.38 -22.96
CA GLU C 223 -10.12 -20.73 -21.83
C GLU C 223 -9.20 -19.58 -21.45
N LEU C 224 -8.55 -18.99 -22.46
CA LEU C 224 -7.71 -17.82 -22.18
C LEU C 224 -8.55 -16.66 -21.64
N LEU C 225 -9.74 -16.47 -22.21
CA LEU C 225 -10.65 -15.45 -21.73
C LEU C 225 -11.14 -15.76 -20.31
N GLY C 226 -11.39 -17.03 -20.02
CA GLY C 226 -11.82 -17.40 -18.67
C GLY C 226 -10.72 -17.23 -17.65
N ALA C 227 -9.49 -17.58 -18.02
CA ALA C 227 -8.36 -17.33 -17.14
C ALA C 227 -8.20 -15.84 -16.88
N ALA C 228 -8.35 -15.02 -17.93
CA ALA C 228 -8.27 -13.57 -17.74
C ALA C 228 -9.40 -13.04 -16.87
N MET C 229 -10.64 -13.51 -17.12
CA MET C 229 -11.78 -13.05 -16.34
C MET C 229 -11.69 -13.47 -14.89
N TYR C 230 -11.31 -14.72 -14.63
CA TYR C 230 -11.16 -15.16 -13.25
C TYR C 230 -9.94 -14.51 -12.60
N GLY C 231 -8.91 -14.16 -13.37
CA GLY C 231 -7.83 -13.37 -12.84
C GLY C 231 -8.28 -11.97 -12.44
N LEU C 232 -9.14 -11.36 -13.25
CA LEU C 232 -9.72 -10.07 -12.89
C LEU C 232 -10.59 -10.19 -11.65
N VAL C 233 -11.36 -11.27 -11.53
CA VAL C 233 -12.18 -11.48 -10.32
C VAL C 233 -11.29 -11.60 -9.09
N ILE C 234 -10.25 -12.44 -9.16
CA ILE C 234 -9.36 -12.61 -8.01
C ILE C 234 -8.63 -11.31 -7.72
N GLY C 235 -8.19 -10.60 -8.74
CA GLY C 235 -7.49 -9.34 -8.53
C GLY C 235 -8.38 -8.26 -7.94
N ASN C 236 -9.62 -8.17 -8.41
CA ASN C 236 -10.59 -7.27 -7.79
C ASN C 236 -10.81 -7.63 -6.33
N ILE C 237 -11.02 -8.92 -6.03
CA ILE C 237 -11.27 -9.31 -4.64
C ILE C 237 -10.04 -9.07 -3.77
N ALA C 238 -8.85 -9.28 -4.33
CA ALA C 238 -7.62 -8.99 -3.58
C ALA C 238 -7.51 -7.51 -3.28
N SER C 239 -7.76 -6.66 -4.29
CA SER C 239 -7.70 -5.22 -4.08
C SER C 239 -8.74 -4.76 -3.07
N LEU C 240 -9.90 -5.40 -3.07
CA LEU C 240 -10.97 -5.02 -2.16
C LEU C 240 -10.64 -5.42 -0.72
N VAL C 241 -10.25 -6.68 -0.52
CA VAL C 241 -9.93 -7.20 0.81
C VAL C 241 -8.69 -6.52 1.39
N SER C 242 -7.72 -6.18 0.54
CA SER C 242 -6.52 -5.49 0.99
C SER C 242 -6.84 -4.15 1.65
N LYS C 243 -8.06 -3.66 1.46
CA LYS C 243 -8.46 -2.34 1.94
C LYS C 243 -9.70 -2.37 2.84
N LEU C 244 -10.11 -3.55 3.31
CA LEU C 244 -11.34 -3.64 4.11
C LEU C 244 -11.17 -3.08 5.52
N ASP C 245 -10.01 -3.28 6.14
CA ASP C 245 -9.74 -2.81 7.49
C ASP C 245 -8.47 -1.98 7.55
N ALA C 246 -8.23 -1.16 6.52
CA ALA C 246 -6.98 -0.42 6.39
C ALA C 246 -6.68 0.44 7.61
N ALA C 247 -7.73 1.06 8.18
CA ALA C 247 -7.54 1.88 9.38
C ALA C 247 -7.07 1.04 10.56
N LYS C 248 -7.61 -0.17 10.71
CA LYS C 248 -7.29 -1.04 11.83
C LYS C 248 -5.88 -1.63 11.70
N LEU C 249 -5.47 -1.98 10.48
CA LEU C 249 -4.11 -2.46 10.27
C LEU C 249 -3.09 -1.31 10.39
N LEU C 250 -3.45 -0.12 9.93
CA LEU C 250 -2.58 1.04 10.15
C LEU C 250 -2.41 1.35 11.64
N HIS C 251 -3.50 1.29 12.39
CA HIS C 251 -3.42 1.39 13.84
C HIS C 251 -2.54 0.30 14.45
N ARG C 252 -2.77 -0.96 14.06
CA ARG C 252 -1.96 -2.05 14.59
C ARG C 252 -0.47 -1.85 14.31
N GLU C 253 -0.12 -1.33 13.13
CA GLU C 253 1.30 -1.17 12.87
C GLU C 253 1.89 0.04 13.61
N ARG C 254 1.10 1.06 13.95
CA ARG C 254 1.69 2.06 14.86
C ARG C 254 1.87 1.49 16.26
N VAL C 255 0.87 0.75 16.76
CA VAL C 255 1.01 0.08 18.06
C VAL C 255 2.22 -0.85 18.07
N GLU C 256 2.49 -1.57 16.99
CA GLU C 256 3.69 -2.41 17.02
C GLU C 256 4.95 -1.55 17.00
N ARG C 257 5.06 -0.59 16.09
CA ARG C 257 6.22 0.33 16.08
C ARG C 257 6.44 0.86 17.49
N VAL C 258 5.41 1.34 18.17
CA VAL C 258 5.60 1.97 19.50
C VAL C 258 6.00 0.88 20.49
N THR C 259 5.41 -0.31 20.43
CA THR C 259 5.77 -1.30 21.46
C THR C 259 7.08 -1.97 21.14
N ALA C 260 7.45 -2.11 19.87
CA ALA C 260 8.78 -2.62 19.52
C ALA C 260 9.87 -1.66 19.99
N PHE C 261 9.71 -0.38 19.67
CA PHE C 261 10.68 0.63 20.08
C PHE C 261 10.77 0.73 21.60
N LEU C 262 9.63 0.75 22.30
CA LEU C 262 9.65 0.84 23.75
C LEU C 262 10.27 -0.39 24.38
N SER C 263 10.07 -1.57 23.79
CA SER C 263 10.74 -2.76 24.29
C SER C 263 12.26 -2.66 24.09
N TYR C 264 12.69 -2.07 22.97
CA TYR C 264 14.11 -1.82 22.79
C TYR C 264 14.67 -0.86 23.85
N LYS C 265 13.88 0.15 24.22
CA LYS C 265 14.27 1.10 25.26
C LYS C 265 14.10 0.53 26.67
N ARG C 266 13.62 -0.71 26.79
CA ARG C 266 13.45 -1.43 28.07
C ARG C 266 12.56 -0.66 29.05
N ILE C 267 11.48 -0.10 28.50
CA ILE C 267 10.42 0.54 29.28
C ILE C 267 9.70 -0.51 30.13
N SER C 268 9.23 -0.10 31.32
CA SER C 268 8.62 -1.05 32.24
C SER C 268 7.29 -1.58 31.69
N PRO C 269 6.93 -2.82 32.02
CA PRO C 269 5.63 -3.35 31.59
C PRO C 269 4.44 -2.52 32.05
N GLU C 270 4.53 -1.82 33.18
CA GLU C 270 3.44 -0.95 33.63
C GLU C 270 3.21 0.22 32.66
N LEU C 271 4.28 0.88 32.23
CA LEU C 271 4.15 2.00 31.26
C LEU C 271 3.77 1.44 29.89
N GLN C 272 4.37 0.34 29.46
CA GLN C 272 4.07 -0.13 28.10
C GLN C 272 2.63 -0.63 28.10
N ARG C 273 1.96 -0.60 29.25
CA ARG C 273 0.53 -0.97 29.29
C ARG C 273 -0.29 0.32 29.35
N ARG C 274 0.22 1.35 30.01
CA ARG C 274 -0.50 2.64 29.99
C ARG C 274 -0.44 3.15 28.56
N ILE C 275 0.46 2.59 27.74
CA ILE C 275 0.52 3.02 26.34
C ILE C 275 -0.39 2.15 25.47
N ILE C 276 -0.39 0.84 25.70
CA ILE C 276 -1.32 -0.05 24.98
C ILE C 276 -2.79 0.30 25.31
N GLU C 277 -3.08 0.59 26.58
CA GLU C 277 -4.44 0.96 26.97
C GLU C 277 -4.85 2.27 26.33
N TYR C 278 -3.91 3.20 26.19
CA TYR C 278 -4.18 4.44 25.47
C TYR C 278 -4.51 4.17 24.01
N PHE C 279 -3.75 3.30 23.35
CA PHE C 279 -4.07 2.99 21.95
C PHE C 279 -5.38 2.22 21.80
N ASP C 280 -5.73 1.37 22.77
CA ASP C 280 -7.06 0.75 22.74
C ASP C 280 -8.16 1.79 22.90
N TYR C 281 -7.96 2.76 23.80
CA TYR C 281 -8.91 3.87 23.94
C TYR C 281 -9.01 4.67 22.65
N LEU C 282 -7.87 4.99 22.03
CA LEU C 282 -7.85 5.79 20.82
C LEU C 282 -8.52 5.07 19.66
N TRP C 283 -8.36 3.74 19.60
CA TRP C 283 -9.12 2.94 18.64
C TRP C 283 -10.62 2.96 18.92
N GLU C 284 -11.05 2.59 20.13
CA GLU C 284 -12.48 2.41 20.37
C GLU C 284 -13.24 3.74 20.39
N THR C 285 -12.56 4.88 20.60
CA THR C 285 -13.22 6.18 20.48
C THR C 285 -13.12 6.74 19.07
N ARG C 286 -11.90 6.89 18.56
CA ARG C 286 -11.67 7.67 17.34
C ARG C 286 -11.36 6.85 16.09
N ARG C 287 -11.03 5.56 16.26
CA ARG C 287 -10.43 4.70 15.21
C ARG C 287 -8.97 5.04 14.92
N GLY C 288 -8.24 5.50 15.95
CA GLY C 288 -6.81 5.65 15.89
C GLY C 288 -6.29 6.93 15.27
N TYR C 289 -7.17 7.82 14.85
CA TYR C 289 -6.77 9.05 14.17
C TYR C 289 -6.36 10.14 15.16
N GLU C 290 -5.29 10.87 14.84
CA GLU C 290 -4.86 12.01 15.64
C GLU C 290 -5.70 13.25 15.28
N GLU C 291 -6.22 13.92 16.31
CA GLU C 291 -7.01 15.12 16.05
C GLU C 291 -6.22 16.16 15.27
N ARG C 292 -4.93 16.29 15.57
CA ARG C 292 -4.09 17.25 14.85
C ARG C 292 -4.06 16.92 13.36
N GLU C 293 -3.85 15.63 13.04
CA GLU C 293 -3.71 15.25 11.64
C GLU C 293 -5.04 15.38 10.90
N VAL C 294 -6.17 15.14 11.58
CA VAL C 294 -7.48 15.24 10.93
C VAL C 294 -7.86 16.69 10.66
N LEU C 295 -7.69 17.58 11.65
CA LEU C 295 -8.04 18.98 11.41
C LEU C 295 -7.16 19.63 10.37
N LYS C 296 -5.92 19.13 10.19
CA LYS C 296 -5.09 19.69 9.11
C LYS C 296 -5.58 19.30 7.71
N GLU C 297 -6.46 18.32 7.59
CA GLU C 297 -7.05 17.92 6.31
C GLU C 297 -8.38 18.63 6.03
N LEU C 298 -8.68 19.70 6.77
CA LEU C 298 -9.77 20.64 6.53
C LEU C 298 -9.21 22.03 6.17
N PRO C 299 -9.90 22.77 5.30
CA PRO C 299 -9.48 24.13 5.00
C PRO C 299 -9.86 25.06 6.13
N HIS C 300 -9.20 26.22 6.16
CA HIS C 300 -9.32 27.12 7.32
C HIS C 300 -10.75 27.46 7.71
N PRO C 301 -11.65 27.85 6.81
CA PRO C 301 -13.02 28.17 7.26
C PRO C 301 -13.76 27.00 7.90
N LEU C 302 -13.56 25.79 7.38
CA LEU C 302 -14.20 24.62 7.98
C LEU C 302 -13.46 24.17 9.26
N ARG C 303 -12.14 24.27 9.29
CA ARG C 303 -11.40 24.01 10.51
C ARG C 303 -11.86 24.94 11.63
N LEU C 304 -12.08 26.20 11.29
CA LEU C 304 -12.67 27.17 12.21
C LEU C 304 -14.08 26.77 12.63
N ALA C 305 -14.91 26.36 11.67
CA ALA C 305 -16.28 26.00 12.02
C ALA C 305 -16.31 24.78 12.95
N VAL C 306 -15.46 23.80 12.70
CA VAL C 306 -15.32 22.65 13.59
C VAL C 306 -14.81 23.07 14.96
N ALA C 307 -13.84 23.99 15.00
CA ALA C 307 -13.33 24.49 16.27
C ALA C 307 -14.41 25.23 17.05
N MET C 308 -15.23 26.02 16.36
CA MET C 308 -16.37 26.70 16.98
C MET C 308 -17.37 25.68 17.51
N GLU C 309 -17.63 24.62 16.74
CA GLU C 309 -18.62 23.64 17.16
C GLU C 309 -18.14 22.87 18.39
N ILE C 310 -16.83 22.61 18.50
CA ILE C 310 -16.29 21.88 19.64
C ILE C 310 -16.16 22.77 20.87
N HIS C 311 -15.56 23.96 20.72
CA HIS C 311 -15.18 24.80 21.87
C HIS C 311 -16.03 26.05 22.09
N GLY C 312 -17.03 26.35 21.24
CA GLY C 312 -17.58 27.70 21.22
C GLY C 312 -18.28 28.11 22.49
N ASP C 313 -18.91 27.16 23.17
CA ASP C 313 -19.58 27.49 24.44
C ASP C 313 -18.59 27.52 25.62
N VAL C 314 -17.67 26.56 25.67
CA VAL C 314 -16.77 26.48 26.83
C VAL C 314 -15.80 27.67 26.88
N ILE C 315 -15.37 28.18 25.71
CA ILE C 315 -14.46 29.33 25.76
C ILE C 315 -15.20 30.65 26.08
N GLU C 316 -16.46 30.77 25.66
CA GLU C 316 -17.26 31.95 26.00
C GLU C 316 -17.52 32.06 27.49
N LYS C 317 -17.58 30.93 28.21
CA LYS C 317 -17.87 31.00 29.64
C LYS C 317 -16.64 31.08 30.55
N VAL C 318 -15.43 31.28 30.02
CA VAL C 318 -14.25 31.61 30.83
C VAL C 318 -14.35 33.04 31.35
N PRO C 319 -14.29 33.27 32.68
CA PRO C 319 -14.45 34.63 33.19
C PRO C 319 -13.48 35.64 32.58
N LEU C 320 -12.23 35.24 32.33
CA LEU C 320 -11.25 36.15 31.74
C LEU C 320 -11.63 36.59 30.34
N PHE C 321 -12.41 35.78 29.61
CA PHE C 321 -12.81 36.09 28.24
C PHE C 321 -14.24 36.63 28.14
N LYS C 322 -14.96 36.74 29.26
CA LYS C 322 -16.36 37.16 29.23
C LYS C 322 -16.52 38.52 28.57
N GLY C 323 -17.26 38.56 27.47
CA GLY C 323 -17.51 39.79 26.74
C GLY C 323 -16.43 40.22 25.77
N ALA C 324 -15.35 39.45 25.64
CA ALA C 324 -14.34 39.75 24.64
C ALA C 324 -14.87 39.42 23.24
N GLY C 325 -14.28 40.06 22.23
CA GLY C 325 -14.86 40.00 20.89
C GLY C 325 -14.68 38.64 20.22
N GLU C 326 -15.62 38.34 19.32
CA GLU C 326 -15.61 37.05 18.61
C GLU C 326 -14.31 36.82 17.85
N GLU C 327 -13.69 37.89 17.33
CA GLU C 327 -12.42 37.75 16.61
C GLU C 327 -11.33 37.17 17.51
N PHE C 328 -11.29 37.62 18.76
CA PHE C 328 -10.33 37.10 19.72
C PHE C 328 -10.64 35.66 20.12
N ILE C 329 -11.92 35.34 20.34
CA ILE C 329 -12.32 33.96 20.66
C ILE C 329 -11.92 33.02 19.52
N ARG C 330 -12.09 33.48 18.29
CA ARG C 330 -11.66 32.72 17.11
C ARG C 330 -10.15 32.47 17.15
N ASP C 331 -9.40 33.47 17.61
CA ASP C 331 -7.96 33.27 17.71
C ASP C 331 -7.60 32.29 18.82
N ILE C 332 -8.37 32.26 19.92
CA ILE C 332 -8.17 31.22 20.95
C ILE C 332 -8.40 29.83 20.36
N ILE C 333 -9.59 29.60 19.79
CA ILE C 333 -9.99 28.23 19.47
C ILE C 333 -9.14 27.62 18.36
N LEU C 334 -8.57 28.44 17.48
CA LEU C 334 -7.68 27.86 16.47
C LEU C 334 -6.32 27.42 17.04
N HIS C 335 -5.96 27.85 18.25
CA HIS C 335 -4.68 27.53 18.88
C HIS C 335 -4.80 26.61 20.09
N LEU C 336 -6.00 26.12 20.39
CA LEU C 336 -6.17 25.07 21.40
C LEU C 336 -5.58 23.76 20.90
N GLU C 337 -4.70 23.15 21.72
CA GLU C 337 -4.04 21.90 21.37
C GLU C 337 -4.70 20.74 22.11
N PRO C 338 -5.14 19.69 21.42
CA PRO C 338 -5.72 18.55 22.10
C PRO C 338 -4.66 17.71 22.78
N VAL C 339 -5.02 17.12 23.93
CA VAL C 339 -4.16 16.13 24.58
C VAL C 339 -5.05 15.16 25.36
N ILE C 340 -4.67 13.88 25.34
CA ILE C 340 -5.39 12.81 26.03
C ILE C 340 -4.61 12.42 27.28
N TYR C 341 -5.29 12.39 28.42
CA TYR C 341 -4.72 11.91 29.67
C TYR C 341 -5.32 10.57 30.06
N GLY C 342 -4.46 9.62 30.41
CA GLY C 342 -4.88 8.30 30.83
C GLY C 342 -5.43 8.30 32.25
N PRO C 343 -6.18 7.25 32.60
CA PRO C 343 -6.78 7.20 33.92
C PRO C 343 -5.73 7.24 35.02
N GLY C 344 -5.92 8.15 35.97
CA GLY C 344 -5.00 8.33 37.09
C GLY C 344 -3.79 9.21 36.82
N GLU C 345 -3.64 9.74 35.60
CA GLU C 345 -2.48 10.56 35.27
C GLU C 345 -2.64 12.01 35.74
N TYR C 346 -1.52 12.61 36.14
CA TYR C 346 -1.49 13.94 36.73
C TYR C 346 -1.41 15.01 35.64
N ILE C 347 -2.53 15.68 35.39
CA ILE C 347 -2.54 16.81 34.47
C ILE C 347 -1.78 17.99 35.09
N ILE C 348 -2.02 18.25 36.37
CA ILE C 348 -1.33 19.27 37.14
C ILE C 348 -0.97 18.67 38.50
N ARG C 349 0.24 18.95 38.97
CA ARG C 349 0.64 18.67 40.34
C ARG C 349 0.43 19.95 41.16
N ALA C 350 1.17 20.17 42.24
CA ALA C 350 1.09 21.44 42.95
C ALA C 350 2.49 21.98 43.23
N GLY C 351 2.62 23.30 43.21
CA GLY C 351 3.89 23.94 43.50
C GLY C 351 4.84 24.06 42.33
N GLU C 352 4.60 23.35 41.23
CA GLU C 352 5.27 23.70 39.99
C GLU C 352 4.68 24.99 39.43
N MET C 353 5.51 25.75 38.71
CA MET C 353 5.09 27.07 38.26
C MET C 353 3.95 26.96 37.25
N GLY C 354 4.09 26.10 36.24
CA GLY C 354 3.02 25.88 35.29
C GLY C 354 2.82 27.02 34.30
N SER C 355 2.15 26.72 33.18
CA SER C 355 1.90 27.73 32.15
C SER C 355 0.61 27.57 31.35
N ASP C 356 -0.29 26.64 31.72
CA ASP C 356 -1.33 26.20 30.78
C ASP C 356 -2.71 26.23 31.43
N VAL C 357 -3.75 26.49 30.62
CA VAL C 357 -5.15 26.32 31.00
C VAL C 357 -5.74 25.15 30.19
N TYR C 358 -6.62 24.38 30.82
CA TYR C 358 -7.15 23.15 30.25
C TYR C 358 -8.68 23.16 30.18
N PHE C 359 -9.22 22.53 29.14
CA PHE C 359 -10.65 22.49 28.84
C PHE C 359 -11.09 21.04 28.65
N ILE C 360 -11.86 20.50 29.60
CA ILE C 360 -12.36 19.14 29.47
C ILE C 360 -13.32 19.04 28.31
N ASN C 361 -13.14 18.04 27.46
CA ASN C 361 -14.03 17.85 26.32
C ASN C 361 -14.81 16.54 26.37
N ARG C 362 -14.21 15.43 26.79
CA ARG C 362 -14.96 14.18 26.94
C ARG C 362 -14.65 13.41 28.22
N GLY C 363 -13.57 13.72 28.94
CA GLY C 363 -13.21 12.98 30.12
C GLY C 363 -13.91 13.48 31.37
N SER C 364 -13.38 13.07 32.52
CA SER C 364 -13.69 13.71 33.79
C SER C 364 -12.42 13.71 34.63
N VAL C 365 -12.38 14.64 35.58
CA VAL C 365 -11.16 15.02 36.29
C VAL C 365 -11.48 15.25 37.75
N GLU C 366 -10.52 14.94 38.62
CA GLU C 366 -10.60 15.27 40.04
C GLU C 366 -9.54 16.31 40.38
N VAL C 367 -9.97 17.37 41.07
CA VAL C 367 -9.09 18.42 41.59
C VAL C 367 -8.88 18.17 43.07
N LEU C 368 -7.63 18.26 43.52
CA LEU C 368 -7.20 17.66 44.78
C LEU C 368 -6.21 18.57 45.50
N SER C 369 -6.22 18.50 46.83
CA SER C 369 -5.27 19.22 47.66
C SER C 369 -3.83 18.82 47.33
N ALA C 370 -2.87 19.66 47.75
CA ALA C 370 -1.48 19.47 47.38
C ALA C 370 -0.90 18.17 47.93
N ASP C 371 -1.46 17.67 49.03
CA ASP C 371 -1.11 16.39 49.62
C ASP C 371 -1.89 15.22 49.03
N GLU C 372 -2.76 15.48 48.05
CA GLU C 372 -3.65 14.53 47.38
C GLU C 372 -4.65 13.85 48.30
N LYS C 373 -4.81 14.32 49.54
CA LYS C 373 -5.69 13.64 50.50
C LYS C 373 -7.16 14.03 50.37
N THR C 374 -7.47 15.24 49.88
CA THR C 374 -8.84 15.74 49.88
C THR C 374 -9.24 16.29 48.50
N ARG C 375 -10.49 16.04 48.12
CA ARG C 375 -11.04 16.44 46.83
C ARG C 375 -11.76 17.78 46.90
N TYR C 376 -11.35 18.72 46.04
CA TYR C 376 -12.02 20.00 45.90
C TYR C 376 -13.17 19.95 44.90
N ALA C 377 -13.01 19.23 43.78
CA ALA C 377 -14.03 19.21 42.74
C ALA C 377 -13.88 17.97 41.87
N ILE C 378 -15.00 17.59 41.25
CA ILE C 378 -15.06 16.76 40.05
C ILE C 378 -15.40 17.67 38.88
N LEU C 379 -14.62 17.60 37.81
CA LEU C 379 -14.87 18.38 36.60
C LEU C 379 -15.19 17.46 35.43
N SER C 380 -16.17 17.86 34.61
CA SER C 380 -16.68 17.04 33.51
C SER C 380 -16.70 17.84 32.19
N GLU C 381 -17.36 17.32 31.15
CA GLU C 381 -17.34 17.94 29.83
C GLU C 381 -17.80 19.39 29.89
N GLY C 382 -17.08 20.28 29.20
CA GLY C 382 -17.44 21.67 29.16
C GLY C 382 -17.05 22.48 30.38
N GLN C 383 -16.04 22.04 31.12
CA GLN C 383 -15.48 22.77 32.25
C GLN C 383 -13.97 22.90 32.06
N PHE C 384 -13.39 23.89 32.74
CA PHE C 384 -12.01 24.31 32.56
C PHE C 384 -11.32 24.51 33.89
N PHE C 385 -9.98 24.46 33.89
CA PHE C 385 -9.19 24.60 35.10
C PHE C 385 -7.78 25.08 34.77
N GLY C 386 -7.12 25.66 35.78
CA GLY C 386 -5.80 26.25 35.62
C GLY C 386 -5.78 27.61 34.95
N GLU C 387 -6.95 28.24 34.79
CA GLU C 387 -7.08 29.47 34.03
C GLU C 387 -6.29 30.64 34.61
N MET C 388 -5.90 30.56 35.89
CA MET C 388 -5.03 31.57 36.47
C MET C 388 -3.67 31.66 35.76
N ALA C 389 -3.25 30.60 35.07
CA ALA C 389 -1.97 30.61 34.37
C ALA C 389 -1.95 31.61 33.23
N LEU C 390 -3.12 32.02 32.74
CA LEU C 390 -3.18 33.09 31.74
C LEU C 390 -2.84 34.44 32.36
N ILE C 391 -3.39 34.73 33.55
CA ILE C 391 -3.20 36.06 34.14
C ILE C 391 -1.86 36.19 34.87
N LEU C 392 -1.30 35.10 35.41
CA LEU C 392 -0.06 35.18 36.17
C LEU C 392 0.68 33.85 36.16
N ARG C 393 1.98 33.88 35.83
CA ARG C 393 2.82 32.68 35.80
C ARG C 393 3.36 32.38 37.20
N ALA C 394 2.46 31.88 38.05
CA ALA C 394 2.77 31.61 39.45
C ALA C 394 2.37 30.19 39.85
N PRO C 395 3.00 29.62 40.88
CA PRO C 395 2.85 28.20 41.20
C PRO C 395 1.40 27.74 41.41
N ARG C 396 1.16 26.48 41.01
CA ARG C 396 -0.17 25.87 41.03
C ARG C 396 -0.65 25.60 42.46
N THR C 397 -1.94 25.83 42.70
CA THR C 397 -2.53 25.72 44.03
C THR C 397 -3.12 24.35 44.35
N ALA C 398 -3.47 23.54 43.33
CA ALA C 398 -4.14 22.26 43.54
C ALA C 398 -3.70 21.24 42.50
N THR C 399 -3.53 19.98 42.91
CA THR C 399 -3.24 18.90 41.96
C THR C 399 -4.51 18.52 41.21
N VAL C 400 -4.32 17.94 40.01
CA VAL C 400 -5.42 17.61 39.09
C VAL C 400 -5.11 16.30 38.37
N ARG C 401 -6.04 15.33 38.42
CA ARG C 401 -5.79 14.00 37.87
C ARG C 401 -6.98 13.50 37.07
N ALA C 402 -6.72 12.98 35.86
CA ALA C 402 -7.76 12.38 35.05
C ALA C 402 -8.37 11.17 35.74
N ARG C 403 -9.70 11.05 35.70
CA ARG C 403 -10.31 9.87 36.29
C ARG C 403 -10.33 8.73 35.30
N ALA C 404 -11.24 8.76 34.33
CA ALA C 404 -11.21 7.81 33.23
C ALA C 404 -10.19 8.29 32.19
N PHE C 405 -10.11 7.62 31.05
CA PHE C 405 -9.45 8.27 29.92
C PHE C 405 -10.14 9.59 29.62
N CYS C 406 -9.34 10.60 29.35
CA CYS C 406 -9.79 11.98 29.47
C CYS C 406 -9.23 12.79 28.30
N ASP C 407 -10.06 13.15 27.32
CA ASP C 407 -9.58 14.09 26.31
C ASP C 407 -10.07 15.50 26.60
N LEU C 408 -9.16 16.44 26.41
CA LEU C 408 -9.21 17.81 26.88
C LEU C 408 -8.28 18.63 26.00
N TYR C 409 -8.42 19.95 26.08
CA TYR C 409 -7.64 20.88 25.28
C TYR C 409 -6.79 21.79 26.16
N ARG C 410 -5.70 22.25 25.57
CA ARG C 410 -4.62 22.95 26.25
C ARG C 410 -4.31 24.25 25.54
N LEU C 411 -4.17 25.32 26.32
CA LEU C 411 -3.69 26.62 25.87
C LEU C 411 -2.64 27.11 26.85
N ASP C 412 -1.56 27.70 26.34
CA ASP C 412 -0.45 28.09 27.18
C ASP C 412 -0.12 29.58 27.10
N LYS C 413 0.51 30.07 28.18
CA LYS C 413 0.76 31.50 28.31
C LYS C 413 1.58 32.04 27.13
N GLU C 414 2.42 31.21 26.53
CA GLU C 414 3.14 31.65 25.33
C GLU C 414 2.18 31.83 24.14
N THR C 415 1.37 30.83 23.82
CA THR C 415 0.43 30.98 22.69
C THR C 415 -0.59 32.08 22.97
N PHE C 416 -0.98 32.20 24.23
CA PHE C 416 -1.92 33.23 24.65
C PHE C 416 -1.33 34.62 24.47
N ASP C 417 -0.12 34.86 24.99
CA ASP C 417 0.53 36.14 24.77
C ASP C 417 0.69 36.46 23.30
N ARG C 418 1.05 35.46 22.48
CA ARG C 418 1.15 35.72 21.06
C ARG C 418 -0.15 36.33 20.54
N ILE C 419 -1.29 35.73 20.87
CA ILE C 419 -2.50 36.25 20.27
C ILE C 419 -2.90 37.59 20.90
N LEU C 420 -2.66 37.77 22.20
CA LEU C 420 -3.00 39.06 22.81
C LEU C 420 -2.15 40.20 22.27
N SER C 421 -1.01 39.91 21.66
CA SER C 421 -0.22 40.95 21.01
C SER C 421 -1.00 41.67 19.91
N ARG C 422 -2.10 41.07 19.42
CA ARG C 422 -2.92 41.68 18.38
C ARG C 422 -4.32 42.03 18.86
N TYR C 423 -4.53 42.18 20.17
CA TYR C 423 -5.78 42.69 20.73
C TYR C 423 -5.53 43.54 21.97
N PRO C 424 -4.75 44.65 21.86
CA PRO C 424 -4.37 45.44 23.04
C PRO C 424 -5.52 45.82 23.97
N GLU C 425 -6.70 45.99 23.38
CA GLU C 425 -7.89 46.37 24.13
C GLU C 425 -8.29 45.33 25.18
N ILE C 426 -7.91 44.06 25.00
CA ILE C 426 -8.14 43.02 26.00
C ILE C 426 -6.85 42.77 26.79
N ALA C 427 -5.70 42.96 26.12
CA ALA C 427 -4.42 42.76 26.78
C ALA C 427 -4.29 43.66 28.00
N ALA C 428 -4.78 44.90 27.90
CA ALA C 428 -4.75 45.81 29.04
C ALA C 428 -5.59 45.28 30.21
N GLN C 429 -6.76 44.70 29.91
CA GLN C 429 -7.61 44.15 30.97
C GLN C 429 -6.91 43.01 31.70
N ILE C 430 -6.28 42.11 30.93
CA ILE C 430 -5.52 41.02 31.52
C ILE C 430 -4.36 41.56 32.36
N GLN C 431 -3.66 42.57 31.84
CA GLN C 431 -2.51 43.14 32.54
C GLN C 431 -2.91 43.76 33.87
N GLU C 432 -4.02 44.50 33.90
CA GLU C 432 -4.43 45.17 35.13
C GLU C 432 -5.15 44.25 36.13
N LEU C 433 -5.54 43.04 35.72
CA LEU C 433 -6.21 42.15 36.66
C LEU C 433 -5.28 41.59 37.75
N ALA C 434 -3.97 41.53 37.51
CA ALA C 434 -3.03 41.00 38.49
C ALA C 434 -2.87 41.91 39.72
N THR D 29 -16.41 -11.33 32.11
CA THR D 29 -15.59 -12.53 31.92
C THR D 29 -16.37 -13.74 31.34
N TYR D 30 -17.29 -14.36 32.08
CA TYR D 30 -17.89 -15.63 31.64
C TYR D 30 -18.70 -15.53 30.35
N THR D 31 -19.03 -14.33 29.87
CA THR D 31 -19.74 -14.19 28.60
C THR D 31 -18.94 -14.80 27.44
N LEU D 32 -17.62 -14.90 27.59
CA LEU D 32 -16.81 -15.62 26.58
C LEU D 32 -17.23 -17.07 26.46
N VAL D 33 -17.38 -17.77 27.59
CA VAL D 33 -17.81 -19.16 27.56
C VAL D 33 -19.21 -19.29 26.97
N TRP D 34 -20.09 -18.31 27.26
CA TRP D 34 -21.42 -18.33 26.66
C TRP D 34 -21.38 -18.17 25.14
N LYS D 35 -20.62 -17.20 24.65
CA LYS D 35 -20.57 -17.04 23.20
C LYS D 35 -19.83 -18.19 22.52
N VAL D 36 -18.93 -18.88 23.23
CA VAL D 36 -18.37 -20.13 22.71
C VAL D 36 -19.43 -21.25 22.71
N TRP D 37 -20.31 -21.29 23.70
CA TRP D 37 -21.43 -22.21 23.65
C TRP D 37 -22.38 -21.90 22.50
N ILE D 38 -22.69 -20.63 22.26
CA ILE D 38 -23.54 -20.25 21.14
C ILE D 38 -22.85 -20.49 19.81
N LEU D 39 -21.52 -20.36 19.75
CA LEU D 39 -20.78 -20.84 18.59
C LEU D 39 -20.99 -22.34 18.39
N ALA D 40 -20.84 -23.13 19.45
CA ALA D 40 -21.03 -24.57 19.31
C ALA D 40 -22.46 -24.92 18.91
N VAL D 41 -23.43 -24.13 19.36
CA VAL D 41 -24.83 -24.34 19.01
C VAL D 41 -25.11 -23.97 17.54
N THR D 42 -24.59 -22.84 17.07
CA THR D 42 -24.82 -22.51 15.66
C THR D 42 -24.02 -23.42 14.75
N LEU D 43 -22.84 -23.88 15.20
CA LEU D 43 -22.08 -24.85 14.42
C LEU D 43 -22.81 -26.18 14.34
N TYR D 44 -23.43 -26.61 15.45
CA TYR D 44 -24.32 -27.77 15.44
C TYR D 44 -25.44 -27.61 14.43
N TYR D 45 -26.14 -26.46 14.44
CA TYR D 45 -27.21 -26.27 13.46
C TYR D 45 -26.70 -26.21 12.02
N ALA D 46 -25.56 -25.54 11.79
CA ALA D 46 -25.01 -25.46 10.44
C ALA D 46 -24.64 -26.84 9.91
N ILE D 47 -24.53 -27.85 10.79
CA ILE D 47 -24.09 -29.22 10.38
C ILE D 47 -25.23 -30.23 10.50
N ARG D 48 -26.32 -29.93 11.19
CA ARG D 48 -27.47 -30.86 11.25
C ARG D 48 -28.62 -30.35 10.38
N ILE D 49 -28.93 -29.07 10.40
CA ILE D 49 -30.12 -28.65 9.59
C ILE D 49 -29.95 -29.17 8.15
N PRO D 50 -28.94 -28.80 7.32
CA PRO D 50 -28.86 -29.34 5.96
C PRO D 50 -28.77 -30.85 5.90
N LEU D 51 -28.16 -31.50 6.90
CA LEU D 51 -28.04 -32.95 6.87
C LEU D 51 -29.39 -33.63 7.12
N THR D 52 -30.21 -33.10 8.03
CA THR D 52 -31.52 -33.68 8.28
C THR D 52 -32.54 -33.34 7.19
N LEU D 53 -32.30 -32.28 6.40
CA LEU D 53 -33.10 -32.10 5.20
C LEU D 53 -32.90 -33.24 4.20
N VAL D 54 -31.74 -33.89 4.22
CA VAL D 54 -31.47 -35.04 3.34
C VAL D 54 -31.87 -36.35 4.01
N PHE D 55 -31.60 -36.49 5.31
CA PHE D 55 -31.86 -37.70 6.09
C PHE D 55 -32.79 -37.37 7.24
N PRO D 56 -34.11 -37.34 7.02
CA PRO D 56 -35.06 -37.14 8.11
C PRO D 56 -34.93 -38.17 9.23
N SER D 57 -34.30 -39.28 8.89
CA SER D 57 -34.14 -40.39 9.85
C SER D 57 -32.97 -40.07 10.75
N LEU D 58 -32.86 -38.82 11.16
CA LEU D 58 -31.75 -38.43 12.05
C LEU D 58 -32.33 -37.32 12.88
N PHE D 59 -33.46 -36.83 12.39
CA PHE D 59 -34.10 -35.73 13.11
C PHE D 59 -34.33 -36.07 14.58
N SER D 60 -35.09 -37.12 14.86
CA SER D 60 -35.51 -37.39 16.23
C SER D 60 -34.42 -37.94 17.16
N PRO D 61 -33.47 -38.78 16.69
CA PRO D 61 -32.39 -39.21 17.60
C PRO D 61 -31.57 -38.05 18.17
N LEU D 62 -31.56 -36.90 17.52
CA LEU D 62 -30.86 -35.71 17.99
C LEU D 62 -31.82 -34.63 18.50
N LEU D 63 -33.11 -34.94 18.63
CA LEU D 63 -34.07 -33.99 19.18
C LEU D 63 -33.72 -33.49 20.59
N PRO D 64 -33.17 -34.28 21.50
CA PRO D 64 -32.71 -33.69 22.78
C PRO D 64 -31.71 -32.55 22.58
N LEU D 65 -30.71 -32.75 21.73
CA LEU D 65 -29.74 -31.70 21.43
C LEU D 65 -30.41 -30.54 20.70
N ASP D 66 -31.39 -30.83 19.86
CA ASP D 66 -32.14 -29.80 19.14
C ASP D 66 -32.92 -28.90 20.09
N ILE D 67 -33.65 -29.50 21.03
CA ILE D 67 -34.37 -28.72 22.04
C ILE D 67 -33.40 -27.88 22.85
N LEU D 68 -32.30 -28.50 23.31
CA LEU D 68 -31.30 -27.74 24.06
C LEU D 68 -30.74 -26.59 23.25
N ALA D 69 -30.43 -26.83 21.97
CA ALA D 69 -29.85 -25.80 21.11
C ALA D 69 -30.84 -24.68 20.84
N SER D 70 -32.10 -25.02 20.59
CA SER D 70 -33.12 -24.00 20.33
C SER D 70 -33.39 -23.16 21.57
N LEU D 71 -33.46 -23.81 22.73
CA LEU D 71 -33.56 -23.08 23.98
C LEU D 71 -32.33 -22.19 24.20
N ALA D 72 -31.16 -22.63 23.74
CA ALA D 72 -29.95 -21.82 23.88
C ALA D 72 -30.01 -20.58 22.99
N LEU D 73 -30.49 -20.72 21.75
CA LEU D 73 -30.66 -19.55 20.89
C LEU D 73 -31.70 -18.59 21.46
N ILE D 74 -32.79 -19.13 22.01
CA ILE D 74 -33.78 -18.30 22.68
C ILE D 74 -33.19 -17.61 23.90
N ALA D 75 -32.29 -18.30 24.61
CA ALA D 75 -31.63 -17.72 25.78
C ALA D 75 -30.66 -16.62 25.38
N ASP D 76 -30.09 -16.71 24.19
CA ASP D 76 -29.13 -15.69 23.76
C ASP D 76 -29.79 -14.40 23.27
N ILE D 77 -30.96 -14.41 22.62
CA ILE D 77 -31.50 -13.16 22.07
C ILE D 77 -31.73 -12.07 23.13
N PRO D 78 -32.18 -12.36 24.39
CA PRO D 78 -32.12 -11.31 25.43
C PRO D 78 -30.73 -11.06 26.00
N LEU D 79 -29.97 -12.14 26.21
CA LEU D 79 -28.67 -12.03 26.86
C LEU D 79 -27.64 -11.29 26.01
N ASP D 80 -27.86 -11.20 24.70
CA ASP D 80 -27.02 -10.38 23.82
C ASP D 80 -27.08 -8.89 24.17
N LEU D 81 -28.09 -8.47 24.92
CA LEU D 81 -28.20 -7.09 25.40
C LEU D 81 -27.28 -6.81 26.58
N ALA D 82 -26.71 -7.84 27.21
CA ALA D 82 -25.79 -7.67 28.32
C ALA D 82 -24.36 -7.55 27.79
N PHE D 83 -23.71 -6.43 28.10
CA PHE D 83 -22.38 -6.08 27.57
C PHE D 83 -22.34 -6.24 26.05
N GLU D 84 -23.13 -5.41 25.38
CA GLU D 84 -23.38 -5.46 23.94
C GLU D 84 -22.11 -5.49 23.09
N SER D 99 -30.06 -4.32 12.75
CA SER D 99 -28.92 -5.21 12.62
C SER D 99 -28.93 -6.36 13.64
N ARG D 100 -29.97 -6.43 14.47
CA ARG D 100 -30.18 -7.61 15.30
C ARG D 100 -31.16 -8.60 14.68
N LEU D 101 -31.64 -8.32 13.48
CA LEU D 101 -32.55 -9.23 12.78
C LEU D 101 -31.99 -10.64 12.62
N PRO D 102 -30.70 -10.87 12.29
CA PRO D 102 -30.23 -12.27 12.22
C PRO D 102 -30.42 -13.04 13.52
N ASP D 103 -30.19 -12.40 14.67
CA ASP D 103 -30.44 -13.06 15.97
C ASP D 103 -31.93 -13.33 16.16
N LEU D 104 -32.77 -12.36 15.81
CA LEU D 104 -34.22 -12.50 15.98
C LEU D 104 -34.76 -13.63 15.12
N LEU D 105 -34.32 -13.71 13.86
CA LEU D 105 -34.76 -14.78 12.97
C LEU D 105 -34.24 -16.14 13.43
N ALA D 106 -32.98 -16.22 13.85
CA ALA D 106 -32.43 -17.51 14.27
C ALA D 106 -33.04 -18.01 15.56
N ALA D 107 -33.60 -17.12 16.40
CA ALA D 107 -34.28 -17.58 17.60
C ALA D 107 -35.59 -18.31 17.28
N LEU D 108 -36.20 -18.02 16.13
CA LEU D 108 -37.48 -18.62 15.75
C LEU D 108 -37.31 -20.07 15.31
N PRO D 109 -38.00 -21.05 15.96
CA PRO D 109 -37.76 -22.48 15.72
C PRO D 109 -38.50 -23.06 14.52
N LEU D 110 -38.28 -22.47 13.34
CA LEU D 110 -38.89 -22.99 12.12
C LEU D 110 -38.37 -24.38 11.74
N ASP D 111 -37.21 -24.77 12.27
CA ASP D 111 -36.70 -26.12 12.06
C ASP D 111 -37.57 -27.16 12.74
N LEU D 112 -37.83 -26.99 14.04
CA LEU D 112 -38.74 -27.89 14.75
C LEU D 112 -40.11 -27.91 14.11
N LEU D 113 -40.54 -26.78 13.55
CA LEU D 113 -41.81 -26.74 12.84
C LEU D 113 -41.78 -27.62 11.59
N VAL D 114 -40.86 -27.35 10.66
CA VAL D 114 -40.90 -28.05 9.37
C VAL D 114 -40.55 -29.53 9.51
N PHE D 115 -39.63 -29.89 10.41
CA PHE D 115 -39.27 -31.31 10.57
C PHE D 115 -40.35 -32.11 11.29
N ALA D 116 -40.82 -31.63 12.44
CA ALA D 116 -41.78 -32.42 13.22
C ALA D 116 -43.12 -32.59 12.50
N LEU D 117 -43.44 -31.69 11.58
CA LEU D 117 -44.64 -31.77 10.77
C LEU D 117 -44.36 -32.32 9.36
N HIS D 118 -43.11 -32.68 9.05
CA HIS D 118 -42.70 -33.30 7.78
C HIS D 118 -43.17 -32.54 6.53
N LEU D 119 -42.86 -31.24 6.47
CA LEU D 119 -43.29 -30.40 5.36
C LEU D 119 -42.52 -30.70 4.07
N PRO D 120 -43.14 -30.43 2.90
CA PRO D 120 -42.47 -30.66 1.62
C PRO D 120 -41.21 -29.82 1.46
N SER D 121 -40.22 -30.35 0.73
CA SER D 121 -38.89 -29.78 0.66
C SER D 121 -38.84 -28.29 0.30
N PRO D 122 -39.57 -27.81 -0.72
CA PRO D 122 -39.47 -26.38 -1.09
C PRO D 122 -39.79 -25.44 0.05
N LEU D 123 -40.65 -25.85 0.98
CA LEU D 123 -40.95 -25.08 2.17
C LEU D 123 -40.08 -25.46 3.36
N SER D 124 -39.64 -26.72 3.40
CA SER D 124 -38.82 -27.21 4.50
C SER D 124 -37.47 -26.50 4.59
N LEU D 125 -37.00 -25.91 3.47
CA LEU D 125 -35.79 -25.09 3.52
C LEU D 125 -35.85 -23.94 4.54
N LEU D 126 -37.03 -23.55 5.02
CA LEU D 126 -37.12 -22.52 6.05
C LEU D 126 -36.47 -22.95 7.38
N SER D 127 -36.16 -24.23 7.55
CA SER D 127 -35.37 -24.65 8.69
C SER D 127 -34.01 -23.96 8.72
N LEU D 128 -33.51 -23.53 7.56
CA LEU D 128 -32.20 -22.91 7.47
C LEU D 128 -32.10 -21.56 8.20
N VAL D 129 -33.20 -21.01 8.72
CA VAL D 129 -33.08 -19.73 9.42
C VAL D 129 -32.19 -19.82 10.66
N ARG D 130 -31.95 -21.02 11.19
CA ARG D 130 -31.00 -21.11 12.30
C ARG D 130 -29.64 -20.58 11.88
N LEU D 131 -29.22 -20.89 10.67
CA LEU D 131 -27.90 -20.53 10.19
C LEU D 131 -27.69 -19.03 10.08
N LEU D 132 -28.76 -18.23 10.14
CA LEU D 132 -28.58 -16.79 10.25
C LEU D 132 -27.81 -16.41 11.50
N LYS D 133 -27.81 -17.27 12.52
CA LYS D 133 -26.98 -17.04 13.71
C LYS D 133 -25.49 -16.98 13.39
N LEU D 134 -25.05 -17.59 12.29
CA LEU D 134 -23.65 -17.48 11.88
C LEU D 134 -23.24 -16.03 11.65
N ILE D 135 -24.16 -15.18 11.19
CA ILE D 135 -23.87 -13.76 11.02
C ILE D 135 -23.56 -13.12 12.38
N SER D 136 -24.42 -13.40 13.36
CA SER D 136 -24.21 -12.89 14.71
C SER D 136 -22.93 -13.43 15.32
N VAL D 137 -22.62 -14.70 15.06
CA VAL D 137 -21.44 -15.32 15.67
C VAL D 137 -20.16 -14.84 15.01
N GLN D 138 -20.19 -14.56 13.70
CA GLN D 138 -19.03 -13.92 13.07
C GLN D 138 -18.81 -12.52 13.62
N ARG D 139 -19.88 -11.72 13.77
CA ARG D 139 -19.72 -10.44 14.43
C ARG D 139 -19.34 -10.57 15.91
N SER D 140 -19.66 -11.69 16.56
CA SER D 140 -19.15 -11.91 17.91
C SER D 140 -17.66 -12.22 17.87
N ALA D 141 -17.22 -13.01 16.90
CA ALA D 141 -15.80 -13.36 16.78
C ALA D 141 -14.96 -12.12 16.51
N THR D 142 -15.41 -11.24 15.61
CA THR D 142 -14.67 -10.00 15.36
C THR D 142 -14.78 -9.00 16.52
N ARG D 143 -15.41 -9.40 17.64
CA ARG D 143 -15.36 -8.64 18.88
C ARG D 143 -14.56 -9.33 19.97
N ILE D 144 -14.74 -10.64 20.15
CA ILE D 144 -14.15 -11.35 21.28
C ILE D 144 -12.74 -11.90 21.02
N LEU D 145 -12.22 -11.78 19.81
CA LEU D 145 -10.80 -12.09 19.58
C LEU D 145 -10.09 -11.17 18.59
N SER D 146 -10.70 -10.06 18.18
CA SER D 146 -10.06 -9.12 17.26
C SER D 146 -8.99 -8.25 17.92
N TYR D 147 -8.98 -8.15 19.24
CA TYR D 147 -7.89 -7.47 19.93
C TYR D 147 -6.63 -8.32 19.99
N ARG D 148 -6.78 -9.65 19.89
CA ARG D 148 -5.71 -10.62 20.03
C ARG D 148 -5.15 -11.10 18.69
N ILE D 149 -6.02 -11.33 17.70
CA ILE D 149 -5.66 -11.92 16.42
C ILE D 149 -5.72 -10.87 15.31
N ASN D 150 -4.74 -10.92 14.42
CA ASN D 150 -4.62 -10.04 13.26
C ASN D 150 -5.91 -10.07 12.44
N PRO D 151 -6.54 -8.91 12.17
CA PRO D 151 -7.83 -8.91 11.47
C PRO D 151 -7.80 -9.54 10.07
N ALA D 152 -6.68 -9.48 9.36
CA ALA D 152 -6.57 -10.16 8.07
C ALA D 152 -6.64 -11.67 8.24
N LEU D 153 -5.95 -12.20 9.26
CA LEU D 153 -6.00 -13.63 9.53
C LEU D 153 -7.31 -14.05 10.15
N LEU D 154 -7.91 -13.21 10.98
CA LEU D 154 -9.23 -13.52 11.53
C LEU D 154 -10.28 -13.59 10.44
N ARG D 155 -10.21 -12.69 9.46
CA ARG D 155 -11.11 -12.79 8.31
C ARG D 155 -10.85 -14.10 7.56
N LEU D 156 -9.58 -14.49 7.40
CA LEU D 156 -9.29 -15.75 6.71
C LEU D 156 -9.84 -16.97 7.45
N LEU D 157 -9.63 -17.05 8.77
CA LEU D 157 -10.17 -18.19 9.51
C LEU D 157 -11.69 -18.18 9.51
N SER D 158 -12.31 -17.00 9.59
CA SER D 158 -13.77 -16.91 9.50
C SER D 158 -14.27 -17.36 8.13
N LEU D 159 -13.56 -17.00 7.06
CA LEU D 159 -13.93 -17.42 5.72
C LEU D 159 -13.73 -18.91 5.51
N VAL D 160 -12.60 -19.45 5.95
CA VAL D 160 -12.35 -20.88 5.82
C VAL D 160 -13.40 -21.68 6.60
N GLY D 161 -13.77 -21.20 7.79
CA GLY D 161 -14.87 -21.82 8.50
C GLY D 161 -16.17 -21.78 7.71
N PHE D 162 -16.50 -20.61 7.16
CA PHE D 162 -17.70 -20.50 6.33
C PHE D 162 -17.64 -21.40 5.11
N ILE D 163 -16.46 -21.56 4.50
CA ILE D 163 -16.34 -22.39 3.31
C ILE D 163 -16.52 -23.86 3.67
N LEU D 164 -16.02 -24.30 4.82
CA LEU D 164 -16.28 -25.68 5.23
C LEU D 164 -17.75 -25.90 5.58
N LEU D 165 -18.40 -24.93 6.24
CA LEU D 165 -19.83 -25.07 6.51
C LEU D 165 -20.66 -24.99 5.23
N ALA D 166 -20.27 -24.12 4.31
CA ALA D 166 -20.94 -24.04 3.02
C ALA D 166 -20.76 -25.33 2.24
N ALA D 167 -19.54 -25.87 2.23
CA ALA D 167 -19.29 -27.14 1.57
C ALA D 167 -20.19 -28.24 2.12
N HIS D 168 -20.31 -28.32 3.44
CA HIS D 168 -21.27 -29.25 4.04
C HIS D 168 -22.69 -29.03 3.52
N GLY D 169 -23.17 -27.79 3.55
CA GLY D 169 -24.52 -27.53 3.06
C GLY D 169 -24.68 -27.86 1.58
N ILE D 170 -23.65 -27.57 0.80
CA ILE D 170 -23.67 -27.76 -0.65
C ILE D 170 -23.63 -29.24 -0.98
N ALA D 171 -22.90 -30.02 -0.19
CA ALA D 171 -22.94 -31.47 -0.31
C ALA D 171 -24.35 -31.99 -0.05
N CYS D 172 -25.02 -31.43 0.96
CA CYS D 172 -26.39 -31.86 1.21
C CYS D 172 -27.33 -31.47 0.07
N GLY D 173 -27.12 -30.29 -0.52
CA GLY D 173 -27.89 -29.93 -1.71
C GLY D 173 -27.66 -30.89 -2.87
N TRP D 174 -26.42 -31.34 -3.05
CA TRP D 174 -26.11 -32.32 -4.08
C TRP D 174 -26.85 -33.63 -3.80
N MET D 175 -26.76 -34.13 -2.57
CA MET D 175 -27.47 -35.35 -2.21
C MET D 175 -28.97 -35.22 -2.40
N SER D 176 -29.52 -34.03 -2.16
CA SER D 176 -30.94 -33.81 -2.31
C SER D 176 -31.38 -33.96 -3.78
N LEU D 177 -30.52 -33.52 -4.70
CA LEU D 177 -30.78 -33.58 -6.14
C LEU D 177 -30.38 -34.91 -6.76
N GLN D 178 -29.72 -35.79 -6.00
CA GLN D 178 -29.25 -37.06 -6.51
C GLN D 178 -30.41 -38.06 -6.63
N PRO D 179 -30.40 -38.94 -7.64
CA PRO D 179 -31.45 -39.95 -7.75
C PRO D 179 -31.48 -40.86 -6.53
N PRO D 180 -32.66 -41.22 -6.02
CA PRO D 180 -32.72 -42.10 -4.85
C PRO D 180 -32.06 -43.45 -5.13
N SER D 181 -31.23 -43.90 -4.18
CA SER D 181 -30.47 -45.13 -4.38
C SER D 181 -30.07 -45.76 -3.05
N GLU D 182 -29.86 -47.07 -3.07
CA GLU D 182 -29.48 -47.86 -1.90
C GLU D 182 -27.96 -47.86 -1.72
N ASN D 183 -27.46 -46.79 -1.11
CA ASN D 183 -26.08 -46.65 -0.66
C ASN D 183 -26.07 -46.17 0.78
N PRO D 184 -25.05 -46.55 1.55
CA PRO D 184 -24.94 -46.05 2.92
C PRO D 184 -24.87 -44.54 2.97
N ALA D 185 -25.47 -43.98 4.01
CA ALA D 185 -25.59 -42.53 4.12
C ALA D 185 -24.22 -41.85 4.12
N GLY D 186 -23.24 -42.44 4.82
CA GLY D 186 -21.91 -41.87 4.84
C GLY D 186 -21.19 -41.91 3.51
N THR D 187 -21.45 -42.96 2.71
CA THR D 187 -20.78 -43.06 1.41
C THR D 187 -21.37 -42.06 0.40
N ARG D 188 -22.68 -41.87 0.42
CA ARG D 188 -23.27 -40.86 -0.45
C ARG D 188 -22.87 -39.46 -0.01
N TYR D 189 -22.82 -39.23 1.31
CA TYR D 189 -22.31 -37.96 1.80
C TYR D 189 -20.85 -37.74 1.40
N LEU D 190 -20.02 -38.78 1.52
CA LEU D 190 -18.61 -38.64 1.15
C LEU D 190 -18.46 -38.31 -0.33
N SER D 191 -19.26 -38.95 -1.19
CA SER D 191 -19.23 -38.62 -2.61
C SER D 191 -19.69 -37.19 -2.85
N ALA D 192 -20.70 -36.73 -2.10
CA ALA D 192 -21.18 -35.35 -2.27
C ALA D 192 -20.16 -34.33 -1.75
N PHE D 193 -19.51 -34.63 -0.63
CA PHE D 193 -18.51 -33.73 -0.08
C PHE D 193 -17.27 -33.70 -0.95
N TYR D 194 -16.90 -34.86 -1.50
CA TYR D 194 -15.87 -34.93 -2.52
C TYR D 194 -16.22 -34.05 -3.72
N TRP D 195 -17.45 -34.18 -4.24
CA TRP D 195 -17.84 -33.34 -5.38
C TRP D 195 -17.75 -31.86 -5.04
N THR D 196 -18.28 -31.46 -3.87
CA THR D 196 -18.29 -30.03 -3.58
C THR D 196 -16.88 -29.50 -3.38
N ILE D 197 -16.02 -30.22 -2.66
CA ILE D 197 -14.65 -29.72 -2.50
C ILE D 197 -13.92 -29.73 -3.85
N THR D 198 -14.19 -30.73 -4.70
CA THR D 198 -13.68 -30.73 -6.07
C THR D 198 -14.08 -29.46 -6.81
N THR D 199 -15.31 -28.98 -6.57
CA THR D 199 -15.83 -27.81 -7.27
C THR D 199 -15.30 -26.51 -6.67
N LEU D 200 -15.43 -26.36 -5.34
CA LEU D 200 -15.10 -25.11 -4.66
C LEU D 200 -13.62 -24.78 -4.77
N THR D 201 -12.74 -25.78 -4.63
CA THR D 201 -11.29 -25.57 -4.80
C THR D 201 -10.91 -25.34 -6.27
N THR D 202 -11.88 -25.46 -7.18
CA THR D 202 -11.76 -25.38 -8.64
C THR D 202 -10.88 -26.47 -9.24
N ILE D 203 -10.75 -27.61 -8.57
CA ILE D 203 -9.94 -28.71 -9.10
C ILE D 203 -10.69 -29.51 -10.17
N GLY D 204 -11.97 -29.80 -9.96
CA GLY D 204 -12.83 -30.24 -11.05
C GLY D 204 -12.47 -31.49 -11.82
N TYR D 205 -12.24 -32.60 -11.10
CA TYR D 205 -11.85 -33.86 -11.72
C TYR D 205 -12.84 -34.30 -12.79
N GLY D 206 -14.15 -34.23 -12.49
CA GLY D 206 -15.18 -34.59 -13.45
C GLY D 206 -15.67 -36.01 -13.36
N ASP D 207 -15.17 -36.80 -12.41
CA ASP D 207 -15.69 -38.15 -12.19
C ASP D 207 -17.07 -38.12 -11.53
N ILE D 208 -17.38 -37.07 -10.77
CA ILE D 208 -18.75 -36.77 -10.34
C ILE D 208 -19.19 -35.50 -11.05
N THR D 209 -20.29 -35.58 -11.81
CA THR D 209 -20.82 -34.48 -12.60
C THR D 209 -22.32 -34.62 -12.74
N PRO D 210 -23.03 -33.55 -13.11
CA PRO D 210 -24.47 -33.61 -13.32
C PRO D 210 -24.91 -34.63 -14.37
N SER D 211 -25.96 -35.38 -14.04
CA SER D 211 -26.66 -36.24 -14.99
C SER D 211 -28.03 -35.70 -15.40
N THR D 212 -28.50 -34.61 -14.79
CA THR D 212 -29.84 -34.10 -14.99
C THR D 212 -29.84 -32.58 -15.01
N PRO D 213 -30.90 -31.96 -15.57
CA PRO D 213 -30.93 -30.49 -15.64
C PRO D 213 -30.82 -29.77 -14.29
N THR D 214 -31.55 -30.21 -13.26
CA THR D 214 -31.50 -29.49 -11.99
C THR D 214 -30.14 -29.62 -11.32
N GLN D 215 -29.52 -30.80 -11.44
CA GLN D 215 -28.13 -30.95 -11.00
C GLN D 215 -27.20 -30.03 -11.78
N THR D 216 -27.49 -29.80 -13.06
CA THR D 216 -26.65 -28.93 -13.87
C THR D 216 -26.78 -27.46 -13.46
N VAL D 217 -28.02 -26.99 -13.27
CA VAL D 217 -28.25 -25.64 -12.76
C VAL D 217 -27.59 -25.47 -11.40
N TYR D 218 -27.78 -26.46 -10.54
CA TYR D 218 -27.17 -26.42 -9.21
C TYR D 218 -25.66 -26.36 -9.31
N THR D 219 -25.07 -27.11 -10.23
CA THR D 219 -23.63 -27.08 -10.42
C THR D 219 -23.18 -25.71 -10.93
N ILE D 220 -23.92 -25.12 -11.86
CA ILE D 220 -23.58 -23.78 -12.34
C ILE D 220 -23.52 -22.80 -11.18
N VAL D 221 -24.51 -22.87 -10.30
CA VAL D 221 -24.54 -22.00 -9.13
C VAL D 221 -23.35 -22.28 -8.20
N ILE D 222 -23.11 -23.56 -7.88
CA ILE D 222 -22.04 -23.92 -6.95
C ILE D 222 -20.66 -23.68 -7.55
N GLU D 223 -20.55 -23.71 -8.87
CA GLU D 223 -19.31 -23.35 -9.55
C GLU D 223 -19.03 -21.87 -9.42
N LEU D 224 -20.04 -21.04 -9.69
CA LEU D 224 -19.87 -19.59 -9.50
C LEU D 224 -19.58 -19.26 -8.04
N LEU D 225 -20.28 -19.93 -7.13
CA LEU D 225 -20.03 -19.75 -5.71
C LEU D 225 -18.65 -20.24 -5.31
N GLY D 226 -18.18 -21.33 -5.90
CA GLY D 226 -16.85 -21.81 -5.60
C GLY D 226 -15.76 -20.90 -6.14
N ALA D 227 -15.97 -20.37 -7.34
CA ALA D 227 -15.04 -19.39 -7.87
C ALA D 227 -15.00 -18.16 -6.98
N ALA D 228 -16.15 -17.70 -6.51
CA ALA D 228 -16.18 -16.56 -5.59
C ALA D 228 -15.51 -16.87 -4.27
N MET D 229 -15.79 -18.05 -3.70
CA MET D 229 -15.20 -18.42 -2.42
C MET D 229 -13.69 -18.59 -2.52
N TYR D 230 -13.22 -19.26 -3.57
CA TYR D 230 -11.77 -19.42 -3.75
C TYR D 230 -11.12 -18.09 -4.12
N GLY D 231 -11.85 -17.19 -4.78
CA GLY D 231 -11.33 -15.85 -4.99
C GLY D 231 -11.19 -15.09 -3.68
N LEU D 232 -12.17 -15.25 -2.78
CA LEU D 232 -12.06 -14.65 -1.45
C LEU D 232 -10.89 -15.25 -0.67
N VAL D 233 -10.68 -16.56 -0.78
CA VAL D 233 -9.53 -17.19 -0.11
C VAL D 233 -8.22 -16.63 -0.65
N ILE D 234 -8.07 -16.58 -1.97
CA ILE D 234 -6.84 -16.04 -2.56
C ILE D 234 -6.68 -14.58 -2.20
N GLY D 235 -7.76 -13.80 -2.24
CA GLY D 235 -7.66 -12.39 -1.91
C GLY D 235 -7.32 -12.14 -0.46
N ASN D 236 -7.92 -12.92 0.45
CA ASN D 236 -7.52 -12.86 1.85
C ASN D 236 -6.04 -13.20 2.02
N ILE D 237 -5.58 -14.28 1.40
CA ILE D 237 -4.18 -14.67 1.56
C ILE D 237 -3.25 -13.63 0.95
N ALA D 238 -3.66 -13.03 -0.17
CA ALA D 238 -2.86 -11.96 -0.77
C ALA D 238 -2.78 -10.75 0.16
N SER D 239 -3.92 -10.35 0.74
CA SER D 239 -3.93 -9.21 1.66
C SER D 239 -3.09 -9.52 2.89
N LEU D 240 -3.10 -10.76 3.34
CA LEU D 240 -2.35 -11.14 4.53
C LEU D 240 -0.85 -11.14 4.27
N VAL D 241 -0.43 -11.81 3.19
CA VAL D 241 0.99 -11.91 2.83
C VAL D 241 1.57 -10.55 2.45
N SER D 242 0.77 -9.71 1.80
CA SER D 242 1.22 -8.37 1.44
C SER D 242 1.64 -7.55 2.65
N LYS D 243 1.28 -7.99 3.85
CA LYS D 243 1.51 -7.25 5.09
C LYS D 243 2.28 -8.05 6.13
N LEU D 244 2.89 -9.18 5.75
CA LEU D 244 3.59 -10.03 6.74
C LEU D 244 4.90 -9.41 7.20
N ASP D 245 5.64 -8.76 6.31
CA ASP D 245 6.93 -8.16 6.64
C ASP D 245 6.98 -6.68 6.25
N ALA D 246 5.86 -5.98 6.43
CA ALA D 246 5.73 -4.60 5.96
C ALA D 246 6.83 -3.69 6.51
N ALA D 247 7.22 -3.90 7.77
CA ALA D 247 8.29 -3.10 8.36
C ALA D 247 9.62 -3.35 7.67
N LYS D 248 9.89 -4.61 7.31
CA LYS D 248 11.15 -4.98 6.69
C LYS D 248 11.24 -4.49 5.24
N LEU D 249 10.13 -4.55 4.50
CA LEU D 249 10.12 -4.00 3.15
C LEU D 249 10.15 -2.48 3.16
N LEU D 250 9.49 -1.84 4.12
CA LEU D 250 9.61 -0.38 4.27
C LEU D 250 11.04 0.03 4.58
N HIS D 251 11.70 -0.70 5.49
CA HIS D 251 13.12 -0.49 5.73
C HIS D 251 13.95 -0.69 4.47
N ARG D 252 13.74 -1.79 3.75
CA ARG D 252 14.49 -2.05 2.53
C ARG D 252 14.31 -0.93 1.51
N GLU D 253 13.11 -0.37 1.39
CA GLU D 253 12.97 0.69 0.39
C GLU D 253 13.56 2.01 0.86
N ARG D 254 13.67 2.27 2.18
CA ARG D 254 14.47 3.45 2.53
C ARG D 254 15.96 3.22 2.26
N VAL D 255 16.47 2.03 2.60
CA VAL D 255 17.87 1.70 2.28
C VAL D 255 18.11 1.80 0.78
N GLU D 256 17.19 1.39 -0.06
CA GLU D 256 17.44 1.56 -1.50
C GLU D 256 17.41 3.04 -1.87
N ARG D 257 16.38 3.79 -1.49
CA ARG D 257 16.34 5.23 -1.76
C ARG D 257 17.66 5.86 -1.33
N VAL D 258 18.17 5.56 -0.16
CA VAL D 258 19.39 6.23 0.33
C VAL D 258 20.57 5.73 -0.50
N THR D 259 20.64 4.46 -0.85
CA THR D 259 21.83 4.01 -1.57
C THR D 259 21.75 4.37 -3.05
N ALA D 260 20.54 4.44 -3.62
CA ALA D 260 20.39 4.93 -5.00
C ALA D 260 20.81 6.38 -5.10
N PHE D 261 20.28 7.22 -4.20
CA PHE D 261 20.63 8.63 -4.20
C PHE D 261 22.12 8.84 -3.97
N LEU D 262 22.69 8.14 -2.99
CA LEU D 262 24.12 8.30 -2.70
C LEU D 262 24.98 7.83 -3.86
N SER D 263 24.56 6.78 -4.57
CA SER D 263 25.28 6.37 -5.76
C SER D 263 25.20 7.43 -6.85
N TYR D 264 24.06 8.11 -6.98
CA TYR D 264 23.97 9.23 -7.91
C TYR D 264 24.91 10.37 -7.50
N LYS D 265 25.05 10.63 -6.21
CA LYS D 265 25.97 11.64 -5.70
C LYS D 265 27.43 11.18 -5.71
N ARG D 266 27.69 9.94 -6.15
CA ARG D 266 29.04 9.37 -6.29
C ARG D 266 29.82 9.40 -4.96
N ILE D 267 29.10 9.07 -3.88
CA ILE D 267 29.67 8.89 -2.56
C ILE D 267 30.61 7.68 -2.56
N SER D 268 31.68 7.73 -1.76
CA SER D 268 32.67 6.66 -1.77
C SER D 268 32.08 5.36 -1.21
N PRO D 269 32.56 4.21 -1.69
CA PRO D 269 32.10 2.92 -1.13
C PRO D 269 32.32 2.78 0.36
N GLU D 270 33.34 3.43 0.93
CA GLU D 270 33.55 3.37 2.38
C GLU D 270 32.42 4.04 3.15
N LEU D 271 31.98 5.22 2.71
CA LEU D 271 30.84 5.92 3.38
C LEU D 271 29.55 5.17 3.07
N GLN D 272 29.35 4.73 1.85
CA GLN D 272 28.06 4.11 1.53
C GLN D 272 28.00 2.78 2.28
N ARG D 273 29.07 2.42 2.98
CA ARG D 273 29.04 1.20 3.81
C ARG D 273 28.83 1.61 5.26
N ARG D 274 29.37 2.76 5.66
CA ARG D 274 29.09 3.24 7.03
C ARG D 274 27.61 3.59 7.08
N ILE D 275 26.97 3.73 5.92
CA ILE D 275 25.54 4.01 5.92
C ILE D 275 24.72 2.71 5.89
N ILE D 276 25.15 1.74 5.08
CA ILE D 276 24.49 0.43 5.08
C ILE D 276 24.64 -0.26 6.44
N GLU D 277 25.82 -0.18 7.06
CA GLU D 277 26.02 -0.79 8.37
C GLU D 277 25.15 -0.12 9.43
N TYR D 278 24.97 1.20 9.31
CA TYR D 278 24.04 1.91 10.19
C TYR D 278 22.61 1.40 10.02
N PHE D 279 22.16 1.22 8.78
CA PHE D 279 20.81 0.71 8.59
C PHE D 279 20.66 -0.74 9.05
N ASP D 280 21.70 -1.57 8.90
CA ASP D 280 21.66 -2.90 9.48
C ASP D 280 21.56 -2.84 11.01
N TYR D 281 22.33 -1.95 11.64
CA TYR D 281 22.20 -1.74 13.08
C TYR D 281 20.80 -1.28 13.47
N LEU D 282 20.25 -0.32 12.71
CA LEU D 282 18.94 0.23 13.02
C LEU D 282 17.85 -0.83 12.86
N TRP D 283 18.00 -1.71 11.87
CA TRP D 283 17.11 -2.87 11.75
C TRP D 283 17.25 -3.82 12.93
N GLU D 284 18.46 -4.32 13.20
CA GLU D 284 18.60 -5.38 14.19
C GLU D 284 18.34 -4.90 15.63
N THR D 285 18.45 -3.60 15.90
CA THR D 285 18.08 -3.07 17.22
C THR D 285 16.61 -2.66 17.26
N ARG D 286 16.18 -1.75 16.37
CA ARG D 286 14.90 -1.08 16.50
C ARG D 286 13.82 -1.56 15.53
N ARG D 287 14.20 -2.30 14.48
CA ARG D 287 13.35 -2.60 13.31
C ARG D 287 13.14 -1.39 12.40
N GLY D 288 14.15 -0.52 12.33
CA GLY D 288 14.20 0.54 11.34
C GLY D 288 13.44 1.81 11.68
N TYR D 289 12.82 1.88 12.85
CA TYR D 289 12.00 3.03 13.24
C TYR D 289 12.86 4.15 13.81
N GLU D 290 12.52 5.40 13.43
CA GLU D 290 13.17 6.58 13.99
C GLU D 290 12.57 6.92 15.34
N GLU D 291 13.43 7.14 16.35
CA GLU D 291 12.93 7.50 17.67
C GLU D 291 12.08 8.76 17.63
N ARG D 292 12.47 9.73 16.81
CA ARG D 292 11.68 10.95 16.68
C ARG D 292 10.26 10.65 16.20
N GLU D 293 10.15 9.81 15.15
CA GLU D 293 8.85 9.54 14.58
C GLU D 293 7.99 8.71 15.53
N VAL D 294 8.59 7.82 16.32
CA VAL D 294 7.83 6.99 17.24
C VAL D 294 7.31 7.80 18.43
N LEU D 295 8.17 8.64 19.03
CA LEU D 295 7.70 9.43 20.17
C LEU D 295 6.64 10.44 19.76
N LYS D 296 6.65 10.89 18.50
CA LYS D 296 5.59 11.80 18.07
C LYS D 296 4.21 11.12 17.94
N GLU D 297 4.17 9.78 17.94
CA GLU D 297 2.92 9.03 17.90
C GLU D 297 2.41 8.66 19.30
N LEU D 298 2.95 9.30 20.35
CA LEU D 298 2.48 9.27 21.72
C LEU D 298 1.97 10.65 22.15
N PRO D 299 0.94 10.71 23.00
CA PRO D 299 0.48 11.99 23.53
C PRO D 299 1.42 12.49 24.60
N HIS D 300 1.33 13.79 24.87
CA HIS D 300 2.33 14.44 25.72
C HIS D 300 2.55 13.77 27.07
N PRO D 301 1.51 13.42 27.85
CA PRO D 301 1.79 12.77 29.14
C PRO D 301 2.53 11.43 29.03
N LEU D 302 2.22 10.64 28.02
CA LEU D 302 2.93 9.38 27.84
C LEU D 302 4.31 9.58 27.21
N ARG D 303 4.44 10.55 26.30
CA ARG D 303 5.76 10.91 25.78
C ARG D 303 6.67 11.36 26.91
N LEU D 304 6.13 12.14 27.84
CA LEU D 304 6.85 12.52 29.05
C LEU D 304 7.18 11.31 29.91
N ALA D 305 6.23 10.40 30.11
CA ALA D 305 6.51 9.23 30.95
C ALA D 305 7.61 8.36 30.34
N VAL D 306 7.59 8.18 29.02
CA VAL D 306 8.64 7.46 28.32
C VAL D 306 9.98 8.18 28.44
N ALA D 307 9.95 9.52 28.32
CA ALA D 307 11.18 10.30 28.48
C ALA D 307 11.75 10.18 29.88
N MET D 308 10.87 10.18 30.89
CA MET D 308 11.29 9.97 32.28
C MET D 308 11.87 8.57 32.46
N GLU D 309 11.25 7.57 31.84
CA GLU D 309 11.71 6.20 31.99
C GLU D 309 13.09 6.01 31.35
N ILE D 310 13.34 6.68 30.23
CA ILE D 310 14.63 6.56 29.54
C ILE D 310 15.72 7.38 30.22
N HIS D 311 15.45 8.66 30.52
CA HIS D 311 16.49 9.59 30.98
C HIS D 311 16.45 9.98 32.46
N GLY D 312 15.48 9.50 33.25
CA GLY D 312 15.20 10.14 34.53
C GLY D 312 16.33 10.04 35.53
N ASP D 313 17.09 8.95 35.50
CA ASP D 313 18.23 8.83 36.41
C ASP D 313 19.47 9.57 35.89
N VAL D 314 19.76 9.47 34.59
CA VAL D 314 20.98 10.07 34.07
C VAL D 314 20.93 11.59 34.13
N ILE D 315 19.76 12.20 33.95
CA ILE D 315 19.70 13.66 34.03
C ILE D 315 19.76 14.17 35.48
N GLU D 316 19.21 13.40 36.44
CA GLU D 316 19.30 13.77 37.85
C GLU D 316 20.73 13.76 38.35
N LYS D 317 21.60 12.92 37.78
CA LYS D 317 22.97 12.85 38.29
C LYS D 317 23.97 13.78 37.56
N VAL D 318 23.52 14.71 36.71
CA VAL D 318 24.38 15.77 36.18
C VAL D 318 24.67 16.80 37.28
N PRO D 319 25.94 17.09 37.59
CA PRO D 319 26.23 18.02 38.68
C PRO D 319 25.57 19.39 38.53
N LEU D 320 25.48 19.90 37.30
CA LEU D 320 24.86 21.20 37.05
C LEU D 320 23.38 21.21 37.39
N PHE D 321 22.72 20.05 37.32
CA PHE D 321 21.29 19.93 37.60
C PHE D 321 20.98 19.39 38.99
N LYS D 322 22.00 19.05 39.79
CA LYS D 322 21.78 18.42 41.09
C LYS D 322 20.92 19.31 41.98
N GLY D 323 19.76 18.78 42.38
CA GLY D 323 18.85 19.50 43.24
C GLY D 323 17.92 20.48 42.55
N ALA D 324 17.99 20.62 41.23
CA ALA D 324 17.05 21.46 40.50
C ALA D 324 15.68 20.79 40.46
N GLY D 325 14.64 21.59 40.27
CA GLY D 325 13.28 21.11 40.43
C GLY D 325 12.84 20.17 39.32
N GLU D 326 11.91 19.27 39.67
CA GLU D 326 11.41 18.28 38.70
C GLU D 326 10.81 18.93 37.47
N GLU D 327 10.20 20.11 37.60
CA GLU D 327 9.61 20.80 36.46
C GLU D 327 10.68 21.14 35.42
N PHE D 328 11.85 21.58 35.89
CA PHE D 328 12.97 21.88 35.00
C PHE D 328 13.55 20.61 34.37
N ILE D 329 13.69 19.54 35.15
CA ILE D 329 14.19 18.27 34.60
C ILE D 329 13.24 17.77 33.51
N ARG D 330 11.94 17.94 33.72
CA ARG D 330 10.93 17.59 32.72
C ARG D 330 11.14 18.40 31.44
N ASP D 331 11.51 19.67 31.61
CA ASP D 331 11.76 20.49 30.42
C ASP D 331 13.04 20.05 29.70
N ILE D 332 14.06 19.58 30.43
CA ILE D 332 15.24 18.99 29.78
C ILE D 332 14.85 17.77 28.96
N ILE D 333 14.22 16.78 29.59
CA ILE D 333 14.08 15.47 28.95
C ILE D 333 13.15 15.52 27.73
N LEU D 334 12.21 16.47 27.70
CA LEU D 334 11.38 16.58 26.50
C LEU D 334 12.12 17.18 25.30
N HIS D 335 13.28 17.80 25.51
CA HIS D 335 14.06 18.44 24.45
C HIS D 335 15.38 17.74 24.14
N LEU D 336 15.64 16.60 24.77
CA LEU D 336 16.78 15.76 24.38
C LEU D 336 16.54 15.14 23.01
N GLU D 337 17.51 15.32 22.10
CA GLU D 337 17.41 14.80 20.74
C GLU D 337 18.26 13.54 20.61
N PRO D 338 17.69 12.43 20.13
CA PRO D 338 18.49 11.23 19.94
C PRO D 338 19.38 11.34 18.71
N VAL D 339 20.56 10.73 18.79
CA VAL D 339 21.43 10.60 17.61
C VAL D 339 22.26 9.33 17.77
N ILE D 340 22.47 8.61 16.65
CA ILE D 340 23.24 7.38 16.62
C ILE D 340 24.60 7.68 15.99
N TYR D 341 25.67 7.25 16.65
CA TYR D 341 27.03 7.34 16.13
C TYR D 341 27.55 5.95 15.77
N GLY D 342 28.11 5.84 14.57
CA GLY D 342 28.68 4.60 14.10
C GLY D 342 30.03 4.31 14.74
N PRO D 343 30.46 3.06 14.68
CA PRO D 343 31.73 2.69 15.31
C PRO D 343 32.91 3.47 14.73
N GLY D 344 33.69 4.08 15.62
CA GLY D 344 34.83 4.88 15.25
C GLY D 344 34.54 6.32 14.87
N GLU D 345 33.28 6.76 14.91
CA GLU D 345 32.93 8.12 14.52
C GLU D 345 33.16 9.11 15.65
N TYR D 346 33.56 10.33 15.28
CA TYR D 346 33.95 11.37 16.22
C TYR D 346 32.73 12.17 16.67
N ILE D 347 32.29 11.92 17.91
CA ILE D 347 31.21 12.70 18.50
C ILE D 347 31.71 14.11 18.79
N ILE D 348 32.92 14.22 19.35
CA ILE D 348 33.58 15.49 19.63
C ILE D 348 35.04 15.35 19.20
N ARG D 349 35.56 16.38 18.55
CA ARG D 349 37.00 16.52 18.30
C ARG D 349 37.59 17.37 19.42
N ALA D 350 38.69 18.08 19.19
CA ALA D 350 39.19 19.02 20.19
C ALA D 350 39.52 20.36 19.56
N GLY D 351 39.30 21.44 20.31
CA GLY D 351 39.60 22.77 19.83
C GLY D 351 38.52 23.43 19.00
N GLU D 352 37.52 22.68 18.54
CA GLU D 352 36.31 23.32 18.06
C GLU D 352 35.51 23.85 19.26
N MET D 353 34.77 24.94 19.02
CA MET D 353 34.08 25.62 20.10
C MET D 353 33.01 24.72 20.72
N GLY D 354 32.16 24.12 19.89
CA GLY D 354 31.15 23.20 20.38
C GLY D 354 29.99 23.86 21.10
N SER D 355 28.87 23.14 21.22
CA SER D 355 27.69 23.68 21.90
C SER D 355 26.81 22.66 22.62
N ASP D 356 27.23 21.38 22.74
CA ASP D 356 26.28 20.31 23.07
C ASP D 356 26.80 19.45 24.22
N VAL D 357 25.87 18.91 25.02
CA VAL D 357 26.13 17.88 26.02
C VAL D 357 25.47 16.57 25.56
N TYR D 358 26.13 15.44 25.84
CA TYR D 358 25.70 14.14 25.33
C TYR D 358 25.49 13.13 26.45
N PHE D 359 24.51 12.25 26.27
CA PHE D 359 24.09 11.26 27.26
C PHE D 359 24.08 9.87 26.62
N ILE D 360 25.03 9.00 27.01
CA ILE D 360 25.08 7.64 26.47
C ILE D 360 23.85 6.88 26.92
N ASN D 361 23.19 6.21 25.99
CA ASN D 361 22.02 5.42 26.36
C ASN D 361 22.18 3.93 26.08
N ARG D 362 22.82 3.52 24.98
CA ARG D 362 23.08 2.08 24.77
C ARG D 362 24.49 1.80 24.24
N GLY D 363 25.25 2.78 23.77
CA GLY D 363 26.56 2.52 23.20
C GLY D 363 27.64 2.50 24.26
N SER D 364 28.88 2.60 23.79
CA SER D 364 30.01 2.96 24.64
C SER D 364 30.95 3.85 23.84
N VAL D 365 31.76 4.61 24.57
CA VAL D 365 32.50 5.74 24.03
C VAL D 365 33.89 5.78 24.66
N GLU D 366 34.88 6.22 23.88
CA GLU D 366 36.21 6.49 24.40
C GLU D 366 36.48 8.00 24.34
N VAL D 367 36.97 8.54 25.46
CA VAL D 367 37.40 9.93 25.58
C VAL D 367 38.92 9.97 25.51
N LEU D 368 39.46 10.89 24.71
CA LEU D 368 40.82 10.79 24.20
C LEU D 368 41.48 12.16 24.17
N SER D 369 42.80 12.17 24.36
CA SER D 369 43.59 13.39 24.25
C SER D 369 43.45 14.03 22.86
N ALA D 370 43.84 15.31 22.78
CA ALA D 370 43.62 16.08 21.55
C ALA D 370 44.40 15.52 20.37
N ASP D 371 45.52 14.84 20.65
CA ASP D 371 46.32 14.14 19.65
C ASP D 371 45.84 12.73 19.37
N GLU D 372 44.77 12.29 20.03
CA GLU D 372 44.16 10.96 19.96
C GLU D 372 45.08 9.83 20.41
N LYS D 373 46.23 10.14 21.04
CA LYS D 373 47.18 9.09 21.41
C LYS D 373 46.88 8.41 22.75
N THR D 374 46.18 9.08 23.68
CA THR D 374 45.99 8.55 25.02
C THR D 374 44.52 8.61 25.44
N ARG D 375 44.06 7.57 26.15
CA ARG D 375 42.68 7.44 26.60
C ARG D 375 42.49 7.97 28.02
N TYR D 376 41.54 8.89 28.18
CA TYR D 376 41.16 9.39 29.50
C TYR D 376 40.07 8.55 30.15
N ALA D 377 39.09 8.05 29.38
CA ALA D 377 37.97 7.31 29.94
C ALA D 377 37.31 6.43 28.88
N ILE D 378 36.67 5.37 29.37
CA ILE D 378 35.61 4.66 28.67
C ILE D 378 34.29 5.04 29.33
N LEU D 379 33.30 5.45 28.52
CA LEU D 379 31.98 5.81 29.02
C LEU D 379 30.94 4.84 28.46
N SER D 380 29.97 4.45 29.31
CA SER D 380 28.97 3.44 28.98
C SER D 380 27.57 3.95 29.29
N GLU D 381 26.55 3.06 29.26
CA GLU D 381 25.16 3.47 29.44
C GLU D 381 24.96 4.26 30.75
N GLY D 382 24.21 5.36 30.66
CA GLY D 382 23.93 6.16 31.83
C GLY D 382 25.05 7.08 32.26
N GLN D 383 25.94 7.46 31.35
CA GLN D 383 26.99 8.44 31.59
C GLN D 383 26.92 9.53 30.54
N PHE D 384 27.50 10.68 30.86
CA PHE D 384 27.36 11.91 30.07
C PHE D 384 28.72 12.59 29.91
N PHE D 385 28.83 13.44 28.88
CA PHE D 385 30.08 14.13 28.58
C PHE D 385 29.81 15.41 27.80
N GLY D 386 30.77 16.33 27.85
CA GLY D 386 30.64 17.64 27.23
C GLY D 386 29.78 18.62 27.98
N GLU D 387 29.43 18.32 29.23
CA GLU D 387 28.48 19.11 30.00
C GLU D 387 28.95 20.54 30.26
N MET D 388 30.26 20.81 30.14
CA MET D 388 30.76 22.18 30.24
C MET D 388 30.16 23.10 29.18
N ALA D 389 29.68 22.55 28.06
CA ALA D 389 29.09 23.36 27.00
C ALA D 389 27.83 24.07 27.45
N LEU D 390 27.17 23.57 28.50
CA LEU D 390 26.03 24.28 29.07
C LEU D 390 26.47 25.54 29.81
N ILE D 391 27.56 25.46 30.59
CA ILE D 391 27.95 26.60 31.41
C ILE D 391 28.77 27.63 30.62
N LEU D 392 29.51 27.22 29.59
CA LEU D 392 30.37 28.14 28.85
C LEU D 392 30.62 27.63 27.43
N ARG D 393 30.39 28.50 26.44
CA ARG D 393 30.62 28.17 25.02
C ARG D 393 32.10 28.38 24.67
N ALA D 394 32.93 27.45 25.14
CA ALA D 394 34.38 27.53 24.97
C ALA D 394 34.94 26.22 24.42
N PRO D 395 36.10 26.29 23.74
CA PRO D 395 36.61 25.13 22.99
C PRO D 395 36.76 23.84 23.79
N ARG D 396 36.53 22.72 23.11
CA ARG D 396 36.53 21.39 23.68
C ARG D 396 37.93 20.94 24.10
N THR D 397 38.02 20.26 25.25
CA THR D 397 39.30 19.87 25.84
C THR D 397 39.76 18.46 25.44
N ALA D 398 38.85 17.58 25.01
CA ALA D 398 39.19 16.19 24.72
C ALA D 398 38.35 15.67 23.55
N THR D 399 38.96 14.86 22.67
CA THR D 399 38.21 14.20 21.61
C THR D 399 37.41 13.02 22.17
N VAL D 400 36.34 12.64 21.46
CA VAL D 400 35.39 11.63 21.91
C VAL D 400 34.90 10.82 20.71
N ARG D 401 35.01 9.49 20.78
CA ARG D 401 34.69 8.63 19.64
C ARG D 401 33.86 7.42 20.06
N ALA D 402 32.79 7.15 19.33
CA ALA D 402 31.98 5.96 19.58
C ALA D 402 32.78 4.69 19.37
N ARG D 403 32.65 3.73 20.27
CA ARG D 403 33.36 2.47 20.05
C ARG D 403 32.55 1.54 19.15
N ALA D 404 31.51 0.91 19.71
CA ALA D 404 30.57 0.16 18.88
C ALA D 404 29.57 1.14 18.27
N PHE D 405 28.55 0.64 17.58
CA PHE D 405 27.39 1.49 17.32
C PHE D 405 26.84 2.00 18.64
N CYS D 406 26.49 3.28 18.66
CA CYS D 406 26.35 4.02 19.91
C CYS D 406 25.14 4.93 19.82
N ASP D 407 24.05 4.60 20.51
CA ASP D 407 22.96 5.56 20.60
C ASP D 407 22.99 6.29 21.93
N LEU D 408 22.74 7.60 21.83
CA LEU D 408 22.99 8.61 22.84
C LEU D 408 22.09 9.81 22.53
N TYR D 409 21.96 10.69 23.50
CA TYR D 409 21.10 11.86 23.40
C TYR D 409 21.91 13.15 23.49
N ARG D 410 21.35 14.19 22.90
CA ARG D 410 22.02 15.46 22.67
C ARG D 410 21.15 16.61 23.16
N LEU D 411 21.77 17.54 23.87
CA LEU D 411 21.17 18.79 24.29
C LEU D 411 22.15 19.90 23.98
N ASP D 412 21.66 21.05 23.48
CA ASP D 412 22.53 22.12 23.05
C ASP D 412 22.26 23.43 23.76
N LYS D 413 23.30 24.29 23.78
CA LYS D 413 23.24 25.53 24.54
C LYS D 413 22.08 26.40 24.10
N GLU D 414 21.68 26.32 22.83
CA GLU D 414 20.50 27.05 22.38
C GLU D 414 19.21 26.50 23.02
N THR D 415 18.97 25.18 22.92
CA THR D 415 17.75 24.61 23.52
C THR D 415 17.77 24.77 25.04
N PHE D 416 18.97 24.67 25.63
CA PHE D 416 19.14 24.83 27.06
C PHE D 416 18.81 26.26 27.50
N ASP D 417 19.39 27.26 26.83
CA ASP D 417 19.04 28.66 27.15
C ASP D 417 17.55 28.91 27.00
N ARG D 418 16.93 28.36 25.94
CA ARG D 418 15.50 28.54 25.80
C ARG D 418 14.79 28.11 27.08
N ILE D 419 15.11 26.92 27.59
CA ILE D 419 14.31 26.47 28.73
C ILE D 419 14.71 27.23 30.00
N LEU D 420 15.98 27.60 30.16
CA LEU D 420 16.37 28.37 31.34
C LEU D 420 15.74 29.76 31.37
N SER D 421 15.28 30.27 30.22
CA SER D 421 14.56 31.53 30.20
C SER D 421 13.30 31.49 31.07
N ARG D 422 12.81 30.29 31.42
CA ARG D 422 11.62 30.15 32.24
C ARG D 422 11.92 29.50 33.60
N TYR D 423 13.17 29.55 34.06
CA TYR D 423 13.53 29.12 35.42
C TYR D 423 14.64 29.99 35.98
N PRO D 424 14.43 31.33 36.11
CA PRO D 424 15.51 32.24 36.53
C PRO D 424 16.28 31.81 37.78
N GLU D 425 15.56 31.11 38.67
CA GLU D 425 16.14 30.64 39.93
C GLU D 425 17.29 29.66 39.73
N ILE D 426 17.33 28.96 38.60
CA ILE D 426 18.46 28.09 38.26
C ILE D 426 19.38 28.80 37.26
N ALA D 427 18.81 29.66 36.43
CA ALA D 427 19.60 30.40 35.45
C ALA D 427 20.67 31.23 36.13
N ALA D 428 20.35 31.82 37.29
CA ALA D 428 21.34 32.58 38.05
C ALA D 428 22.49 31.70 38.52
N GLN D 429 22.19 30.47 38.96
CA GLN D 429 23.23 29.55 39.41
C GLN D 429 24.19 29.20 38.28
N ILE D 430 23.61 28.91 37.10
CA ILE D 430 24.43 28.62 35.93
C ILE D 430 25.28 29.84 35.55
N GLN D 431 24.67 31.03 35.59
CA GLN D 431 25.38 32.26 35.23
C GLN D 431 26.56 32.54 36.15
N GLU D 432 26.39 32.34 37.46
CA GLU D 432 27.46 32.64 38.40
C GLU D 432 28.51 31.54 38.50
N LEU D 433 28.26 30.34 37.95
CA LEU D 433 29.26 29.28 38.02
C LEU D 433 30.50 29.54 37.14
N ALA D 434 30.38 30.36 36.10
CA ALA D 434 31.52 30.65 35.20
C ALA D 434 32.59 31.48 35.89
C11 6OU E . 11.02 -20.43 -8.50
C12 6OU E . 11.30 -19.28 -9.44
C13 6OU E . 11.97 -18.10 -8.77
C14 6OU E . 12.23 -16.92 -9.70
C15 6OU E . 12.87 -15.76 -9.00
C16 6OU E . 13.02 -14.55 -9.88
O17 6OU E . 13.67 -14.51 -10.89
O18 6OU E . 12.33 -13.52 -9.41
C19 6OU E . 12.32 -12.32 -10.22
C20 6OU E . 11.40 -11.32 -9.58
C21 6OU E . 11.96 -10.65 -8.35
O22 6OU E . 13.38 -10.41 -8.51
P23 6OU E . 14.12 -9.37 -7.52
O24 6OU E . 13.15 -9.06 -6.42
O25 6OU E . 15.49 -9.90 -7.20
O26 6OU E . 14.30 -8.07 -8.45
C27 6OU E . 13.20 -7.65 -9.30
C28 6OU E . 13.62 -6.53 -10.21
N29 6OU E . 12.59 -6.25 -11.23
O30 6OU E . 10.18 -12.01 -9.18
C31 6OU E . 9.31 -12.39 -10.13
O32 6OU E . 9.34 -11.99 -11.27
C33 6OU E . 8.28 -13.32 -9.56
C34 6OU E . 8.39 -14.70 -10.14
C35 6OU E . 7.67 -15.73 -9.28
C36 6OU E . 7.57 -17.10 -9.90
C37 6OU E . 7.45 -18.21 -8.88
C38 6OU E . 6.41 -19.28 -9.23
C39 6OU E . 6.32 -20.38 -8.23
C40 6OU E . 5.35 -21.45 -8.62
C41 6OU E . 5.10 -22.54 -7.96
C42 6OU E . 4.14 -23.60 -8.39
C43 6OU E . 3.01 -23.81 -7.44
C44 6OU E . 2.00 -24.83 -7.92
C45 6OU E . 0.78 -24.95 -7.04
C46 6OU E . 1.08 -25.45 -5.67
C47 6OU E . -0.13 -25.62 -4.79
C11 6OU F . -0.40 -39.40 5.66
C12 6OU F . -0.81 -40.73 5.07
C13 6OU F . -2.25 -41.11 5.35
C14 6OU F . -2.67 -42.44 4.76
C15 6OU F . -1.92 -43.61 5.34
C16 6OU F . -2.42 -44.94 4.83
O17 6OU F . -2.47 -45.26 3.68
O18 6OU F . -2.82 -45.72 5.82
C19 6OU F . -1.83 -46.58 6.43
C20 6OU F . -1.24 -47.51 5.39
O30 6OU F . 0.20 -47.24 5.42
C31 6OU F . 1.01 -47.83 4.55
O32 6OU F . 0.64 -48.70 3.79
C33 6OU F . 2.42 -47.30 4.58
C34 6OU F . 2.75 -46.45 5.79
C35 6OU F . 1.95 -45.15 5.90
C36 6OU F . 2.66 -43.90 5.46
C37 6OU F . 2.79 -43.70 3.98
C38 6OU F . 3.45 -42.38 3.61
C39 6OU F . 3.08 -41.27 4.54
C40 6OU F . 3.49 -39.91 4.07
C41 6OU F . 3.27 -38.82 4.74
C42 6OU F . 3.41 -37.45 4.17
C43 6OU F . 4.33 -36.51 4.86
C44 6OU F . 4.33 -35.14 4.23
C45 6OU F . 5.32 -34.17 4.82
C46 6OU F . 5.60 -32.96 3.96
C47 6OU F . 6.54 -31.97 4.60
C48 6OU F . 7.10 -30.95 3.62
C06 6OU G . -6.99 -34.79 8.29
C07 6OU G . -8.24 -33.95 8.19
C08 6OU G . -9.45 -34.56 8.85
C09 6OU G . -9.91 -35.86 8.24
C10 6OU G . -11.10 -36.49 8.93
C11 6OU G . -11.67 -37.70 8.25
C12 6OU G . -12.87 -38.28 8.94
C13 6OU G . -13.58 -39.37 8.19
C14 6OU G . -12.70 -40.56 7.82
C15 6OU G . -13.48 -41.70 7.21
C16 6OU G . -12.62 -42.75 6.57
O17 6OU G . -11.41 -42.73 6.59
O18 6OU G . -13.33 -43.77 6.10
C19 6OU G . -14.57 -44.04 6.77
C20 6OU G . -15.64 -44.49 5.80
C21 6OU G . -15.21 -45.58 4.85
O22 6OU G . -14.22 -46.42 5.51
P23 6OU G . -13.68 -47.73 4.78
O24 6OU G . -13.01 -47.34 3.49
O25 6OU G . -14.78 -48.76 4.78
O26 6OU G . -12.52 -48.21 5.80
C27 6OU G . -11.62 -49.27 5.41
C28 6OU G . -10.57 -49.41 6.48
N29 6OU G . -11.17 -49.62 7.80
O30 6OU G . -16.05 -43.26 5.15
C31 6OU G . -17.36 -42.95 5.17
O32 6OU G . -18.21 -43.78 5.38
C33 6OU G . -17.60 -41.51 4.88
C34 6OU G . -18.28 -40.82 6.02
C35 6OU G . -18.25 -39.30 5.87
C36 6OU G . -16.86 -38.75 5.75
C37 6OU G . -16.79 -37.27 5.48
C38 6OU G . -15.36 -36.73 5.55
C39 6OU G . -15.22 -35.28 5.21
C40 6OU G . -13.83 -34.77 5.47
C41 6OU G . -13.41 -33.57 5.21
C42 6OU G . -12.05 -33.04 5.52
C43 6OU G . -12.09 -31.78 6.34
C01 6OU H . 13.70 -33.16 -9.80
C02 6OU H . 13.71 -34.53 -9.17
C03 6OU H . 13.91 -35.65 -10.17
C04 6OU H . 14.03 -37.01 -9.52
C05 6OU H . 14.22 -38.15 -10.49
C06 6OU H . 14.32 -39.50 -9.83
C07 6OU H . 14.30 -40.67 -10.79
C08 6OU H . 14.20 -42.01 -10.11
C09 6OU H . 13.97 -43.16 -11.06
C10 6OU H . 13.89 -44.50 -10.38
C11 6OU H . 13.89 -45.68 -11.32
C12 6OU H . 14.26 -46.99 -10.68
C13 6OU H . 13.12 -47.71 -9.98
C14 6OU H . 12.14 -48.37 -10.94
C15 6OU H . 11.36 -49.47 -10.29
C19 6OU I . 11.42 -51.07 -5.56
C20 6OU I . 12.56 -50.16 -5.16
C21 6OU I . 13.26 -50.62 -3.90
O22 6OU I . 14.10 -51.77 -4.19
O30 6OU I . 12.01 -48.81 -5.04
C31 6OU I . 12.83 -47.75 -5.14
O32 6OU I . 14.03 -47.85 -5.24
C33 6OU I . 12.11 -46.43 -5.17
C34 6OU I . 11.30 -46.23 -6.40
C35 6OU I . 10.64 -44.88 -6.44
C36 6OU I . 11.62 -43.77 -6.22
C37 6OU I . 11.11 -42.43 -6.63
C38 6OU I . 11.91 -41.26 -6.04
C39 6OU I . 11.49 -39.94 -6.58
C40 6OU I . 11.85 -38.79 -5.69
C41 6OU I . 11.46 -37.57 -5.95
C42 6OU I . 11.67 -36.37 -5.11
C43 6OU I . 11.01 -35.15 -5.67
C44 6OU I . 10.99 -33.96 -4.73
C45 6OU I . 10.34 -32.72 -5.32
C11 6OU J . -4.34 -8.38 -22.84
C12 6OU J . -5.40 -7.39 -22.46
C13 6OU J . -4.87 -6.03 -22.07
C14 6OU J . -5.94 -5.02 -21.66
C15 6OU J . -5.36 -3.70 -21.27
C16 6OU J . -6.40 -2.73 -20.74
O17 6OU J . -7.34 -2.33 -21.36
O18 6OU J . -6.15 -2.39 -19.48
C19 6OU J . -7.13 -1.56 -18.83
C20 6OU J . -6.73 -1.38 -17.39
C21 6OU J . -5.56 -0.45 -17.17
O22 6OU J . -5.64 0.67 -18.09
P23 6OU J . -4.76 1.98 -17.81
O24 6OU J . -3.80 1.64 -16.70
O25 6OU J . -4.24 2.51 -19.12
O26 6OU J . -5.85 3.02 -17.25
C27 6OU J . -6.85 2.56 -16.30
C28 6OU J . -7.87 3.62 -16.03
N29 6OU J . -9.00 3.10 -15.26
O30 6OU J . -6.35 -2.69 -16.86
C31 6OU J . -7.30 -3.60 -16.62
O32 6OU J . -8.48 -3.34 -16.57
C33 6OU J . -6.69 -4.95 -16.37
C34 6OU J . -7.04 -5.94 -17.43
C35 6OU J . -6.11 -7.13 -17.43
C36 6OU J . -6.52 -8.26 -18.35
C37 6OU J . -5.37 -9.11 -18.81
C38 6OU J . -5.64 -10.62 -18.79
C39 6OU J . -4.50 -11.44 -19.27
C40 6OU J . -4.80 -12.91 -19.30
C41 6OU J . -4.01 -13.86 -19.73
C42 6OU J . -4.38 -15.31 -19.77
C43 6OU J . -3.51 -16.17 -18.90
C44 6OU J . -3.90 -17.62 -18.89
C45 6OU J . -3.14 -18.47 -17.92
C46 6OU J . -1.68 -18.57 -18.24
C47 6OU J . -0.90 -19.45 -17.31
C11 6OU K . 11.42 -29.36 -24.33
C12 6OU K . 11.00 -30.66 -24.97
C13 6OU K . 11.21 -31.88 -24.11
C14 6OU K . 10.79 -33.19 -24.76
C15 6OU K . 11.60 -33.52 -25.98
C16 6OU K . 11.26 -34.87 -26.55
O17 6OU K . 10.17 -35.20 -26.91
O18 6OU K . 12.32 -35.68 -26.60
C19 6OU K . 13.13 -35.63 -27.80
C20 6OU K . 12.30 -35.98 -29.01
O30 6OU K . 12.42 -34.83 -29.89
C31 6OU K . 11.71 -34.78 -31.03
O32 6OU K . 11.06 -35.70 -31.44
C33 6OU K . 11.79 -33.43 -31.72
C34 6OU K . 12.89 -32.52 -31.21
C35 6OU K . 12.73 -32.08 -29.76
C36 6OU K . 12.18 -30.69 -29.55
C37 6OU K . 10.70 -30.55 -29.76
C38 6OU K . 10.20 -29.14 -29.46
C39 6OU K . 10.91 -28.50 -28.31
C40 6OU K . 10.28 -27.24 -27.81
C41 6OU K . 10.76 -26.54 -26.83
C42 6OU K . 9.99 -25.46 -26.13
C43 6OU K . 10.63 -24.11 -26.10
C44 6OU K . 9.79 -23.11 -25.32
C45 6OU K . 10.32 -21.70 -25.32
C46 6OU K . 9.32 -20.66 -24.89
C47 6OU K . 9.88 -19.25 -24.84
C48 6OU K . 8.82 -18.19 -24.76
C06 6OU L . 12.75 -30.14 -16.00
C07 6OU L . 12.41 -30.36 -14.55
C08 6OU L . 13.04 -31.58 -13.94
C09 6OU L . 12.60 -32.89 -14.55
C10 6OU L . 13.28 -34.10 -13.95
C11 6OU L . 12.73 -35.43 -14.43
C12 6OU L . 13.40 -36.61 -13.79
C13 6OU L . 12.74 -37.95 -14.10
C14 6OU L . 12.65 -38.27 -15.59
C15 6OU L . 12.14 -39.67 -15.83
C16 6OU L . 11.74 -39.91 -17.27
O17 6OU L . 11.87 -39.10 -18.15
O18 6OU L . 11.37 -41.17 -17.49
C19 6OU L . 11.97 -42.17 -16.63
C20 6OU L . 10.98 -43.26 -16.29
C21 6OU L . 10.24 -43.83 -17.47
O22 6OU L . 11.11 -43.77 -18.63
P23 6OU L . 10.63 -44.43 -20.01
O24 6OU L . 9.36 -43.76 -20.47
O25 6OU L . 10.68 -45.92 -19.86
O26 6OU L . 11.81 -43.96 -21.00
C27 6OU L . 11.67 -44.18 -22.44
C28 6OU L . 12.83 -43.52 -23.13
N29 6OU L . 14.11 -44.01 -22.59
O30 6OU L . 10.12 -42.65 -15.28
C31 6OU L . 9.98 -43.28 -14.12
O32 6OU L . 10.24 -44.45 -13.98
C33 6OU L . 9.46 -42.39 -13.05
C34 6OU L . 10.41 -42.25 -11.90
C35 6OU L . 10.05 -41.12 -10.97
C36 6OU L . 9.97 -39.78 -11.66
C37 6OU L . 9.49 -38.65 -10.80
C38 6OU L . 9.60 -37.30 -11.50
C39 6OU L . 9.06 -36.14 -10.73
C40 6OU L . 9.36 -34.83 -11.37
C41 6OU L . 8.97 -33.66 -10.95
C42 6OU L . 9.31 -32.34 -11.57
C43 6OU L . 9.93 -31.39 -10.59
C01 6OU M . -3.50 -16.18 -33.30
C02 6OU M . -2.68 -17.18 -34.10
C03 6OU M . -3.47 -17.93 -35.14
C04 6OU M . -2.62 -18.83 -36.00
C05 6OU M . -3.39 -19.61 -37.03
C06 6OU M . -2.53 -20.51 -37.89
C07 6OU M . -3.30 -21.44 -38.78
C08 6OU M . -2.45 -22.48 -39.47
C09 6OU M . -3.23 -23.54 -40.20
C10 6OU M . -2.36 -24.57 -40.90
C11 6OU M . -3.12 -25.48 -41.82
C12 6OU M . -2.26 -26.19 -42.83
C13 6OU M . -1.57 -27.44 -42.34
C14 6OU M . -2.50 -28.64 -42.20
C15 6OU M . -1.77 -29.95 -42.22
C19 6OU N . 3.14 -30.85 -42.53
C20 6OU N . 3.50 -29.39 -42.72
C21 6OU N . 4.87 -29.20 -43.33
O22 6OU N . 4.83 -29.52 -44.75
O30 6OU N . 3.37 -28.74 -41.42
C31 6OU N . 3.18 -27.41 -41.36
O32 6OU N . 3.20 -26.70 -42.31
C33 6OU N . 2.90 -26.90 -39.96
C34 6OU N . 1.58 -27.37 -39.44
C35 6OU N . 1.27 -26.79 -38.08
C36 6OU N . 1.42 -25.30 -38.05
C37 6OU N . 0.78 -24.65 -36.86
C38 6OU N . 1.25 -23.23 -36.61
C39 6OU N . 0.49 -22.55 -35.53
C40 6OU N . 1.22 -21.41 -34.90
C41 6OU N . 0.75 -20.77 -33.87
C42 6OU N . 1.42 -19.68 -33.09
C43 6OU N . 0.62 -19.24 -31.91
C44 6OU N . 1.37 -18.31 -30.97
C45 6OU N . 0.54 -17.86 -29.78
C11 6OU O . -21.63 -10.35 -5.97
C12 6OU O . -21.50 -10.29 -4.48
C13 6OU O . -21.28 -8.90 -3.93
C14 6OU O . -21.11 -8.85 -2.42
C15 6OU O . -20.88 -7.45 -1.92
C16 6OU O . -20.59 -7.40 -0.44
O17 6OU O . -21.34 -7.75 0.42
O18 6OU O . -19.38 -6.90 -0.19
C19 6OU O . -18.95 -6.90 1.18
C20 6OU O . -17.51 -6.44 1.24
C21 6OU O . -17.34 -4.95 1.00
O22 6OU O . -18.43 -4.21 1.63
P23 6OU O . -18.26 -2.63 1.88
O24 6OU O . -17.03 -2.20 1.13
O25 6OU O . -19.58 -1.96 1.62
O26 6OU O . -17.95 -2.55 3.46
C27 6OU O . -17.04 -3.51 4.06
C28 6OU O . -17.04 -3.38 5.55
N29 6OU O . -16.29 -4.48 6.18
O30 6OU O . -16.77 -7.12 0.19
C31 6OU O . -16.49 -8.42 0.35
O32 6OU O . -16.58 -9.01 1.39
C33 6OU O . -15.99 -9.01 -0.94
C34 6OU O . -16.91 -10.04 -1.50
C35 6OU O . -16.66 -10.31 -2.97
C36 6OU O . -17.42 -11.47 -3.53
C37 6OU O . -17.64 -11.37 -5.03
C38 6OU O . -17.43 -12.66 -5.80
C39 6OU O . -17.69 -12.56 -7.26
C40 6OU O . -17.52 -13.86 -7.99
C41 6OU O . -17.73 -14.06 -9.26
C42 6OU O . -17.59 -15.38 -9.94
C43 6OU O . -16.53 -15.40 -11.00
C44 6OU O . -16.34 -16.76 -11.64
C45 6OU O . -15.18 -16.83 -12.61
C46 6OU O . -15.35 -15.94 -13.81
C47 6OU O . -14.23 -16.03 -14.81
C11 6OU P . -18.58 -15.64 -31.54
C12 6OU P . -19.07 -16.91 -32.18
C13 6OU P . -18.01 -17.64 -32.98
C14 6OU P . -18.49 -18.93 -33.64
C15 6OU P . -19.57 -18.70 -34.65
C16 6OU P . -19.96 -19.97 -35.37
O17 6OU P . -20.37 -20.96 -34.82
O18 6OU P . -19.80 -19.88 -36.69
C19 6OU P . -20.91 -19.36 -37.45
C20 6OU P . -22.13 -20.24 -37.26
O30 6OU P . -23.16 -19.35 -36.74
C31 6OU P . -24.34 -19.84 -36.37
O32 6OU P . -24.67 -20.98 -36.57
C33 6OU P . -25.22 -18.82 -35.68
C34 6OU P . -24.76 -17.38 -35.82
C35 6OU P . -23.41 -17.09 -35.17
C36 6OU P . -23.46 -16.40 -33.83
C37 6OU P . -23.82 -17.29 -32.68
C38 6OU P . -23.78 -16.55 -31.34
C39 6OU P . -22.68 -15.54 -31.27
C40 6OU P . -22.43 -15.00 -29.90
C41 6OU P . -21.52 -14.10 -29.64
C42 6OU P . -21.07 -13.76 -28.25
C43 6OU P . -21.18 -12.33 -27.84
C44 6OU P . -20.62 -12.10 -26.44
C45 6OU P . -20.80 -10.70 -25.93
C46 6OU P . -20.61 -10.56 -24.44
C47 6OU P . -20.72 -9.15 -23.93
C48 6OU P . -20.89 -9.04 -22.44
C06 6OU Q . -10.15 -14.89 -31.67
C07 6OU Q . -8.71 -15.21 -31.32
C08 6OU Q . -7.87 -15.67 -32.48
C09 6OU Q . -8.31 -16.97 -33.10
C10 6OU Q . -7.49 -17.39 -34.28
C11 6OU Q . -7.81 -18.77 -34.81
C12 6OU Q . -6.94 -19.18 -35.98
C13 6OU Q . -7.11 -20.62 -36.40
C14 6OU Q . -8.53 -21.01 -36.79
C15 6OU Q . -8.62 -22.39 -37.37
C16 6OU Q . -10.03 -22.92 -37.46
O17 6OU Q . -11.01 -22.27 -37.18
O18 6OU Q . -10.09 -24.12 -38.04
C19 6OU Q . -9.04 -24.43 -38.99
C20 6OU Q . -8.62 -25.87 -38.90
C21 6OU Q . -9.77 -26.86 -38.93
O22 6OU Q . -10.85 -26.30 -39.71
P23 6OU Q . -12.15 -27.17 -40.02
O24 6OU Q . -12.82 -27.54 -38.72
O25 6OU Q . -11.78 -28.25 -41.01
O26 6OU Q . -13.10 -26.10 -40.75
C27 6OU Q . -14.48 -26.43 -41.03
C28 6OU Q . -15.16 -25.21 -41.58
N29 6OU Q . -14.46 -24.69 -42.75
O30 6OU Q . -7.80 -25.93 -37.70
C31 6OU Q . -6.58 -26.45 -37.82
O32 6OU Q . -6.25 -27.15 -38.75
C33 6OU Q . -5.70 -26.06 -36.67
C34 6OU Q . -4.51 -25.26 -37.11
C35 6OU Q . -3.79 -24.61 -35.94
C36 6OU Q . -4.68 -23.70 -35.13
C37 6OU Q . -4.04 -23.13 -33.90
C38 6OU Q . -4.92 -22.09 -33.22
C39 6OU Q . -4.38 -21.54 -31.94
C40 6OU Q . -5.19 -20.39 -31.43
C41 6OU Q . -4.99 -19.76 -30.30
C42 6OU Q . -5.75 -18.58 -29.80
C43 6OU Q . -4.87 -17.41 -29.48
C01 6OU R . -30.70 -16.18 -13.41
C02 6OU R . -31.26 -16.41 -14.79
C03 6OU R . -32.24 -17.55 -14.87
C04 6OU R . -32.88 -17.70 -16.22
C05 6OU R . -33.85 -18.85 -16.32
C06 6OU R . -34.47 -19.00 -17.69
C07 6OU R . -35.28 -20.26 -17.88
C08 6OU R . -35.73 -20.49 -19.29
C09 6OU R . -36.37 -21.85 -19.52
C10 6OU R . -36.82 -22.08 -20.95
C11 6OU R . -37.66 -23.32 -21.14
C12 6OU R . -38.47 -23.32 -22.40
C13 6OU R . -37.75 -23.77 -23.64
C14 6OU R . -37.50 -25.28 -23.70
C15 6OU R . -37.27 -25.77 -25.10
C19 6OU S . -37.01 -23.20 -29.38
C20 6OU S . -37.37 -21.88 -28.73
C21 6OU S . -37.88 -20.87 -29.73
O22 6OU S . -39.24 -21.20 -30.13
O30 6OU S . -36.20 -21.41 -28.00
C31 6OU S . -36.35 -20.54 -26.98
O32 6OU S . -37.41 -20.05 -26.70
C33 6OU S . -35.08 -20.28 -26.22
C34 6OU S . -34.61 -21.47 -25.45
C35 6OU S . -33.39 -21.17 -24.63
C36 6OU S . -33.57 -19.96 -23.76
C37 6OU S . -32.56 -19.84 -22.66
C38 6OU S . -32.47 -18.46 -22.06
C39 6OU S . -31.58 -18.40 -20.87
C40 6OU S . -31.07 -17.02 -20.57
C41 6OU S . -30.19 -16.81 -19.63
C42 6OU S . -29.53 -15.50 -19.29
C43 6OU S . -28.50 -15.64 -18.22
C44 6OU S . -27.65 -14.40 -18.02
C45 6OU S . -26.62 -14.54 -16.91
C01 6OU T . -13.51 -33.15 10.09
C02 6OU T . -14.89 -33.78 10.13
C03 6OU T . -14.87 -35.29 10.11
C04 6OU T . -16.25 -35.90 10.25
C05 6OU T . -16.27 -37.41 10.22
C06 6OU T . -17.65 -38.00 10.36
C07 6OU T . -17.71 -39.48 10.11
C08 6OU T . -19.11 -40.03 10.06
C09 6OU T . -19.19 -41.47 9.61
C10 6OU T . -20.60 -42.02 9.57
C11 6OU T . -20.67 -43.52 9.35
C12 6OU T . -21.99 -44.13 9.75
C13 6OU T . -23.08 -44.04 8.70
C14 6OU T . -22.90 -45.01 7.55
C15 6OU T . -24.18 -45.29 6.83
C19 6OU U . -28.76 -43.43 7.58
C20 6OU U . -28.34 -42.66 8.82
C21 6OU U . -29.53 -42.30 9.69
O22 6OU U . -30.00 -43.47 10.41
O30 6OU U . -27.58 -41.49 8.37
C31 6OU U . -26.73 -40.88 9.22
O32 6OU U . -26.61 -41.20 10.37
C33 6OU U . -25.91 -39.81 8.58
C34 6OU U . -24.94 -40.34 7.58
C35 6OU U . -24.05 -39.26 7.00
C36 6OU U . -23.40 -38.44 8.07
C37 6OU U . -22.25 -37.63 7.56
C38 6OU U . -21.85 -36.49 8.51
C39 6OU U . -20.61 -35.79 8.08
C40 6OU U . -20.47 -34.41 8.64
C41 6OU U . -19.51 -33.62 8.28
C42 6OU U . -19.31 -32.20 8.69
C43 6OU U . -18.14 -31.56 8.02
C44 6OU U . -18.05 -30.06 8.22
C45 6OU U . -16.85 -29.42 7.55
C11 6OU V . -6.26 -22.40 8.36
C12 6OU V . -4.78 -22.18 8.55
C13 6OU V . -4.42 -20.98 9.37
C14 6OU V . -2.93 -20.74 9.53
C15 6OU V . -2.62 -19.52 10.35
C16 6OU V . -1.16 -19.20 10.41
O17 6OU V . -0.31 -19.93 10.89
O18 6OU V . -0.88 -18.02 9.88
C19 6OU V . 0.51 -17.66 9.79
C20 6OU V . 0.62 -16.36 9.03
C21 6OU V . 0.20 -15.15 9.83
O22 6OU V . 0.60 -15.28 11.22
P23 6OU V . 0.63 -13.98 12.16
O24 6OU V . -0.07 -12.88 11.40
O25 6OU V . 0.15 -14.37 13.54
O26 6OU V . 2.19 -13.63 12.25
C27 6OU V . 3.01 -13.70 11.05
C28 6OU V . 4.46 -13.53 11.37
N29 6OU V . 5.31 -13.82 10.21
O30 6OU V . -0.24 -16.44 7.87
C31 6OU V . 0.14 -17.21 6.83
O32 6OU V . 1.24 -17.65 6.70
C33 6OU V . -1.00 -17.38 5.87
C34 6OU V . -1.48 -18.80 5.79
C35 6OU V . -2.86 -18.90 5.19
C36 6OU V . -3.32 -20.31 4.91
C37 6OU V . -4.82 -20.45 4.89
C38 6OU V . -5.36 -21.32 3.76
C39 6OU V . -6.84 -21.49 3.78
C40 6OU V . -7.35 -22.39 2.70
C41 6OU V . -8.59 -22.74 2.51
C42 6OU V . -9.06 -23.67 1.44
C43 6OU V . -10.01 -23.04 0.46
C44 6OU V . -10.42 -23.96 -0.67
C45 6OU V . -11.25 -23.30 -1.74
C46 6OU V . -12.58 -22.81 -1.23
C47 6OU V . -13.45 -22.19 -2.29
C11 6OU W . -30.38 -25.67 -1.56
C12 6OU W . -30.86 -26.98 -2.14
C13 6OU W . -31.45 -26.87 -3.52
C14 6OU W . -31.94 -28.18 -4.11
C15 6OU W . -33.07 -28.79 -3.33
C16 6OU W . -33.62 -30.03 -3.98
O17 6OU W . -32.98 -31.01 -4.24
O18 6OU W . -34.91 -29.92 -4.26
C19 6OU W . -35.85 -30.32 -3.22
C20 6OU W . -35.63 -31.77 -2.86
O30 6OU W . -35.36 -31.76 -1.43
C31 6OU W . -35.02 -32.90 -0.81
O32 6OU W . -35.07 -33.97 -1.33
C33 6OU W . -34.57 -32.68 0.62
C34 6OU W . -34.88 -31.31 1.19
C35 6OU W . -34.17 -30.15 0.49
C36 6OU W . -32.95 -29.62 1.19
C37 6OU W . -31.71 -30.44 1.07
C38 6OU W . -30.50 -29.80 1.74
C39 6OU W . -30.48 -28.31 1.59
C40 6OU W . -29.19 -27.66 1.98
C41 6OU W . -28.99 -26.37 1.93
C42 6OU W . -27.63 -25.75 2.05
C43 6OU W . -27.45 -24.74 3.12
C44 6OU W . -26.07 -24.12 3.09
C45 6OU W . -25.78 -23.16 4.22
C46 6OU W . -24.31 -22.86 4.41
C47 6OU W . -24.03 -21.84 5.49
C48 6OU W . -22.60 -21.81 5.94
C06 6OU X . -29.86 -19.54 -7.37
C07 6OU X . -29.34 -18.79 -8.58
C08 6OU X . -30.34 -18.64 -9.69
C09 6OU X . -30.79 -19.94 -10.31
C10 6OU X . -31.82 -19.77 -11.39
C11 6OU X . -32.18 -21.04 -12.13
C12 6OU X . -33.19 -20.83 -13.24
C13 6OU X . -33.41 -22.04 -14.12
C14 6OU X . -33.85 -23.30 -13.38
C15 6OU X . -34.22 -24.42 -14.31
C16 6OU X . -34.36 -25.75 -13.62
O17 6OU X . -34.26 -25.91 -12.43
O18 6OU X . -34.76 -26.72 -14.45
C19 6OU X . -35.55 -26.30 -15.58
C20 6OU X . -35.21 -27.10 -16.81
C21 6OU X . -35.19 -28.60 -16.61
O22 6OU X . -36.15 -28.94 -15.58
P23 6OU X . -36.44 -30.48 -15.22
O24 6OU X . -35.16 -31.13 -14.76
O25 6OU X . -37.21 -31.08 -16.36
O26 6OU X . -37.41 -30.34 -13.94
C27 6OU X . -37.74 -31.51 -13.17
C28 6OU X . -38.53 -31.08 -11.97
N29 6OU X . -39.71 -30.30 -12.35
O30 6OU X . -33.95 -26.54 -17.27
C31 6OU X . -33.88 -26.11 -18.53
O32 6OU X . -34.66 -26.46 -19.38
C33 6OU X . -32.73 -25.18 -18.74
C34 6OU X . -33.17 -23.81 -19.18
C35 6OU X . -32.06 -22.80 -19.10
C36 6OU X . -31.48 -22.67 -17.72
C37 6OU X . -30.30 -21.75 -17.61
C38 6OU X . -29.86 -21.51 -16.17
C39 6OU X . -28.63 -20.68 -16.00
C40 6OU X . -28.36 -20.33 -14.58
C41 6OU X . -27.34 -19.67 -14.13
C42 6OU X . -27.09 -19.27 -12.71
C43 6OU X . -26.88 -17.79 -12.55
#